data_2MQG
#
_entry.id   2MQG
#
_entity_poly.entity_id   1
_entity_poly.type   'polypeptide(L)'
_entity_poly.pdbx_seq_one_letter_code
;ENIDITVSAATLSSISISPINTNINTTVSKQFFAVGTYSDGTKADLTSSVTWSSSNQSQAKVSNASETKGLVTGIASGNP
TIIATYGSVSGNTILTVNKTDT
;
_entity_poly.pdbx_strand_id   A
#
# COMPACT_ATOMS: atom_id res chain seq x y z
N GLU A 1 -25.14 1.43 5.94
CA GLU A 1 -25.82 0.92 7.12
C GLU A 1 -24.84 0.76 8.29
N ASN A 2 -23.66 0.24 7.99
CA ASN A 2 -22.64 0.04 9.01
C ASN A 2 -21.73 1.26 9.12
N ILE A 3 -21.22 1.51 10.33
CA ILE A 3 -20.34 2.65 10.57
C ILE A 3 -19.66 2.54 11.93
N ASP A 4 -18.45 3.08 12.03
CA ASP A 4 -17.70 3.05 13.28
C ASP A 4 -17.45 1.61 13.72
N ILE A 5 -16.26 1.11 13.41
CA ILE A 5 -15.89 -0.26 13.77
C ILE A 5 -14.84 -0.26 14.88
N THR A 6 -15.30 -0.20 16.12
CA THR A 6 -14.39 -0.20 17.27
C THR A 6 -13.59 -1.48 17.33
N VAL A 7 -12.38 -1.41 17.89
CA VAL A 7 -11.51 -2.57 18.01
C VAL A 7 -11.19 -2.85 19.47
N SER A 8 -10.38 -3.89 19.71
CA SER A 8 -9.99 -4.27 21.06
C SER A 8 -8.56 -3.84 21.35
N ALA A 9 -7.60 -4.50 20.70
CA ALA A 9 -6.20 -4.18 20.90
C ALA A 9 -5.35 -4.72 19.75
N ALA A 10 -4.59 -3.85 19.12
CA ALA A 10 -3.73 -4.23 18.00
C ALA A 10 -2.84 -5.41 18.38
N THR A 11 -3.09 -6.56 17.74
CA THR A 11 -2.31 -7.76 18.01
C THR A 11 -1.76 -8.36 16.72
N LEU A 12 -1.08 -7.53 15.93
CA LEU A 12 -0.50 -7.99 14.67
C LEU A 12 0.56 -9.05 14.91
N SER A 13 0.33 -10.24 14.36
CA SER A 13 1.27 -11.35 14.52
C SER A 13 1.94 -11.68 13.18
N SER A 14 1.14 -11.76 12.13
CA SER A 14 1.65 -12.07 10.79
C SER A 14 0.87 -11.33 9.73
N ILE A 15 1.54 -11.00 8.63
CA ILE A 15 0.91 -10.29 7.53
C ILE A 15 1.42 -10.79 6.18
N SER A 16 0.57 -10.74 5.17
CA SER A 16 0.93 -11.19 3.83
C SER A 16 0.68 -10.09 2.80
N ILE A 17 1.68 -9.82 1.97
CA ILE A 17 1.58 -8.80 0.95
C ILE A 17 1.85 -9.38 -0.44
N SER A 18 1.11 -8.90 -1.44
CA SER A 18 1.28 -9.36 -2.80
C SER A 18 1.36 -8.19 -3.77
N PRO A 19 2.52 -7.51 -3.78
CA PRO A 19 2.76 -6.36 -4.66
C PRO A 19 2.88 -6.76 -6.12
N ILE A 20 2.87 -5.77 -7.01
CA ILE A 20 2.98 -6.03 -8.43
C ILE A 20 3.95 -5.04 -9.10
N ASN A 21 4.78 -5.55 -9.99
CA ASN A 21 5.75 -4.72 -10.70
C ASN A 21 5.20 -4.26 -12.04
N THR A 22 4.71 -3.02 -12.08
CA THR A 22 4.15 -2.46 -13.29
C THR A 22 4.73 -1.08 -13.58
N ASN A 23 4.65 -0.65 -14.84
CA ASN A 23 5.17 0.65 -15.24
C ASN A 23 4.02 1.64 -15.48
N ILE A 24 4.21 2.88 -15.01
CA ILE A 24 3.21 3.92 -15.17
C ILE A 24 3.75 5.09 -15.97
N ASN A 25 2.94 5.59 -16.90
CA ASN A 25 3.34 6.73 -17.72
C ASN A 25 2.12 7.55 -18.14
N THR A 26 2.29 8.88 -18.12
CA THR A 26 1.20 9.78 -18.49
C THR A 26 0.04 9.68 -17.51
N THR A 27 0.35 9.79 -16.22
CA THR A 27 -0.68 9.71 -15.19
C THR A 27 -1.31 8.32 -15.15
N VAL A 28 -0.81 7.46 -14.28
CA VAL A 28 -1.33 6.10 -14.14
C VAL A 28 -1.16 5.59 -12.72
N SER A 29 -2.20 4.92 -12.21
CA SER A 29 -2.16 4.37 -10.86
C SER A 29 -2.07 2.84 -10.89
N LYS A 30 -1.29 2.30 -9.97
CA LYS A 30 -1.12 0.85 -9.88
C LYS A 30 -1.90 0.27 -8.71
N GLN A 31 -2.67 -0.78 -8.98
CA GLN A 31 -3.48 -1.42 -7.95
C GLN A 31 -2.75 -2.62 -7.36
N PHE A 32 -2.53 -2.58 -6.04
CA PHE A 32 -1.84 -3.66 -5.35
C PHE A 32 -2.78 -4.37 -4.38
N PHE A 33 -2.31 -5.49 -3.81
CA PHE A 33 -3.10 -6.25 -2.87
C PHE A 33 -2.38 -6.37 -1.53
N ALA A 34 -3.14 -6.25 -0.44
CA ALA A 34 -2.57 -6.34 0.90
C ALA A 34 -3.53 -7.07 1.84
N VAL A 35 -3.02 -8.10 2.51
CA VAL A 35 -3.83 -8.88 3.45
C VAL A 35 -3.12 -9.03 4.78
N GLY A 36 -3.89 -8.92 5.87
CA GLY A 36 -3.33 -9.04 7.20
C GLY A 36 -4.06 -10.05 8.04
N THR A 37 -3.31 -10.82 8.84
CA THR A 37 -3.90 -11.84 9.70
C THR A 37 -3.70 -11.49 11.17
N TYR A 38 -4.80 -11.45 11.92
CA TYR A 38 -4.75 -11.13 13.33
C TYR A 38 -4.23 -12.31 14.15
N SER A 39 -3.51 -12.01 15.23
CA SER A 39 -2.96 -13.04 16.09
C SER A 39 -4.06 -13.87 16.73
N ASP A 40 -5.29 -13.34 16.69
CA ASP A 40 -6.44 -14.03 17.27
C ASP A 40 -6.80 -15.27 16.46
N GLY A 41 -6.18 -15.38 15.28
CA GLY A 41 -6.46 -16.53 14.43
C GLY A 41 -7.48 -16.22 13.35
N THR A 42 -7.42 -15.00 12.81
CA THR A 42 -8.35 -14.57 11.77
C THR A 42 -7.61 -13.93 10.61
N LYS A 43 -8.33 -13.71 9.51
CA LYS A 43 -7.74 -13.09 8.32
C LYS A 43 -8.66 -12.03 7.74
N ALA A 44 -8.12 -10.86 7.46
CA ALA A 44 -8.89 -9.76 6.89
C ALA A 44 -8.03 -8.90 5.98
N ASP A 45 -8.65 -8.35 4.94
CA ASP A 45 -7.94 -7.50 3.98
C ASP A 45 -7.97 -6.04 4.44
N LEU A 46 -6.87 -5.58 5.01
CA LEU A 46 -6.77 -4.21 5.49
C LEU A 46 -5.56 -3.50 4.88
N THR A 47 -5.80 -2.37 4.22
CA THR A 47 -4.73 -1.61 3.61
C THR A 47 -4.50 -0.28 4.33
N SER A 48 -5.39 0.02 5.27
CA SER A 48 -5.29 1.26 6.03
C SER A 48 -4.25 1.14 7.15
N SER A 49 -4.04 -0.09 7.60
CA SER A 49 -3.08 -0.35 8.67
C SER A 49 -1.65 -0.31 8.13
N VAL A 50 -1.43 -0.94 6.99
CA VAL A 50 -0.11 -0.97 6.36
C VAL A 50 0.39 0.44 6.07
N THR A 51 1.61 0.73 6.48
CA THR A 51 2.21 2.04 6.26
C THR A 51 3.04 2.06 4.97
N TRP A 52 2.78 3.05 4.13
CA TRP A 52 3.50 3.19 2.87
C TRP A 52 4.49 4.34 2.93
N SER A 53 5.74 4.07 2.55
CA SER A 53 6.78 5.10 2.56
C SER A 53 7.74 4.91 1.39
N SER A 54 7.83 5.93 0.53
CA SER A 54 8.71 5.86 -0.63
C SER A 54 9.72 7.01 -0.59
N SER A 55 10.86 6.79 -1.25
CA SER A 55 11.93 7.79 -1.29
C SER A 55 11.37 9.14 -1.74
N ASN A 56 11.04 9.24 -3.03
CA ASN A 56 10.51 10.48 -3.58
C ASN A 56 9.14 10.79 -2.99
N GLN A 57 9.06 11.83 -2.18
CA GLN A 57 7.81 12.23 -1.55
C GLN A 57 6.85 12.81 -2.59
N SER A 58 7.37 13.07 -3.79
CA SER A 58 6.55 13.63 -4.85
C SER A 58 5.68 12.56 -5.50
N GLN A 59 6.29 11.40 -5.77
CA GLN A 59 5.58 10.29 -6.39
C GLN A 59 5.11 9.28 -5.33
N ALA A 60 5.44 9.56 -4.08
CA ALA A 60 5.06 8.69 -2.97
C ALA A 60 3.61 8.94 -2.55
N LYS A 61 2.68 8.55 -3.41
CA LYS A 61 1.25 8.72 -3.13
C LYS A 61 0.54 7.38 -3.09
N VAL A 62 -0.39 7.24 -2.14
CA VAL A 62 -1.15 6.00 -2.00
C VAL A 62 -2.61 6.29 -1.71
N SER A 63 -3.49 5.44 -2.24
CA SER A 63 -4.93 5.60 -2.04
C SER A 63 -5.46 4.58 -1.04
N ASN A 64 -4.59 4.13 -0.15
CA ASN A 64 -4.97 3.14 0.86
C ASN A 64 -5.89 3.76 1.92
N ALA A 65 -7.17 3.42 1.85
CA ALA A 65 -8.15 3.93 2.81
C ALA A 65 -9.53 3.35 2.53
N SER A 66 -9.84 3.14 1.26
CA SER A 66 -11.13 2.59 0.87
C SER A 66 -11.42 1.29 1.61
N GLU A 67 -10.45 0.39 1.62
CA GLU A 67 -10.60 -0.89 2.29
C GLU A 67 -9.33 -1.73 2.16
N THR A 68 -9.14 -2.32 0.98
CA THR A 68 -7.98 -3.15 0.72
C THR A 68 -7.30 -2.75 -0.59
N LYS A 69 -7.49 -1.51 -1.00
CA LYS A 69 -6.91 -1.00 -2.23
C LYS A 69 -5.38 -1.04 -2.17
N GLY A 70 -4.79 -0.02 -1.57
CA GLY A 70 -3.34 0.04 -1.45
C GLY A 70 -2.68 0.60 -2.69
N LEU A 71 -3.48 0.85 -3.72
CA LEU A 71 -2.95 1.40 -4.98
C LEU A 71 -2.09 2.63 -4.72
N VAL A 72 -1.23 2.96 -5.67
CA VAL A 72 -0.36 4.12 -5.55
C VAL A 72 -0.27 4.88 -6.87
N THR A 73 0.15 6.13 -6.80
CA THR A 73 0.28 6.98 -7.98
C THR A 73 1.63 7.69 -8.01
N GLY A 74 2.13 7.97 -9.20
CA GLY A 74 3.40 8.65 -9.33
C GLY A 74 3.27 10.00 -10.02
N ILE A 75 4.11 10.94 -9.62
CA ILE A 75 4.09 12.28 -10.21
C ILE A 75 5.38 12.58 -10.97
N ALA A 76 6.51 12.23 -10.37
CA ALA A 76 7.81 12.44 -10.98
C ALA A 76 8.38 11.15 -11.54
N SER A 77 9.51 11.25 -12.24
CA SER A 77 10.16 10.08 -12.82
C SER A 77 11.15 9.46 -11.84
N GLY A 78 11.81 8.40 -12.28
CA GLY A 78 12.78 7.73 -11.42
C GLY A 78 12.29 6.38 -10.95
N ASN A 79 13.05 5.75 -10.05
CA ASN A 79 12.69 4.44 -9.52
C ASN A 79 12.37 4.53 -8.03
N PRO A 80 11.20 5.09 -7.71
CA PRO A 80 10.74 5.25 -6.33
C PRO A 80 10.40 3.91 -5.68
N THR A 81 11.23 3.47 -4.75
CA THR A 81 11.01 2.21 -4.05
C THR A 81 9.90 2.34 -3.02
N ILE A 82 8.89 1.48 -3.13
CA ILE A 82 7.77 1.50 -2.19
C ILE A 82 8.01 0.55 -1.01
N ILE A 83 8.23 1.12 0.16
CA ILE A 83 8.48 0.33 1.36
C ILE A 83 7.22 0.24 2.23
N ALA A 84 6.80 -0.98 2.54
CA ALA A 84 5.62 -1.19 3.36
C ALA A 84 6.00 -1.73 4.73
N THR A 85 5.44 -1.12 5.78
CA THR A 85 5.72 -1.54 7.15
C THR A 85 4.45 -1.84 7.91
N TYR A 86 4.34 -3.05 8.44
CA TYR A 86 3.17 -3.46 9.19
C TYR A 86 3.52 -4.56 10.20
N GLY A 87 3.61 -4.17 11.47
CA GLY A 87 3.93 -5.13 12.51
C GLY A 87 5.33 -5.71 12.34
N SER A 88 5.42 -7.04 12.38
CA SER A 88 6.71 -7.71 12.24
C SER A 88 6.96 -8.10 10.79
N VAL A 89 6.04 -7.72 9.91
CA VAL A 89 6.17 -8.04 8.49
C VAL A 89 6.18 -6.76 7.65
N SER A 90 6.93 -6.79 6.56
CA SER A 90 7.04 -5.64 5.66
C SER A 90 6.98 -6.08 4.20
N GLY A 91 6.56 -5.17 3.33
CA GLY A 91 6.48 -5.48 1.92
C GLY A 91 7.30 -4.54 1.06
N ASN A 92 7.32 -4.78 -0.24
CA ASN A 92 8.07 -3.95 -1.17
C ASN A 92 7.44 -3.97 -2.56
N THR A 93 7.33 -2.78 -3.16
CA THR A 93 6.74 -2.67 -4.49
C THR A 93 7.55 -1.73 -5.37
N ILE A 94 7.77 -2.12 -6.62
CA ILE A 94 8.53 -1.32 -7.56
C ILE A 94 7.62 -0.68 -8.60
N LEU A 95 7.80 0.62 -8.81
CA LEU A 95 6.99 1.36 -9.78
C LEU A 95 7.88 2.12 -10.76
N THR A 96 7.58 2.00 -12.05
CA THR A 96 8.35 2.68 -13.09
C THR A 96 7.66 3.96 -13.54
N VAL A 97 8.24 5.10 -13.20
CA VAL A 97 7.67 6.39 -13.56
C VAL A 97 8.59 7.13 -14.54
N ASN A 98 8.02 7.57 -15.65
CA ASN A 98 8.80 8.29 -16.67
C ASN A 98 8.11 9.62 -17.02
N LYS A 99 8.04 10.52 -16.06
CA LYS A 99 7.41 11.82 -16.28
C LYS A 99 8.22 12.66 -17.27
N THR A 100 7.70 12.77 -18.49
CA THR A 100 8.37 13.54 -19.53
C THR A 100 7.92 15.00 -19.50
N ASP A 101 6.64 15.22 -19.23
CA ASP A 101 6.08 16.57 -19.17
C ASP A 101 6.33 17.19 -17.81
N THR A 102 6.37 18.53 -17.77
CA THR A 102 6.59 19.25 -16.53
C THR A 102 5.53 18.91 -15.49
N GLU A 1 -15.77 -0.70 4.22
CA GLU A 1 -16.32 0.62 3.94
C GLU A 1 -16.21 1.53 5.16
N ASN A 2 -16.55 2.81 4.97
CA ASN A 2 -16.49 3.78 6.06
C ASN A 2 -15.06 3.95 6.56
N ILE A 3 -14.90 4.73 7.62
CA ILE A 3 -13.59 4.96 8.21
C ILE A 3 -13.57 4.62 9.70
N ASP A 4 -12.47 4.05 10.16
CA ASP A 4 -12.33 3.68 11.56
C ASP A 4 -13.40 2.67 11.97
N ILE A 5 -13.13 1.39 11.71
CA ILE A 5 -14.08 0.34 12.05
C ILE A 5 -13.38 -0.80 12.78
N THR A 6 -13.16 -0.62 14.07
CA THR A 6 -12.51 -1.63 14.90
C THR A 6 -13.08 -1.65 16.31
N VAL A 7 -13.78 -2.72 16.66
CA VAL A 7 -14.37 -2.87 17.97
C VAL A 7 -13.71 -3.99 18.76
N SER A 8 -12.42 -4.20 18.52
CA SER A 8 -11.67 -5.25 19.20
C SER A 8 -10.19 -4.90 19.28
N ALA A 9 -9.47 -5.59 20.15
CA ALA A 9 -8.04 -5.34 20.33
C ALA A 9 -7.23 -6.09 19.27
N ALA A 10 -7.59 -7.35 19.03
CA ALA A 10 -6.89 -8.17 18.05
C ALA A 10 -5.40 -8.26 18.36
N THR A 11 -4.67 -8.99 17.53
CA THR A 11 -3.23 -9.17 17.73
C THR A 11 -2.52 -9.34 16.40
N LEU A 12 -1.43 -8.60 16.22
CA LEU A 12 -0.65 -8.66 14.99
C LEU A 12 0.52 -9.64 15.12
N SER A 13 0.51 -10.68 14.30
CA SER A 13 1.57 -11.69 14.35
C SER A 13 2.41 -11.64 13.07
N SER A 14 1.74 -11.57 11.93
CA SER A 14 2.42 -11.52 10.64
C SER A 14 1.56 -10.81 9.60
N ILE A 15 2.17 -10.50 8.45
CA ILE A 15 1.46 -9.83 7.38
C ILE A 15 1.94 -10.30 6.02
N SER A 16 1.01 -10.38 5.06
CA SER A 16 1.34 -10.83 3.71
C SER A 16 1.06 -9.73 2.69
N ILE A 17 1.96 -9.58 1.73
CA ILE A 17 1.80 -8.58 0.68
C ILE A 17 1.93 -9.20 -0.70
N SER A 18 1.14 -8.70 -1.65
CA SER A 18 1.16 -9.21 -3.02
C SER A 18 1.30 -8.06 -4.01
N PRO A 19 2.52 -7.49 -4.11
CA PRO A 19 2.81 -6.39 -5.02
C PRO A 19 2.78 -6.83 -6.48
N ILE A 20 2.80 -5.85 -7.38
CA ILE A 20 2.77 -6.13 -8.82
C ILE A 20 3.77 -5.25 -9.56
N ASN A 21 4.55 -5.86 -10.44
CA ASN A 21 5.54 -5.13 -11.23
C ASN A 21 4.90 -4.51 -12.47
N THR A 22 4.53 -3.23 -12.36
CA THR A 22 3.91 -2.52 -13.46
C THR A 22 4.58 -1.17 -13.69
N ASN A 23 4.42 -0.63 -14.89
CA ASN A 23 5.01 0.66 -15.24
C ASN A 23 3.92 1.70 -15.49
N ILE A 24 4.15 2.92 -15.00
CA ILE A 24 3.20 4.01 -15.17
C ILE A 24 3.78 5.12 -16.03
N ASN A 25 2.93 5.74 -16.84
CA ASN A 25 3.37 6.82 -17.71
C ASN A 25 2.32 7.94 -17.76
N THR A 26 2.78 9.18 -17.85
CA THR A 26 1.90 10.33 -17.90
C THR A 26 1.24 10.58 -16.55
N THR A 27 0.34 9.69 -16.15
CA THR A 27 -0.36 9.82 -14.88
C THR A 27 -1.35 8.68 -14.68
N VAL A 28 -0.93 7.67 -13.93
CA VAL A 28 -1.78 6.52 -13.65
C VAL A 28 -1.56 6.00 -12.23
N SER A 29 -2.57 5.32 -11.70
CA SER A 29 -2.48 4.76 -10.35
C SER A 29 -2.28 3.25 -10.40
N LYS A 30 -1.36 2.76 -9.57
CA LYS A 30 -1.07 1.33 -9.51
C LYS A 30 -1.81 0.66 -8.35
N GLN A 31 -2.71 -0.25 -8.68
CA GLN A 31 -3.48 -0.96 -7.67
C GLN A 31 -2.70 -2.16 -7.13
N PHE A 32 -2.37 -2.12 -5.85
CA PHE A 32 -1.63 -3.21 -5.21
C PHE A 32 -2.53 -3.99 -4.25
N PHE A 33 -2.01 -5.11 -3.74
CA PHE A 33 -2.76 -5.94 -2.82
C PHE A 33 -2.07 -6.01 -1.45
N ALA A 34 -2.86 -5.95 -0.39
CA ALA A 34 -2.33 -6.01 0.96
C ALA A 34 -3.23 -6.82 1.88
N VAL A 35 -2.66 -7.83 2.52
CA VAL A 35 -3.41 -8.69 3.43
C VAL A 35 -2.72 -8.81 4.79
N GLY A 36 -3.51 -8.78 5.85
CA GLY A 36 -2.95 -8.89 7.19
C GLY A 36 -3.60 -9.99 8.00
N THR A 37 -2.79 -10.80 8.68
CA THR A 37 -3.30 -11.89 9.49
C THR A 37 -3.01 -11.65 10.97
N TYR A 38 -4.03 -11.86 11.80
CA TYR A 38 -3.89 -11.66 13.24
C TYR A 38 -3.54 -12.97 13.94
N SER A 39 -2.76 -12.87 15.01
CA SER A 39 -2.35 -14.05 15.76
C SER A 39 -3.54 -14.69 16.46
N ASP A 40 -4.67 -13.98 16.46
CA ASP A 40 -5.88 -14.49 17.09
C ASP A 40 -6.44 -15.67 16.32
N GLY A 41 -5.91 -15.91 15.12
CA GLY A 41 -6.37 -17.01 14.30
C GLY A 41 -7.32 -16.55 13.20
N THR A 42 -7.17 -15.31 12.77
CA THR A 42 -8.02 -14.75 11.73
C THR A 42 -7.21 -14.07 10.64
N LYS A 43 -7.86 -13.72 9.54
CA LYS A 43 -7.19 -13.06 8.42
C LYS A 43 -8.13 -12.10 7.72
N ALA A 44 -7.66 -10.87 7.50
CA ALA A 44 -8.46 -9.86 6.83
C ALA A 44 -7.59 -8.94 5.96
N ASP A 45 -8.16 -8.47 4.87
CA ASP A 45 -7.44 -7.59 3.96
C ASP A 45 -7.60 -6.13 4.36
N LEU A 46 -6.58 -5.59 5.02
CA LEU A 46 -6.61 -4.20 5.47
C LEU A 46 -5.39 -3.44 4.96
N THR A 47 -5.63 -2.34 4.25
CA THR A 47 -4.57 -1.52 3.70
C THR A 47 -4.33 -0.29 4.56
N SER A 48 -5.39 0.25 5.14
CA SER A 48 -5.30 1.43 5.98
C SER A 48 -4.58 1.11 7.29
N SER A 49 -4.55 -0.17 7.65
CA SER A 49 -3.90 -0.60 8.87
C SER A 49 -2.38 -0.49 8.74
N VAL A 50 -1.86 -0.94 7.59
CA VAL A 50 -0.43 -0.89 7.34
C VAL A 50 0.01 0.49 6.86
N THR A 51 1.14 0.95 7.38
CA THR A 51 1.67 2.26 7.01
C THR A 51 2.37 2.20 5.66
N TRP A 52 1.94 3.06 4.73
CA TRP A 52 2.54 3.11 3.40
C TRP A 52 3.41 4.34 3.24
N SER A 53 4.67 4.13 2.86
CA SER A 53 5.61 5.22 2.67
C SER A 53 6.54 4.95 1.49
N SER A 54 6.72 5.95 0.64
CA SER A 54 7.57 5.82 -0.53
C SER A 54 8.68 6.87 -0.52
N SER A 55 9.78 6.55 -1.19
CA SER A 55 10.93 7.46 -1.24
C SER A 55 10.49 8.85 -1.67
N ASN A 56 10.20 9.00 -2.96
CA ASN A 56 9.76 10.29 -3.50
C ASN A 56 8.54 10.81 -2.75
N GLN A 57 8.71 11.94 -2.07
CA GLN A 57 7.61 12.54 -1.32
C GLN A 57 6.48 12.97 -2.24
N SER A 58 6.83 13.25 -3.50
CA SER A 58 5.83 13.67 -4.48
C SER A 58 5.06 12.47 -5.03
N GLN A 59 5.79 11.40 -5.35
CA GLN A 59 5.17 10.20 -5.88
C GLN A 59 4.67 9.30 -4.75
N ALA A 60 4.87 9.74 -3.51
CA ALA A 60 4.43 8.98 -2.36
C ALA A 60 2.95 9.20 -2.08
N LYS A 61 2.10 8.61 -2.91
CA LYS A 61 0.66 8.74 -2.77
C LYS A 61 0.01 7.38 -2.53
N VAL A 62 -0.94 7.33 -1.61
CA VAL A 62 -1.63 6.09 -1.29
C VAL A 62 -3.09 6.36 -0.94
N SER A 63 -3.98 5.47 -1.40
CA SER A 63 -5.40 5.61 -1.13
C SER A 63 -5.92 4.47 -0.27
N ASN A 64 -5.50 4.47 1.00
CA ASN A 64 -5.91 3.43 1.94
C ASN A 64 -7.06 3.92 2.82
N ALA A 65 -8.28 3.55 2.45
CA ALA A 65 -9.47 3.94 3.19
C ALA A 65 -10.66 3.06 2.84
N SER A 66 -10.81 2.76 1.55
CA SER A 66 -11.91 1.92 1.10
C SER A 66 -11.95 0.60 1.84
N GLU A 67 -10.80 -0.07 1.91
CA GLU A 67 -10.69 -1.34 2.60
C GLU A 67 -9.29 -1.94 2.45
N THR A 68 -9.03 -2.50 1.27
CA THR A 68 -7.73 -3.11 1.00
C THR A 68 -7.17 -2.61 -0.32
N LYS A 69 -7.59 -1.42 -0.74
CA LYS A 69 -7.13 -0.84 -2.00
C LYS A 69 -5.60 -0.85 -2.07
N GLY A 70 -4.98 0.14 -1.43
CA GLY A 70 -3.53 0.22 -1.44
C GLY A 70 -2.99 0.92 -2.67
N LEU A 71 -3.89 1.25 -3.60
CA LEU A 71 -3.50 1.91 -4.84
C LEU A 71 -2.61 3.12 -4.54
N VAL A 72 -1.61 3.35 -5.40
CA VAL A 72 -0.70 4.47 -5.22
C VAL A 72 -0.65 5.32 -6.48
N THR A 73 -0.20 6.57 -6.33
CA THR A 73 -0.09 7.49 -7.45
C THR A 73 1.25 8.18 -7.48
N GLY A 74 1.70 8.56 -8.67
CA GLY A 74 2.99 9.22 -8.81
C GLY A 74 2.88 10.56 -9.49
N ILE A 75 3.78 11.47 -9.16
CA ILE A 75 3.78 12.81 -9.74
C ILE A 75 4.88 12.96 -10.80
N ALA A 76 6.07 12.48 -10.46
CA ALA A 76 7.21 12.55 -11.36
C ALA A 76 7.82 11.18 -11.60
N SER A 77 8.79 11.11 -12.50
CA SER A 77 9.45 9.86 -12.82
C SER A 77 10.39 9.44 -11.70
N GLY A 78 10.87 8.19 -11.77
CA GLY A 78 11.78 7.69 -10.75
C GLY A 78 11.40 6.30 -10.27
N ASN A 79 11.85 5.94 -9.08
CA ASN A 79 11.56 4.63 -8.51
C ASN A 79 10.77 4.76 -7.21
N PRO A 80 9.52 5.25 -7.32
CA PRO A 80 8.63 5.43 -6.17
C PRO A 80 8.18 4.10 -5.57
N THR A 81 9.06 3.46 -4.81
CA THR A 81 8.74 2.18 -4.19
C THR A 81 7.83 2.37 -2.98
N ILE A 82 6.72 1.66 -2.97
CA ILE A 82 5.77 1.74 -1.87
C ILE A 82 6.04 0.68 -0.81
N ILE A 83 6.60 1.11 0.31
CA ILE A 83 6.91 0.21 1.41
C ILE A 83 5.78 0.15 2.43
N ALA A 84 5.50 -1.04 2.94
CA ALA A 84 4.45 -1.22 3.92
C ALA A 84 5.02 -1.71 5.25
N THR A 85 4.59 -1.08 6.35
CA THR A 85 5.05 -1.44 7.68
C THR A 85 3.88 -1.76 8.60
N TYR A 86 3.86 -2.98 9.13
CA TYR A 86 2.80 -3.41 10.02
C TYR A 86 3.28 -4.54 10.93
N GLY A 87 3.53 -4.21 12.19
CA GLY A 87 4.00 -5.20 13.14
C GLY A 87 5.44 -5.58 12.93
N SER A 88 5.70 -6.87 12.71
CA SER A 88 7.05 -7.36 12.50
C SER A 88 7.29 -7.72 11.03
N VAL A 89 6.25 -7.51 10.21
CA VAL A 89 6.34 -7.82 8.78
C VAL A 89 6.15 -6.55 7.95
N SER A 90 6.90 -6.47 6.84
CA SER A 90 6.82 -5.31 5.96
C SER A 90 6.88 -5.74 4.50
N GLY A 91 6.25 -4.96 3.63
CA GLY A 91 6.24 -5.28 2.21
C GLY A 91 6.84 -4.17 1.37
N ASN A 92 6.78 -4.33 0.05
CA ASN A 92 7.33 -3.33 -0.86
C ASN A 92 6.81 -3.56 -2.29
N THR A 93 6.47 -2.48 -2.97
CA THR A 93 5.97 -2.56 -4.33
C THR A 93 6.79 -1.69 -5.27
N ILE A 94 7.36 -2.31 -6.30
CA ILE A 94 8.18 -1.60 -7.27
C ILE A 94 7.30 -0.89 -8.30
N LEU A 95 7.61 0.37 -8.57
CA LEU A 95 6.86 1.16 -9.54
C LEU A 95 7.79 1.89 -10.49
N THR A 96 7.61 1.66 -11.79
CA THR A 96 8.44 2.29 -12.80
C THR A 96 7.69 3.43 -13.49
N VAL A 97 8.10 4.66 -13.21
CA VAL A 97 7.47 5.83 -13.80
C VAL A 97 8.44 6.60 -14.69
N ASN A 98 8.01 6.86 -15.92
CA ASN A 98 8.84 7.58 -16.88
C ASN A 98 8.13 8.83 -17.39
N LYS A 99 7.89 9.78 -16.51
CA LYS A 99 7.21 11.01 -16.88
C LYS A 99 8.08 11.84 -17.82
N THR A 100 7.79 11.74 -19.12
CA THR A 100 8.53 12.49 -20.13
C THR A 100 7.99 13.90 -20.28
N ASP A 101 6.67 14.03 -20.29
CA ASP A 101 6.02 15.32 -20.44
C ASP A 101 6.18 16.15 -19.16
N THR A 102 6.79 17.33 -19.31
CA THR A 102 7.00 18.21 -18.16
C THR A 102 7.94 17.58 -17.14
N GLU A 1 -6.85 9.91 3.14
CA GLU A 1 -6.71 10.74 4.33
C GLU A 1 -7.51 10.16 5.49
N ASN A 2 -8.62 9.50 5.16
CA ASN A 2 -9.48 8.90 6.18
C ASN A 2 -8.70 7.89 7.03
N ILE A 3 -9.00 7.86 8.32
CA ILE A 3 -8.34 6.94 9.23
C ILE A 3 -9.28 6.48 10.33
N ASP A 4 -9.08 5.26 10.81
CA ASP A 4 -9.91 4.69 11.86
C ASP A 4 -11.36 4.58 11.40
N ILE A 5 -11.70 3.45 10.79
CA ILE A 5 -13.06 3.22 10.31
C ILE A 5 -13.51 1.81 10.63
N THR A 6 -12.66 0.83 10.34
CA THR A 6 -12.99 -0.57 10.59
C THR A 6 -12.96 -0.87 12.09
N VAL A 7 -12.18 -0.09 12.84
CA VAL A 7 -12.07 -0.27 14.27
C VAL A 7 -11.51 -1.65 14.61
N SER A 8 -10.21 -1.81 14.44
CA SER A 8 -9.55 -3.08 14.73
C SER A 8 -8.03 -2.95 14.58
N ALA A 9 -7.30 -3.64 15.46
CA ALA A 9 -5.84 -3.61 15.44
C ALA A 9 -5.26 -4.53 16.49
N ALA A 10 -3.94 -4.46 16.66
CA ALA A 10 -3.26 -5.29 17.66
C ALA A 10 -3.44 -6.77 17.35
N THR A 11 -2.88 -7.62 18.20
CA THR A 11 -2.98 -9.07 18.03
C THR A 11 -2.38 -9.50 16.69
N LEU A 12 -1.46 -8.69 16.18
CA LEU A 12 -0.81 -9.00 14.91
C LEU A 12 0.44 -9.85 15.12
N SER A 13 0.47 -11.02 14.52
CA SER A 13 1.60 -11.93 14.64
C SER A 13 2.34 -12.05 13.32
N SER A 14 1.60 -12.23 12.24
CA SER A 14 2.19 -12.35 10.91
C SER A 14 1.32 -11.69 9.85
N ILE A 15 1.96 -11.17 8.81
CA ILE A 15 1.25 -10.50 7.73
C ILE A 15 1.60 -11.11 6.38
N SER A 16 0.69 -10.98 5.42
CA SER A 16 0.90 -11.51 4.08
C SER A 16 0.64 -10.44 3.02
N ILE A 17 1.70 -10.05 2.32
CA ILE A 17 1.59 -9.04 1.27
C ILE A 17 1.94 -9.62 -0.09
N SER A 18 1.21 -9.18 -1.12
CA SER A 18 1.45 -9.66 -2.48
C SER A 18 1.68 -8.48 -3.43
N PRO A 19 2.83 -7.81 -3.24
CA PRO A 19 3.20 -6.65 -4.07
C PRO A 19 3.56 -7.07 -5.51
N ILE A 20 3.45 -6.12 -6.43
CA ILE A 20 3.76 -6.39 -7.83
C ILE A 20 4.57 -5.25 -8.43
N ASN A 21 5.73 -5.58 -8.98
CA ASN A 21 6.61 -4.58 -9.60
C ASN A 21 6.23 -4.36 -11.06
N THR A 22 5.58 -3.23 -11.33
CA THR A 22 5.17 -2.89 -12.68
C THR A 22 5.57 -1.47 -13.05
N ASN A 23 5.65 -1.20 -14.34
CA ASN A 23 6.03 0.13 -14.83
C ASN A 23 4.85 0.84 -15.45
N ILE A 24 4.72 2.13 -15.15
CA ILE A 24 3.62 2.93 -15.69
C ILE A 24 4.09 4.33 -16.08
N ASN A 25 3.37 4.96 -17.00
CA ASN A 25 3.72 6.30 -17.45
C ASN A 25 2.48 7.15 -17.66
N THR A 26 2.66 8.47 -17.69
CA THR A 26 1.54 9.38 -17.87
C THR A 26 0.59 9.34 -16.68
N THR A 27 1.15 9.10 -15.50
CA THR A 27 0.35 9.05 -14.28
C THR A 27 -0.63 7.88 -14.32
N VAL A 28 -0.35 6.85 -13.54
CA VAL A 28 -1.21 5.67 -13.48
C VAL A 28 -1.28 5.10 -12.07
N SER A 29 -2.31 4.32 -11.79
CA SER A 29 -2.49 3.72 -10.48
C SER A 29 -2.10 2.24 -10.51
N LYS A 30 -1.32 1.83 -9.52
CA LYS A 30 -0.87 0.45 -9.42
C LYS A 30 -1.62 -0.30 -8.32
N GLN A 31 -2.32 -1.35 -8.70
CA GLN A 31 -3.09 -2.15 -7.75
C GLN A 31 -2.17 -3.11 -6.99
N PHE A 32 -2.35 -3.17 -5.67
CA PHE A 32 -1.55 -4.04 -4.82
C PHE A 32 -2.44 -4.86 -3.89
N PHE A 33 -1.86 -5.90 -3.29
CA PHE A 33 -2.59 -6.76 -2.36
C PHE A 33 -1.99 -6.69 -0.96
N ALA A 34 -2.87 -6.59 0.04
CA ALA A 34 -2.44 -6.52 1.42
C ALA A 34 -3.39 -7.27 2.34
N VAL A 35 -2.87 -8.29 3.03
CA VAL A 35 -3.68 -9.09 3.93
C VAL A 35 -3.02 -9.21 5.30
N GLY A 36 -3.82 -9.13 6.36
CA GLY A 36 -3.30 -9.22 7.70
C GLY A 36 -3.74 -10.50 8.40
N THR A 37 -2.82 -11.10 9.16
CA THR A 37 -3.11 -12.33 9.89
C THR A 37 -3.08 -12.11 11.39
N TYR A 38 -4.18 -12.45 12.06
CA TYR A 38 -4.28 -12.28 13.50
C TYR A 38 -3.76 -13.51 14.23
N SER A 39 -3.20 -13.31 15.42
CA SER A 39 -2.66 -14.40 16.21
C SER A 39 -3.75 -15.43 16.53
N ASP A 40 -5.00 -14.99 16.43
CA ASP A 40 -6.13 -15.87 16.71
C ASP A 40 -6.27 -16.95 15.63
N GLY A 41 -5.52 -16.78 14.54
CA GLY A 41 -5.56 -17.74 13.46
C GLY A 41 -6.55 -17.34 12.38
N THR A 42 -6.55 -16.06 12.03
CA THR A 42 -7.44 -15.54 11.00
C THR A 42 -6.69 -14.70 9.98
N LYS A 43 -7.35 -14.40 8.86
CA LYS A 43 -6.73 -13.59 7.81
C LYS A 43 -7.79 -12.76 7.09
N ALA A 44 -7.48 -11.48 6.87
CA ALA A 44 -8.40 -10.58 6.18
C ALA A 44 -7.65 -9.62 5.27
N ASP A 45 -8.07 -9.56 4.01
CA ASP A 45 -7.42 -8.69 3.04
C ASP A 45 -7.74 -7.23 3.33
N LEU A 46 -6.88 -6.59 4.12
CA LEU A 46 -7.07 -5.19 4.48
C LEU A 46 -5.83 -4.37 4.13
N THR A 47 -6.02 -3.32 3.34
CA THR A 47 -4.91 -2.45 2.94
C THR A 47 -5.05 -1.06 3.56
N SER A 48 -6.23 -0.77 4.09
CA SER A 48 -6.50 0.52 4.71
C SER A 48 -5.91 0.58 6.11
N SER A 49 -5.81 -0.59 6.75
CA SER A 49 -5.27 -0.68 8.10
C SER A 49 -3.76 -0.57 8.10
N VAL A 50 -3.12 -1.27 7.16
CA VAL A 50 -1.67 -1.25 7.04
C VAL A 50 -1.15 0.15 6.79
N THR A 51 0.11 0.39 7.13
CA THR A 51 0.72 1.70 6.95
C THR A 51 1.54 1.75 5.66
N TRP A 52 1.17 2.65 4.76
CA TRP A 52 1.87 2.80 3.49
C TRP A 52 2.74 4.04 3.49
N SER A 53 4.04 3.85 3.28
CA SER A 53 4.98 4.97 3.27
C SER A 53 5.91 4.87 2.06
N SER A 54 5.73 5.78 1.10
CA SER A 54 6.55 5.79 -0.10
C SER A 54 7.56 6.93 -0.06
N SER A 55 8.66 6.77 -0.79
CA SER A 55 9.70 7.78 -0.84
C SER A 55 9.11 9.16 -1.11
N ASN A 56 8.73 9.40 -2.36
CA ASN A 56 8.15 10.67 -2.75
C ASN A 56 6.89 10.97 -1.96
N GLN A 57 6.92 12.05 -1.18
CA GLN A 57 5.77 12.44 -0.36
C GLN A 57 4.56 12.71 -1.24
N SER A 58 4.80 13.18 -2.46
CA SER A 58 3.72 13.48 -3.40
C SER A 58 3.21 12.21 -4.06
N GLN A 59 4.13 11.34 -4.47
CA GLN A 59 3.77 10.09 -5.12
C GLN A 59 3.38 9.03 -4.09
N ALA A 60 3.44 9.40 -2.81
CA ALA A 60 3.10 8.48 -1.74
C ALA A 60 1.63 8.61 -1.36
N LYS A 61 0.75 8.26 -2.30
CA LYS A 61 -0.69 8.33 -2.06
C LYS A 61 -1.35 6.99 -2.37
N VAL A 62 -2.28 6.58 -1.52
CA VAL A 62 -3.00 5.33 -1.70
C VAL A 62 -4.48 5.49 -1.41
N SER A 63 -5.32 4.76 -2.15
CA SER A 63 -6.76 4.83 -1.97
C SER A 63 -7.24 3.72 -1.05
N ASN A 64 -6.34 3.22 -0.21
CA ASN A 64 -6.67 2.15 0.72
C ASN A 64 -7.75 2.61 1.70
N ALA A 65 -8.95 2.05 1.56
CA ALA A 65 -10.07 2.40 2.44
C ALA A 65 -11.31 1.57 2.10
N SER A 66 -11.49 1.28 0.82
CA SER A 66 -12.64 0.51 0.36
C SER A 66 -12.66 -0.87 1.03
N GLU A 67 -11.51 -1.54 1.01
CA GLU A 67 -11.39 -2.87 1.61
C GLU A 67 -9.99 -3.43 1.41
N THR A 68 -9.69 -3.88 0.20
CA THR A 68 -8.39 -4.45 -0.11
C THR A 68 -7.81 -3.82 -1.37
N LYS A 69 -8.23 -2.60 -1.68
CA LYS A 69 -7.76 -1.89 -2.86
C LYS A 69 -6.23 -1.84 -2.89
N GLY A 70 -5.66 -0.89 -2.16
CA GLY A 70 -4.21 -0.76 -2.11
C GLY A 70 -3.66 0.04 -3.28
N LEU A 71 -4.54 0.37 -4.22
CA LEU A 71 -4.14 1.14 -5.40
C LEU A 71 -3.35 2.38 -5.00
N VAL A 72 -2.17 2.55 -5.60
CA VAL A 72 -1.32 3.69 -5.30
C VAL A 72 -1.21 4.62 -6.51
N THR A 73 -1.24 5.92 -6.26
CA THR A 73 -1.14 6.91 -7.33
C THR A 73 0.11 7.78 -7.15
N GLY A 74 0.64 8.25 -8.28
CA GLY A 74 1.83 9.09 -8.23
C GLY A 74 1.58 10.47 -8.81
N ILE A 75 2.36 11.45 -8.36
CA ILE A 75 2.23 12.82 -8.84
C ILE A 75 3.30 13.15 -9.88
N ALA A 76 4.53 12.77 -9.58
CA ALA A 76 5.65 13.02 -10.48
C ALA A 76 6.38 11.73 -10.82
N SER A 77 7.36 11.83 -11.71
CA SER A 77 8.13 10.66 -12.14
C SER A 77 9.17 10.28 -11.08
N GLY A 78 10.07 9.38 -11.44
CA GLY A 78 11.10 8.95 -10.51
C GLY A 78 10.92 7.52 -10.07
N ASN A 79 11.70 7.09 -9.09
CA ASN A 79 11.62 5.72 -8.57
C ASN A 79 11.18 5.71 -7.11
N PRO A 80 9.92 6.09 -6.87
CA PRO A 80 9.35 6.13 -5.52
C PRO A 80 9.16 4.74 -4.94
N THR A 81 10.02 4.37 -3.99
CA THR A 81 9.95 3.06 -3.35
C THR A 81 8.81 3.02 -2.33
N ILE A 82 7.91 2.05 -2.50
CA ILE A 82 6.78 1.89 -1.59
C ILE A 82 7.11 0.89 -0.49
N ILE A 83 7.04 1.34 0.75
CA ILE A 83 7.31 0.48 1.90
C ILE A 83 6.04 0.21 2.70
N ALA A 84 5.81 -1.06 3.01
CA ALA A 84 4.63 -1.46 3.77
C ALA A 84 5.00 -1.83 5.20
N THR A 85 4.30 -1.26 6.17
CA THR A 85 4.55 -1.52 7.57
C THR A 85 3.28 -1.99 8.29
N TYR A 86 3.33 -3.19 8.85
CA TYR A 86 2.19 -3.75 9.56
C TYR A 86 2.63 -4.77 10.59
N GLY A 87 2.61 -4.37 11.87
CA GLY A 87 3.01 -5.28 12.93
C GLY A 87 4.50 -5.57 12.91
N SER A 88 4.84 -6.84 12.75
CA SER A 88 6.24 -7.24 12.72
C SER A 88 6.67 -7.61 11.31
N VAL A 89 5.73 -7.51 10.37
CA VAL A 89 6.02 -7.83 8.98
C VAL A 89 5.90 -6.59 8.09
N SER A 90 6.77 -6.50 7.09
CA SER A 90 6.76 -5.36 6.18
C SER A 90 6.87 -5.83 4.73
N GLY A 91 6.39 -5.00 3.80
CA GLY A 91 6.45 -5.34 2.40
C GLY A 91 7.24 -4.33 1.58
N ASN A 92 7.47 -4.66 0.32
CA ASN A 92 8.21 -3.77 -0.57
C ASN A 92 7.65 -3.81 -1.98
N THR A 93 7.42 -2.63 -2.56
CA THR A 93 6.87 -2.52 -3.91
C THR A 93 7.61 -1.46 -4.72
N ILE A 94 8.13 -1.86 -5.87
CA ILE A 94 8.86 -0.94 -6.74
C ILE A 94 8.05 -0.62 -8.00
N LEU A 95 7.89 0.66 -8.28
CA LEU A 95 7.14 1.11 -9.44
C LEU A 95 7.96 2.08 -10.28
N THR A 96 7.80 2.01 -11.60
CA THR A 96 8.52 2.89 -12.51
C THR A 96 7.61 3.94 -13.12
N VAL A 97 7.80 5.18 -12.70
CA VAL A 97 6.99 6.29 -13.20
C VAL A 97 7.83 7.29 -13.99
N ASN A 98 7.40 7.59 -15.21
CA ASN A 98 8.11 8.53 -16.06
C ASN A 98 7.25 9.75 -16.38
N LYS A 99 6.46 10.19 -15.41
CA LYS A 99 5.59 11.34 -15.59
C LYS A 99 6.39 12.60 -15.81
N THR A 100 6.55 13.00 -17.06
CA THR A 100 7.30 14.21 -17.41
C THR A 100 6.38 15.39 -17.62
N ASP A 101 5.23 15.15 -18.25
CA ASP A 101 4.25 16.20 -18.52
C ASP A 101 3.18 16.22 -17.45
N THR A 102 2.90 17.40 -16.91
CA THR A 102 1.89 17.55 -15.87
C THR A 102 0.56 16.92 -16.29
N GLU A 1 -3.60 15.36 5.46
CA GLU A 1 -3.78 14.48 4.32
C GLU A 1 -3.85 13.02 4.76
N ASN A 2 -5.06 12.54 5.01
CA ASN A 2 -5.26 11.16 5.44
C ASN A 2 -4.38 10.83 6.64
N ILE A 3 -4.70 11.46 7.78
CA ILE A 3 -3.94 11.24 9.00
C ILE A 3 -4.86 10.92 10.17
N ASP A 4 -6.01 10.31 9.87
CA ASP A 4 -6.98 9.96 10.90
C ASP A 4 -6.34 9.08 11.97
N ILE A 5 -5.78 7.95 11.54
CA ILE A 5 -5.14 7.03 12.46
C ILE A 5 -6.13 6.52 13.51
N THR A 6 -6.94 5.54 13.13
CA THR A 6 -7.92 4.98 14.04
C THR A 6 -7.52 3.58 14.49
N VAL A 7 -8.09 3.13 15.61
CA VAL A 7 -7.79 1.80 16.13
C VAL A 7 -8.84 0.79 15.69
N SER A 8 -8.66 -0.46 16.11
CA SER A 8 -9.59 -1.53 15.77
C SER A 8 -9.26 -2.80 16.55
N ALA A 9 -10.30 -3.39 17.14
CA ALA A 9 -10.13 -4.62 17.92
C ALA A 9 -9.65 -5.77 17.04
N ALA A 10 -8.44 -6.25 17.31
CA ALA A 10 -7.86 -7.35 16.55
C ALA A 10 -6.54 -7.80 17.14
N THR A 11 -6.17 -9.04 16.88
CA THR A 11 -4.93 -9.61 17.40
C THR A 11 -3.98 -9.99 16.26
N LEU A 12 -3.45 -8.98 15.58
CA LEU A 12 -2.53 -9.21 14.47
C LEU A 12 -1.24 -9.86 14.96
N SER A 13 -0.96 -11.06 14.44
CA SER A 13 0.23 -11.80 14.83
C SER A 13 1.21 -11.88 13.67
N SER A 14 0.71 -12.22 12.49
CA SER A 14 1.54 -12.33 11.30
C SER A 14 0.78 -11.88 10.06
N ILE A 15 1.51 -11.34 9.09
CA ILE A 15 0.89 -10.87 7.85
C ILE A 15 1.75 -11.24 6.65
N SER A 16 1.10 -11.50 5.51
CA SER A 16 1.79 -11.87 4.29
C SER A 16 1.48 -10.89 3.16
N ILE A 17 2.52 -10.38 2.53
CA ILE A 17 2.37 -9.43 1.44
C ILE A 17 3.13 -9.88 0.19
N SER A 18 2.54 -9.64 -0.97
CA SER A 18 3.16 -10.04 -2.24
C SER A 18 3.06 -8.91 -3.25
N PRO A 19 3.89 -7.87 -3.07
CA PRO A 19 3.91 -6.71 -3.97
C PRO A 19 4.49 -7.05 -5.34
N ILE A 20 4.23 -6.18 -6.31
CA ILE A 20 4.73 -6.38 -7.67
C ILE A 20 5.31 -5.10 -8.24
N ASN A 21 6.59 -5.13 -8.61
CA ASN A 21 7.25 -3.96 -9.18
C ASN A 21 6.80 -3.74 -10.61
N THR A 22 6.06 -2.65 -10.83
CA THR A 22 5.57 -2.31 -12.16
C THR A 22 5.86 -0.84 -12.50
N ASN A 23 5.86 -0.53 -13.79
CA ASN A 23 6.13 0.82 -14.24
C ASN A 23 4.85 1.47 -14.79
N ILE A 24 4.66 2.75 -14.45
CA ILE A 24 3.48 3.48 -14.89
C ILE A 24 3.86 4.84 -15.45
N ASN A 25 3.02 5.37 -16.34
CA ASN A 25 3.28 6.67 -16.95
C ASN A 25 1.97 7.44 -17.15
N THR A 26 2.07 8.76 -17.19
CA THR A 26 0.89 9.61 -17.38
C THR A 26 0.03 9.63 -16.13
N THR A 27 -0.62 8.51 -15.85
CA THR A 27 -1.48 8.40 -14.67
C THR A 27 -2.08 7.00 -14.56
N VAL A 28 -1.42 6.15 -13.78
CA VAL A 28 -1.89 4.78 -13.58
C VAL A 28 -1.62 4.31 -12.16
N SER A 29 -2.43 3.36 -11.68
CA SER A 29 -2.27 2.82 -10.34
C SER A 29 -1.76 1.38 -10.39
N LYS A 30 -0.87 1.05 -9.45
CA LYS A 30 -0.30 -0.29 -9.39
C LYS A 30 -1.03 -1.14 -8.35
N GLN A 31 -1.65 -2.21 -8.81
CA GLN A 31 -2.39 -3.11 -7.92
C GLN A 31 -1.49 -4.24 -7.44
N PHE A 32 -1.64 -4.59 -6.16
CA PHE A 32 -0.84 -5.66 -5.57
C PHE A 32 -1.71 -6.59 -4.74
N PHE A 33 -1.08 -7.50 -4.02
CA PHE A 33 -1.79 -8.46 -3.18
C PHE A 33 -1.43 -8.27 -1.71
N ALA A 34 -2.44 -8.33 -0.85
CA ALA A 34 -2.23 -8.18 0.59
C ALA A 34 -3.13 -9.12 1.38
N VAL A 35 -2.51 -9.97 2.19
CA VAL A 35 -3.24 -10.93 3.01
C VAL A 35 -2.82 -10.85 4.47
N GLY A 36 -3.79 -10.94 5.37
CA GLY A 36 -3.49 -10.89 6.79
C GLY A 36 -3.97 -12.11 7.53
N THR A 37 -3.16 -12.59 8.48
CA THR A 37 -3.51 -13.77 9.26
C THR A 37 -3.73 -13.40 10.73
N TYR A 38 -4.94 -13.65 11.21
CA TYR A 38 -5.27 -13.35 12.60
C TYR A 38 -4.70 -14.41 13.54
N SER A 39 -4.33 -13.98 14.75
CA SER A 39 -3.76 -14.88 15.74
C SER A 39 -4.75 -15.99 16.10
N ASP A 40 -6.02 -15.75 15.83
CA ASP A 40 -7.07 -16.72 16.11
C ASP A 40 -6.97 -17.91 15.17
N GLY A 41 -6.15 -17.78 14.14
CA GLY A 41 -5.98 -18.86 13.18
C GLY A 41 -6.84 -18.68 11.95
N THR A 42 -6.88 -17.46 11.42
CA THR A 42 -7.67 -17.15 10.25
C THR A 42 -6.86 -16.40 9.21
N LYS A 43 -7.41 -16.26 8.00
CA LYS A 43 -6.72 -15.56 6.93
C LYS A 43 -7.73 -14.83 6.03
N ALA A 44 -7.50 -13.55 5.81
CA ALA A 44 -8.38 -12.74 4.97
C ALA A 44 -7.60 -11.63 4.28
N ASP A 45 -7.94 -11.38 3.01
CA ASP A 45 -7.27 -10.34 2.24
C ASP A 45 -7.77 -8.95 2.64
N LEU A 46 -6.94 -8.22 3.36
CA LEU A 46 -7.31 -6.88 3.82
C LEU A 46 -6.26 -5.86 3.39
N THR A 47 -6.70 -4.83 2.67
CA THR A 47 -5.80 -3.78 2.20
C THR A 47 -5.96 -2.51 3.02
N SER A 48 -7.14 -2.33 3.60
CA SER A 48 -7.42 -1.15 4.43
C SER A 48 -6.81 -1.29 5.81
N SER A 49 -6.64 -2.54 6.25
CA SER A 49 -6.07 -2.82 7.56
C SER A 49 -4.60 -2.46 7.61
N VAL A 50 -3.97 -2.43 6.44
CA VAL A 50 -2.55 -2.09 6.34
C VAL A 50 -2.36 -0.63 5.95
N THR A 51 -1.32 -0.02 6.50
CA THR A 51 -1.01 1.38 6.22
C THR A 51 0.01 1.51 5.10
N TRP A 52 -0.23 2.44 4.19
CA TRP A 52 0.69 2.67 3.07
C TRP A 52 1.24 4.09 3.09
N SER A 53 2.57 4.19 3.16
CA SER A 53 3.22 5.50 3.19
C SER A 53 4.39 5.54 2.21
N SER A 54 4.29 6.43 1.22
CA SER A 54 5.33 6.57 0.22
C SER A 54 6.17 7.83 0.46
N SER A 55 7.40 7.81 -0.02
CA SER A 55 8.31 8.94 0.16
C SER A 55 7.63 10.25 -0.23
N ASN A 56 7.39 10.41 -1.53
CA ASN A 56 6.74 11.62 -2.04
C ASN A 56 5.29 11.68 -1.61
N GLN A 57 4.90 12.80 -1.00
CA GLN A 57 3.53 12.98 -0.53
C GLN A 57 2.55 13.05 -1.71
N SER A 58 3.06 13.51 -2.85
CA SER A 58 2.23 13.64 -4.06
C SER A 58 1.93 12.25 -4.64
N GLN A 59 2.95 11.42 -4.71
CA GLN A 59 2.79 10.07 -5.24
C GLN A 59 2.36 9.09 -4.16
N ALA A 60 2.23 9.60 -2.94
CA ALA A 60 1.82 8.77 -1.81
C ALA A 60 0.31 8.62 -1.75
N LYS A 61 -0.27 8.06 -2.81
CA LYS A 61 -1.71 7.87 -2.87
C LYS A 61 -2.05 6.38 -3.00
N VAL A 62 -3.07 5.95 -2.26
CA VAL A 62 -3.50 4.56 -2.29
C VAL A 62 -5.01 4.44 -2.08
N SER A 63 -5.59 3.35 -2.58
CA SER A 63 -7.02 3.12 -2.44
C SER A 63 -7.31 2.08 -1.37
N ASN A 64 -6.42 1.99 -0.38
CA ASN A 64 -6.58 1.03 0.70
C ASN A 64 -7.77 1.38 1.58
N ALA A 65 -8.95 0.91 1.18
CA ALA A 65 -10.17 1.18 1.93
C ALA A 65 -11.37 0.47 1.31
N SER A 66 -11.37 0.39 -0.01
CA SER A 66 -12.46 -0.25 -0.74
C SER A 66 -12.70 -1.66 -0.21
N GLU A 67 -11.63 -2.44 -0.08
CA GLU A 67 -11.73 -3.80 0.41
C GLU A 67 -10.37 -4.50 0.38
N THR A 68 -9.94 -4.92 -0.80
CA THR A 68 -8.66 -5.58 -0.97
C THR A 68 -7.86 -4.98 -2.11
N LYS A 69 -8.22 -3.75 -2.49
CA LYS A 69 -7.53 -3.05 -3.57
C LYS A 69 -6.07 -2.80 -3.22
N GLY A 70 -5.82 -1.69 -2.55
CA GLY A 70 -4.46 -1.35 -2.16
C GLY A 70 -3.70 -0.66 -3.26
N LEU A 71 -4.32 -0.55 -4.44
CA LEU A 71 -3.68 0.09 -5.58
C LEU A 71 -3.03 1.41 -5.17
N VAL A 72 -1.85 1.68 -5.73
CA VAL A 72 -1.13 2.92 -5.43
C VAL A 72 -0.93 3.75 -6.68
N THR A 73 -1.44 4.98 -6.65
CA THR A 73 -1.32 5.88 -7.80
C THR A 73 -0.31 6.99 -7.51
N GLY A 74 0.33 7.50 -8.56
CA GLY A 74 1.31 8.55 -8.40
C GLY A 74 0.90 9.83 -9.10
N ILE A 75 1.52 10.94 -8.72
CA ILE A 75 1.22 12.24 -9.32
C ILE A 75 2.43 12.79 -10.06
N ALA A 76 3.59 12.72 -9.43
CA ALA A 76 4.82 13.21 -10.03
C ALA A 76 5.70 12.06 -10.52
N SER A 77 6.81 12.39 -11.16
CA SER A 77 7.73 11.38 -11.67
C SER A 77 8.66 10.88 -10.56
N GLY A 78 9.69 10.13 -10.96
CA GLY A 78 10.62 9.60 -10.00
C GLY A 78 10.33 8.16 -9.63
N ASN A 79 11.30 7.50 -8.99
CA ASN A 79 11.15 6.11 -8.59
C ASN A 79 11.26 5.97 -7.08
N PRO A 80 10.30 6.54 -6.35
CA PRO A 80 10.27 6.49 -4.89
C PRO A 80 9.96 5.09 -4.36
N THR A 81 10.09 4.92 -3.04
CA THR A 81 9.84 3.64 -2.41
C THR A 81 8.67 3.73 -1.43
N ILE A 82 7.67 2.88 -1.63
CA ILE A 82 6.50 2.87 -0.74
C ILE A 82 6.64 1.79 0.33
N ILE A 83 6.55 2.20 1.59
CA ILE A 83 6.66 1.29 2.70
C ILE A 83 5.29 1.04 3.34
N ALA A 84 5.01 -0.23 3.64
CA ALA A 84 3.74 -0.60 4.26
C ALA A 84 3.94 -1.09 5.69
N THR A 85 3.06 -0.67 6.59
CA THR A 85 3.15 -1.07 7.98
C THR A 85 1.85 -1.70 8.46
N TYR A 86 1.94 -2.92 8.98
CA TYR A 86 0.77 -3.63 9.47
C TYR A 86 1.15 -4.64 10.55
N GLY A 87 0.86 -4.29 11.80
CA GLY A 87 1.18 -5.17 12.91
C GLY A 87 2.68 -5.34 13.10
N SER A 88 3.12 -6.59 13.19
CA SER A 88 4.54 -6.88 13.37
C SER A 88 5.21 -7.18 12.03
N VAL A 89 4.47 -6.99 10.95
CA VAL A 89 4.99 -7.23 9.61
C VAL A 89 4.82 -6.01 8.73
N SER A 90 5.78 -5.80 7.82
CA SER A 90 5.73 -4.66 6.92
C SER A 90 6.06 -5.08 5.49
N GLY A 91 5.59 -4.29 4.52
CA GLY A 91 5.84 -4.60 3.13
C GLY A 91 6.57 -3.50 2.40
N ASN A 92 6.84 -3.71 1.12
CA ASN A 92 7.55 -2.71 0.33
C ASN A 92 7.19 -2.85 -1.15
N THR A 93 6.92 -1.71 -1.80
CA THR A 93 6.55 -1.71 -3.21
C THR A 93 7.27 -0.59 -3.95
N ILE A 94 7.74 -0.89 -5.17
CA ILE A 94 8.43 0.11 -5.98
C ILE A 94 7.61 0.49 -7.20
N LEU A 95 7.36 1.79 -7.34
CA LEU A 95 6.58 2.30 -8.47
C LEU A 95 7.42 3.25 -9.33
N THR A 96 7.41 3.02 -10.63
CA THR A 96 8.16 3.86 -11.55
C THR A 96 7.24 4.81 -12.31
N VAL A 97 7.32 6.10 -11.97
CA VAL A 97 6.50 7.11 -12.61
C VAL A 97 7.36 8.12 -13.36
N ASN A 98 7.03 8.34 -14.64
CA ASN A 98 7.77 9.28 -15.46
C ASN A 98 6.87 10.42 -15.94
N LYS A 99 6.34 11.18 -14.98
CA LYS A 99 5.46 12.30 -15.30
C LYS A 99 6.23 13.40 -16.02
N THR A 100 6.10 13.43 -17.35
CA THR A 100 6.79 14.44 -18.15
C THR A 100 6.42 15.85 -17.69
N ASP A 101 5.21 16.00 -17.18
CA ASP A 101 4.73 17.30 -16.71
C ASP A 101 5.48 17.72 -15.44
N THR A 102 5.71 19.01 -15.30
CA THR A 102 6.42 19.54 -14.13
C THR A 102 5.50 20.42 -13.29
N GLU A 1 6.04 2.80 13.67
CA GLU A 1 4.98 3.75 14.00
C GLU A 1 3.66 3.01 14.23
N ASN A 2 2.64 3.75 14.67
CA ASN A 2 1.33 3.18 14.93
C ASN A 2 1.44 2.00 15.89
N ILE A 3 1.36 2.28 17.18
CA ILE A 3 1.45 1.24 18.20
C ILE A 3 0.33 1.39 19.23
N ASP A 4 0.11 2.63 19.67
CA ASP A 4 -0.93 2.91 20.66
C ASP A 4 -2.00 3.82 20.08
N ILE A 5 -2.90 4.28 20.93
CA ILE A 5 -3.98 5.17 20.50
C ILE A 5 -4.93 4.45 19.55
N THR A 6 -6.19 4.88 19.55
CA THR A 6 -7.20 4.27 18.69
C THR A 6 -7.31 2.77 18.94
N VAL A 7 -7.01 2.36 20.17
CA VAL A 7 -7.08 0.95 20.54
C VAL A 7 -8.40 0.64 21.25
N SER A 8 -8.83 -0.61 21.15
CA SER A 8 -10.07 -1.04 21.77
C SER A 8 -10.29 -2.54 21.59
N ALA A 9 -10.32 -2.97 20.33
CA ALA A 9 -10.52 -4.37 20.01
C ALA A 9 -9.52 -4.85 18.94
N ALA A 10 -8.30 -5.12 19.37
CA ALA A 10 -7.26 -5.58 18.46
C ALA A 10 -7.60 -6.95 17.88
N THR A 11 -8.07 -6.97 16.64
CA THR A 11 -8.44 -8.21 15.97
C THR A 11 -7.35 -8.67 15.01
N LEU A 12 -6.61 -7.70 14.47
CA LEU A 12 -5.54 -7.99 13.53
C LEU A 12 -4.43 -8.79 14.21
N SER A 13 -4.18 -10.00 13.71
CA SER A 13 -3.15 -10.86 14.26
C SER A 13 -1.99 -11.02 13.28
N SER A 14 -2.32 -11.27 12.02
CA SER A 14 -1.30 -11.45 10.99
C SER A 14 -1.80 -10.91 9.64
N ILE A 15 -0.87 -10.43 8.83
CA ILE A 15 -1.22 -9.89 7.52
C ILE A 15 -0.19 -10.31 6.47
N SER A 16 -0.64 -10.43 5.22
CA SER A 16 0.23 -10.83 4.13
C SER A 16 0.15 -9.82 2.98
N ILE A 17 1.31 -9.47 2.43
CA ILE A 17 1.37 -8.52 1.33
C ILE A 17 2.17 -9.08 0.16
N SER A 18 1.73 -8.78 -1.06
CA SER A 18 2.40 -9.26 -2.26
C SER A 18 2.66 -8.12 -3.23
N PRO A 19 3.64 -7.26 -2.89
CA PRO A 19 4.01 -6.12 -3.72
C PRO A 19 4.69 -6.53 -5.01
N ILE A 20 4.72 -5.61 -5.98
CA ILE A 20 5.34 -5.90 -7.27
C ILE A 20 6.18 -4.71 -7.74
N ASN A 21 7.45 -4.98 -8.05
CA ASN A 21 8.36 -3.94 -8.51
C ASN A 21 8.38 -3.86 -10.03
N THR A 22 7.64 -2.91 -10.58
CA THR A 22 7.57 -2.73 -12.03
C THR A 22 7.80 -1.27 -12.41
N ASN A 23 8.19 -1.05 -13.67
CA ASN A 23 8.44 0.30 -14.16
C ASN A 23 7.51 0.63 -15.31
N ILE A 24 6.95 1.85 -15.28
CA ILE A 24 6.03 2.30 -16.32
C ILE A 24 6.27 3.76 -16.66
N ASN A 25 5.89 4.16 -17.87
CA ASN A 25 6.06 5.53 -18.32
C ASN A 25 4.74 6.10 -18.83
N THR A 26 4.69 7.42 -18.98
CA THR A 26 3.48 8.09 -19.47
C THR A 26 2.42 8.14 -18.38
N THR A 27 2.85 8.14 -17.12
CA THR A 27 1.93 8.18 -16.00
C THR A 27 1.01 6.96 -15.99
N VAL A 28 1.27 6.06 -15.04
CA VAL A 28 0.46 4.84 -14.93
C VAL A 28 0.41 4.36 -13.48
N SER A 29 -0.72 3.79 -13.09
CA SER A 29 -0.89 3.28 -11.73
C SER A 29 -0.43 1.84 -11.63
N LYS A 30 0.21 1.51 -10.51
CA LYS A 30 0.70 0.16 -10.27
C LYS A 30 -0.27 -0.65 -9.41
N GLN A 31 -0.75 -1.75 -9.97
CA GLN A 31 -1.70 -2.62 -9.25
C GLN A 31 -0.97 -3.52 -8.25
N PHE A 32 -1.26 -3.34 -6.98
CA PHE A 32 -0.63 -4.14 -5.93
C PHE A 32 -1.64 -5.08 -5.29
N PHE A 33 -1.14 -6.06 -4.55
CA PHE A 33 -2.00 -7.03 -3.88
C PHE A 33 -1.83 -6.95 -2.36
N ALA A 34 -2.95 -7.02 -1.64
CA ALA A 34 -2.93 -6.95 -0.19
C ALA A 34 -3.97 -7.88 0.42
N VAL A 35 -3.53 -8.73 1.34
CA VAL A 35 -4.43 -9.68 2.00
C VAL A 35 -4.29 -9.61 3.52
N GLY A 36 -5.42 -9.64 4.22
CA GLY A 36 -5.40 -9.58 5.66
C GLY A 36 -6.03 -10.80 6.31
N THR A 37 -5.41 -11.30 7.38
CA THR A 37 -5.91 -12.47 8.07
C THR A 37 -6.37 -12.12 9.48
N TYR A 38 -7.64 -12.38 9.77
CA TYR A 38 -8.20 -12.08 11.08
C TYR A 38 -7.75 -13.11 12.12
N SER A 39 -7.47 -12.64 13.32
CA SER A 39 -7.02 -13.52 14.40
C SER A 39 -8.07 -14.58 14.71
N ASP A 40 -9.31 -14.30 14.31
CA ASP A 40 -10.41 -15.24 14.53
C ASP A 40 -10.26 -16.48 13.66
N GLY A 41 -9.34 -16.41 12.70
CA GLY A 41 -9.11 -17.54 11.81
C GLY A 41 -9.82 -17.36 10.47
N THR A 42 -9.74 -16.15 9.92
CA THR A 42 -10.36 -15.85 8.64
C THR A 42 -9.39 -15.19 7.68
N LYS A 43 -9.77 -15.09 6.42
CA LYS A 43 -8.93 -14.48 5.40
C LYS A 43 -9.76 -13.64 4.44
N ALA A 44 -9.35 -12.39 4.26
CA ALA A 44 -10.05 -11.47 3.37
C ALA A 44 -9.10 -10.43 2.78
N ASP A 45 -9.21 -10.21 1.48
CA ASP A 45 -8.36 -9.23 0.80
C ASP A 45 -8.90 -7.82 0.99
N LEU A 46 -8.36 -7.11 1.98
CA LEU A 46 -8.79 -5.75 2.26
C LEU A 46 -7.59 -4.80 2.28
N THR A 47 -7.66 -3.76 1.46
CA THR A 47 -6.58 -2.77 1.38
C THR A 47 -7.02 -1.43 1.94
N SER A 48 -8.28 -1.36 2.37
CA SER A 48 -8.82 -0.13 2.94
C SER A 48 -8.38 0.05 4.38
N SER A 49 -8.10 -1.05 5.06
CA SER A 49 -7.65 -1.02 6.45
C SER A 49 -6.18 -0.68 6.54
N VAL A 50 -5.37 -1.29 5.67
CA VAL A 50 -3.94 -1.04 5.66
C VAL A 50 -3.64 0.41 5.29
N THR A 51 -2.64 0.99 5.96
CA THR A 51 -2.24 2.37 5.72
C THR A 51 -1.02 2.44 4.79
N TRP A 52 -1.07 3.35 3.84
CA TRP A 52 0.03 3.52 2.89
C TRP A 52 0.58 4.94 2.94
N SER A 53 1.90 5.07 2.92
CA SER A 53 2.55 6.37 2.97
C SER A 53 3.86 6.36 2.17
N SER A 54 3.91 7.19 1.14
CA SER A 54 5.10 7.27 0.30
C SER A 54 5.89 8.54 0.59
N SER A 55 7.20 8.50 0.31
CA SER A 55 8.06 9.65 0.56
C SER A 55 7.47 10.92 -0.06
N ASN A 56 7.33 10.92 -1.38
CA ASN A 56 6.77 12.06 -2.09
C ASN A 56 5.26 12.09 -1.97
N GLN A 57 4.74 13.21 -1.46
CA GLN A 57 3.30 13.37 -1.29
C GLN A 57 2.59 13.32 -2.63
N SER A 58 3.28 13.72 -3.69
CA SER A 58 2.72 13.71 -5.04
C SER A 58 2.59 12.29 -5.58
N GLN A 59 3.64 11.50 -5.38
CA GLN A 59 3.65 10.12 -5.84
C GLN A 59 3.03 9.19 -4.80
N ALA A 60 2.61 9.76 -3.68
CA ALA A 60 2.00 8.99 -2.61
C ALA A 60 0.48 8.94 -2.76
N LYS A 61 0.02 8.22 -3.77
CA LYS A 61 -1.41 8.10 -4.03
C LYS A 61 -1.83 6.63 -4.08
N VAL A 62 -2.97 6.33 -3.48
CA VAL A 62 -3.48 4.96 -3.45
C VAL A 62 -5.00 4.94 -3.56
N SER A 63 -5.54 3.90 -4.19
CA SER A 63 -6.97 3.76 -4.36
C SER A 63 -7.50 2.53 -3.63
N ASN A 64 -7.50 2.58 -2.30
CA ASN A 64 -7.97 1.47 -1.48
C ASN A 64 -9.36 1.74 -0.95
N ALA A 65 -10.36 1.10 -1.55
CA ALA A 65 -11.74 1.28 -1.13
C ALA A 65 -12.65 0.27 -1.82
N SER A 66 -12.37 0.01 -3.10
CA SER A 66 -13.17 -0.94 -3.88
C SER A 66 -13.25 -2.30 -3.19
N GLU A 67 -12.08 -2.81 -2.79
CA GLU A 67 -12.02 -4.11 -2.12
C GLU A 67 -10.57 -4.47 -1.81
N THR A 68 -9.86 -4.96 -2.82
CA THR A 68 -8.47 -5.36 -2.65
C THR A 68 -7.60 -4.76 -3.75
N LYS A 69 -8.08 -3.71 -4.37
CA LYS A 69 -7.34 -3.04 -5.44
C LYS A 69 -5.92 -2.72 -5.00
N GLY A 70 -5.76 -1.60 -4.29
CA GLY A 70 -4.44 -1.20 -3.83
C GLY A 70 -3.67 -0.43 -4.87
N LEU A 71 -4.21 -0.34 -6.07
CA LEU A 71 -3.56 0.38 -7.17
C LEU A 71 -3.12 1.77 -6.71
N VAL A 72 -1.84 2.07 -6.92
CA VAL A 72 -1.29 3.37 -6.54
C VAL A 72 -1.02 4.23 -7.77
N THR A 73 -1.22 5.54 -7.61
CA THR A 73 -1.01 6.49 -8.71
C THR A 73 0.06 7.51 -8.34
N GLY A 74 0.75 8.02 -9.37
CA GLY A 74 1.79 9.01 -9.14
C GLY A 74 1.55 10.29 -9.90
N ILE A 75 2.25 11.35 -9.52
CA ILE A 75 2.11 12.64 -10.18
C ILE A 75 3.37 12.98 -10.97
N ALA A 76 4.53 12.78 -10.36
CA ALA A 76 5.80 13.07 -11.02
C ALA A 76 6.66 11.81 -11.11
N SER A 77 7.71 11.89 -11.93
CA SER A 77 8.61 10.77 -12.12
C SER A 77 9.34 10.42 -10.81
N GLY A 78 10.33 9.55 -10.91
CA GLY A 78 11.10 9.16 -9.74
C GLY A 78 10.76 7.76 -9.27
N ASN A 79 11.62 7.20 -8.42
CA ASN A 79 11.40 5.85 -7.91
C ASN A 79 11.28 5.87 -6.38
N PRO A 80 10.20 6.48 -5.89
CA PRO A 80 9.93 6.59 -4.45
C PRO A 80 9.57 5.24 -3.83
N THR A 81 9.53 5.20 -2.50
CA THR A 81 9.20 3.98 -1.78
C THR A 81 7.92 4.14 -0.97
N ILE A 82 6.97 3.23 -1.18
CA ILE A 82 5.70 3.28 -0.46
C ILE A 82 5.69 2.29 0.70
N ILE A 83 5.57 2.81 1.91
CA ILE A 83 5.54 1.97 3.10
C ILE A 83 4.11 1.61 3.49
N ALA A 84 3.91 0.38 3.96
CA ALA A 84 2.59 -0.09 4.37
C ALA A 84 2.60 -0.54 5.82
N THR A 85 1.62 -0.08 6.59
CA THR A 85 1.52 -0.44 7.99
C THR A 85 0.13 -0.99 8.31
N TYR A 86 0.10 -2.20 8.89
CA TYR A 86 -1.16 -2.83 9.25
C TYR A 86 -0.97 -3.80 10.40
N GLY A 87 -1.40 -3.40 11.59
CA GLY A 87 -1.27 -4.24 12.76
C GLY A 87 0.17 -4.48 13.14
N SER A 88 0.53 -5.75 13.33
CA SER A 88 1.90 -6.11 13.70
C SER A 88 2.72 -6.44 12.47
N VAL A 89 2.11 -6.31 11.30
CA VAL A 89 2.80 -6.59 10.04
C VAL A 89 2.85 -5.36 9.16
N SER A 90 3.94 -5.23 8.39
CA SER A 90 4.11 -4.09 7.50
C SER A 90 4.79 -4.53 6.21
N GLY A 91 4.50 -3.80 5.13
CA GLY A 91 5.09 -4.12 3.83
C GLY A 91 5.70 -2.91 3.15
N ASN A 92 6.02 -3.05 1.88
CA ASN A 92 6.61 -1.96 1.11
C ASN A 92 6.65 -2.29 -0.38
N THR A 93 6.38 -1.30 -1.21
CA THR A 93 6.38 -1.48 -2.65
C THR A 93 7.10 -0.33 -3.35
N ILE A 94 7.90 -0.66 -4.36
CA ILE A 94 8.63 0.34 -5.12
C ILE A 94 8.11 0.46 -6.55
N LEU A 95 7.95 1.69 -7.02
CA LEU A 95 7.46 1.94 -8.37
C LEU A 95 8.36 2.92 -9.11
N THR A 96 8.62 2.63 -10.38
CA THR A 96 9.47 3.49 -11.19
C THR A 96 8.66 4.21 -12.27
N VAL A 97 8.48 5.52 -12.10
CA VAL A 97 7.73 6.31 -13.06
C VAL A 97 8.62 7.36 -13.72
N ASN A 98 8.59 7.39 -15.05
CA ASN A 98 9.40 8.34 -15.81
C ASN A 98 8.54 9.50 -16.31
N LYS A 99 7.62 9.96 -15.48
CA LYS A 99 6.73 11.05 -15.84
C LYS A 99 7.52 12.35 -16.00
N THR A 100 7.84 12.69 -17.25
CA THR A 100 8.59 13.91 -17.55
C THR A 100 7.67 15.13 -17.54
N ASP A 101 6.38 14.91 -17.75
CA ASP A 101 5.40 15.99 -17.76
C ASP A 101 5.24 16.59 -16.36
N THR A 102 4.68 17.79 -16.29
CA THR A 102 4.47 18.48 -15.03
C THR A 102 3.00 18.50 -14.66
N GLU A 1 6.40 -3.62 26.71
CA GLU A 1 5.25 -4.29 26.13
C GLU A 1 3.97 -3.50 26.41
N ASN A 2 3.57 -2.68 25.44
CA ASN A 2 2.37 -1.86 25.58
C ASN A 2 1.11 -2.72 25.43
N ILE A 3 1.19 -3.72 24.57
CA ILE A 3 0.06 -4.61 24.33
C ILE A 3 -1.06 -3.89 23.57
N ASP A 4 -1.72 -2.97 24.25
CA ASP A 4 -2.80 -2.20 23.64
C ASP A 4 -2.35 -0.79 23.30
N ILE A 5 -2.46 -0.44 22.02
CA ILE A 5 -2.06 0.89 21.56
C ILE A 5 -3.28 1.76 21.27
N THR A 6 -4.29 1.16 20.63
CA THR A 6 -5.51 1.89 20.30
C THR A 6 -6.69 0.94 20.16
N VAL A 7 -7.89 1.45 20.43
CA VAL A 7 -9.10 0.64 20.34
C VAL A 7 -10.14 1.31 19.44
N SER A 8 -10.34 0.75 18.25
CA SER A 8 -11.31 1.30 17.31
C SER A 8 -12.00 0.18 16.54
N ALA A 9 -12.39 -0.87 17.26
CA ALA A 9 -13.06 -2.00 16.64
C ALA A 9 -12.19 -2.67 15.59
N ALA A 10 -10.91 -2.85 15.92
CA ALA A 10 -9.97 -3.47 14.99
C ALA A 10 -9.68 -4.91 15.40
N THR A 11 -9.49 -5.77 14.40
CA THR A 11 -9.21 -7.18 14.65
C THR A 11 -8.23 -7.73 13.63
N LEU A 12 -7.16 -6.98 13.38
CA LEU A 12 -6.14 -7.40 12.42
C LEU A 12 -4.99 -8.10 13.13
N SER A 13 -4.76 -9.36 12.78
CA SER A 13 -3.69 -10.14 13.38
C SER A 13 -2.59 -10.42 12.36
N SER A 14 -2.99 -10.83 11.17
CA SER A 14 -2.03 -11.15 10.11
C SER A 14 -2.56 -10.70 8.75
N ILE A 15 -1.66 -10.36 7.84
CA ILE A 15 -2.04 -9.91 6.51
C ILE A 15 -1.01 -10.34 5.47
N SER A 16 -1.48 -10.72 4.29
CA SER A 16 -0.60 -11.16 3.21
C SER A 16 -0.60 -10.15 2.07
N ILE A 17 0.60 -9.71 1.69
CA ILE A 17 0.73 -8.75 0.60
C ILE A 17 1.60 -9.30 -0.52
N SER A 18 1.24 -8.99 -1.76
CA SER A 18 2.00 -9.46 -2.92
C SER A 18 2.27 -8.31 -3.89
N PRO A 19 3.17 -7.40 -3.47
CA PRO A 19 3.55 -6.24 -4.28
C PRO A 19 4.37 -6.64 -5.51
N ILE A 20 4.49 -5.71 -6.46
CA ILE A 20 5.24 -5.96 -7.68
C ILE A 20 6.12 -4.77 -8.04
N ASN A 21 7.40 -5.03 -8.30
CA ASN A 21 8.35 -3.99 -8.65
C ASN A 21 8.47 -3.87 -10.16
N THR A 22 7.85 -2.84 -10.72
CA THR A 22 7.91 -2.61 -12.17
C THR A 22 8.27 -1.16 -12.49
N ASN A 23 8.77 -0.93 -13.69
CA ASN A 23 9.15 0.41 -14.11
C ASN A 23 8.13 0.99 -15.09
N ILE A 24 7.81 2.27 -14.93
CA ILE A 24 6.85 2.93 -15.80
C ILE A 24 7.31 4.35 -16.13
N ASN A 25 6.85 4.86 -17.26
CA ASN A 25 7.20 6.20 -17.71
C ASN A 25 5.96 7.00 -18.11
N THR A 26 6.11 8.31 -18.22
CA THR A 26 5.01 9.18 -18.60
C THR A 26 3.99 9.31 -17.46
N THR A 27 3.27 8.23 -17.21
CA THR A 27 2.26 8.22 -16.15
C THR A 27 1.52 6.89 -16.10
N VAL A 28 1.84 6.08 -15.09
CA VAL A 28 1.21 4.77 -14.92
C VAL A 28 1.05 4.42 -13.45
N SER A 29 0.03 3.63 -13.15
CA SER A 29 -0.24 3.23 -11.77
C SER A 29 0.06 1.74 -11.58
N LYS A 30 0.63 1.40 -10.42
CA LYS A 30 0.96 0.01 -10.12
C LYS A 30 -0.13 -0.62 -9.25
N GLN A 31 -0.76 -1.67 -9.79
CA GLN A 31 -1.81 -2.36 -9.06
C GLN A 31 -1.27 -3.62 -8.39
N PHE A 32 -1.32 -3.64 -7.06
CA PHE A 32 -0.82 -4.80 -6.31
C PHE A 32 -1.98 -5.56 -5.67
N PHE A 33 -1.65 -6.59 -4.91
CA PHE A 33 -2.67 -7.42 -4.25
C PHE A 33 -2.51 -7.35 -2.74
N ALA A 34 -3.64 -7.26 -2.03
CA ALA A 34 -3.63 -7.19 -0.58
C ALA A 34 -4.78 -8.00 0.02
N VAL A 35 -4.45 -8.91 0.93
CA VAL A 35 -5.46 -9.74 1.57
C VAL A 35 -5.31 -9.70 3.09
N GLY A 36 -6.31 -9.15 3.77
CA GLY A 36 -6.27 -9.07 5.21
C GLY A 36 -7.03 -10.21 5.88
N THR A 37 -6.41 -10.80 6.90
CA THR A 37 -7.03 -11.91 7.61
C THR A 37 -7.35 -11.52 9.06
N TYR A 38 -8.64 -11.51 9.39
CA TYR A 38 -9.08 -11.15 10.73
C TYR A 38 -8.82 -12.29 11.71
N SER A 39 -8.52 -11.94 12.96
CA SER A 39 -8.25 -12.94 13.99
C SER A 39 -9.47 -13.82 14.21
N ASP A 40 -10.64 -13.34 13.79
CA ASP A 40 -11.87 -14.10 13.94
C ASP A 40 -11.89 -15.32 13.03
N GLY A 41 -10.93 -15.37 12.11
CA GLY A 41 -10.86 -16.48 11.18
C GLY A 41 -11.50 -16.17 9.85
N THR A 42 -11.23 -14.98 9.33
CA THR A 42 -11.78 -14.56 8.05
C THR A 42 -10.70 -13.99 7.14
N LYS A 43 -11.03 -13.82 5.86
CA LYS A 43 -10.09 -13.28 4.90
C LYS A 43 -10.81 -12.48 3.82
N ALA A 44 -10.36 -11.25 3.60
CA ALA A 44 -10.96 -10.38 2.60
C ALA A 44 -9.92 -9.43 1.99
N ASP A 45 -10.04 -9.19 0.70
CA ASP A 45 -9.11 -8.31 -0.01
C ASP A 45 -9.29 -6.86 0.44
N LEU A 46 -8.63 -6.48 1.53
CA LEU A 46 -8.73 -5.13 2.06
C LEU A 46 -7.46 -4.34 1.75
N THR A 47 -7.63 -3.20 1.09
CA THR A 47 -6.51 -2.34 0.74
C THR A 47 -6.69 -0.94 1.31
N SER A 48 -7.86 -0.36 1.09
CA SER A 48 -8.15 0.98 1.58
C SER A 48 -8.00 1.06 3.09
N SER A 49 -8.18 -0.08 3.76
CA SER A 49 -8.07 -0.15 5.21
C SER A 49 -6.63 0.09 5.66
N VAL A 50 -5.70 -0.03 4.71
CA VAL A 50 -4.28 0.17 5.00
C VAL A 50 -3.85 1.59 4.67
N THR A 51 -3.00 2.15 5.52
CA THR A 51 -2.50 3.51 5.32
C THR A 51 -1.30 3.52 4.38
N TRP A 52 -1.29 4.49 3.46
CA TRP A 52 -0.19 4.61 2.51
C TRP A 52 0.70 5.80 2.84
N SER A 53 2.00 5.59 2.82
CA SER A 53 2.96 6.65 3.13
C SER A 53 4.20 6.54 2.25
N SER A 54 4.59 7.66 1.65
CA SER A 54 5.75 7.70 0.77
C SER A 54 6.62 8.91 1.07
N SER A 55 7.91 8.80 0.76
CA SER A 55 8.85 9.89 0.99
C SER A 55 8.39 11.16 0.30
N ASN A 56 7.88 11.01 -0.93
CA ASN A 56 7.42 12.14 -1.71
C ASN A 56 5.90 12.21 -1.70
N GLN A 57 5.36 13.43 -1.55
CA GLN A 57 3.92 13.62 -1.53
C GLN A 57 3.32 13.41 -2.91
N SER A 58 4.06 13.81 -3.95
CA SER A 58 3.60 13.66 -5.32
C SER A 58 3.43 12.18 -5.69
N GLN A 59 4.41 11.37 -5.30
CA GLN A 59 4.37 9.94 -5.59
C GLN A 59 3.50 9.21 -4.57
N ALA A 60 2.95 9.95 -3.61
CA ALA A 60 2.09 9.38 -2.59
C ALA A 60 0.63 9.41 -3.00
N LYS A 61 0.31 8.72 -4.09
CA LYS A 61 -1.06 8.67 -4.60
C LYS A 61 -1.60 7.25 -4.58
N VAL A 62 -2.85 7.09 -4.19
CA VAL A 62 -3.48 5.78 -4.13
C VAL A 62 -4.95 5.85 -4.56
N SER A 63 -5.40 4.84 -5.30
CA SER A 63 -6.78 4.79 -5.77
C SER A 63 -7.65 3.98 -4.82
N ASN A 64 -7.38 4.11 -3.53
CA ASN A 64 -8.15 3.38 -2.51
C ASN A 64 -9.61 3.78 -2.56
N ALA A 65 -10.42 3.00 -3.26
CA ALA A 65 -11.84 3.27 -3.39
C ALA A 65 -12.66 1.99 -3.28
N SER A 66 -12.20 0.95 -3.96
CA SER A 66 -12.89 -0.34 -3.95
C SER A 66 -12.50 -1.15 -2.72
N GLU A 67 -11.47 -0.70 -2.01
CA GLU A 67 -11.00 -1.37 -0.81
C GLU A 67 -10.33 -2.70 -1.16
N THR A 68 -10.17 -2.95 -2.46
CA THR A 68 -9.54 -4.18 -2.92
C THR A 68 -8.46 -3.89 -3.97
N LYS A 69 -8.23 -2.61 -4.24
CA LYS A 69 -7.23 -2.20 -5.21
C LYS A 69 -5.92 -1.84 -4.52
N GLY A 70 -5.82 -0.61 -4.03
CA GLY A 70 -4.62 -0.17 -3.35
C GLY A 70 -3.57 0.35 -4.31
N LEU A 71 -3.85 0.25 -5.61
CA LEU A 71 -2.93 0.73 -6.63
C LEU A 71 -2.33 2.08 -6.25
N VAL A 72 -1.07 2.29 -6.63
CA VAL A 72 -0.39 3.55 -6.33
C VAL A 72 0.07 4.23 -7.61
N THR A 73 -0.26 5.53 -7.73
CA THR A 73 0.11 6.30 -8.90
C THR A 73 1.07 7.42 -8.53
N GLY A 74 1.91 7.81 -9.48
CA GLY A 74 2.87 8.88 -9.23
C GLY A 74 2.62 10.10 -10.09
N ILE A 75 3.10 11.25 -9.65
CA ILE A 75 2.92 12.49 -10.38
C ILE A 75 4.18 12.85 -11.17
N ALA A 76 5.33 12.73 -10.53
CA ALA A 76 6.59 13.03 -11.18
C ALA A 76 7.53 11.83 -11.14
N SER A 77 8.69 11.97 -11.78
CA SER A 77 9.67 10.89 -11.82
C SER A 77 10.30 10.67 -10.45
N GLY A 78 11.36 9.87 -10.43
CA GLY A 78 12.03 9.58 -9.17
C GLY A 78 11.84 8.15 -8.72
N ASN A 79 12.46 7.79 -7.59
CA ASN A 79 12.36 6.44 -7.07
C ASN A 79 11.70 6.44 -5.69
N PRO A 80 10.39 6.78 -5.67
CA PRO A 80 9.61 6.84 -4.43
C PRO A 80 9.36 5.44 -3.86
N THR A 81 9.11 5.39 -2.55
CA THR A 81 8.85 4.13 -1.87
C THR A 81 7.45 4.10 -1.28
N ILE A 82 6.68 3.08 -1.65
CA ILE A 82 5.32 2.93 -1.15
C ILE A 82 5.28 2.03 0.09
N ILE A 83 5.03 2.64 1.24
CA ILE A 83 4.96 1.89 2.49
C ILE A 83 3.52 1.78 2.99
N ALA A 84 3.07 0.55 3.22
CA ALA A 84 1.72 0.32 3.71
C ALA A 84 1.72 -0.15 5.16
N THR A 85 0.92 0.50 5.99
CA THR A 85 0.84 0.16 7.40
C THR A 85 -0.60 -0.12 7.81
N TYR A 86 -0.84 -1.33 8.32
CA TYR A 86 -2.18 -1.73 8.75
C TYR A 86 -2.11 -2.82 9.82
N GLY A 87 -2.54 -2.47 11.03
CA GLY A 87 -2.51 -3.44 12.11
C GLY A 87 -1.11 -3.82 12.52
N SER A 88 -0.81 -5.12 12.49
CA SER A 88 0.50 -5.61 12.86
C SER A 88 1.28 -6.07 11.63
N VAL A 89 0.71 -5.81 10.46
CA VAL A 89 1.35 -6.19 9.20
C VAL A 89 1.50 -4.99 8.28
N SER A 90 2.61 -4.96 7.54
CA SER A 90 2.88 -3.86 6.63
C SER A 90 3.40 -4.39 5.28
N GLY A 91 3.20 -3.59 4.24
CA GLY A 91 3.65 -4.00 2.91
C GLY A 91 4.64 -3.02 2.32
N ASN A 92 5.35 -3.45 1.27
CA ASN A 92 6.34 -2.61 0.61
C ASN A 92 6.24 -2.75 -0.91
N THR A 93 6.12 -1.61 -1.59
CA THR A 93 6.01 -1.60 -3.04
C THR A 93 6.89 -0.51 -3.65
N ILE A 94 7.78 -0.91 -4.56
CA ILE A 94 8.66 0.04 -5.21
C ILE A 94 8.24 0.30 -6.65
N LEU A 95 8.26 1.57 -7.06
CA LEU A 95 7.87 1.95 -8.41
C LEU A 95 8.92 2.86 -9.04
N THR A 96 9.27 2.57 -10.29
CA THR A 96 10.25 3.36 -11.01
C THR A 96 9.59 4.29 -12.01
N VAL A 97 9.62 5.60 -11.73
CA VAL A 97 9.02 6.59 -12.61
C VAL A 97 10.08 7.51 -13.20
N ASN A 98 10.08 7.64 -14.51
CA ASN A 98 11.05 8.50 -15.20
C ASN A 98 10.34 9.62 -15.95
N LYS A 99 9.22 10.08 -15.40
CA LYS A 99 8.45 11.15 -16.02
C LYS A 99 9.23 12.47 -16.01
N THR A 100 9.86 12.78 -17.14
CA THR A 100 10.64 14.01 -17.25
C THR A 100 10.91 14.34 -18.71
N ASP A 101 11.21 13.32 -19.51
CA ASP A 101 11.49 13.51 -20.93
C ASP A 101 10.20 13.73 -21.71
N THR A 102 10.09 14.90 -22.34
CA THR A 102 8.91 15.24 -23.12
C THR A 102 8.93 14.56 -24.49
N GLU A 1 -25.77 2.19 14.94
CA GLU A 1 -25.86 2.92 16.20
C GLU A 1 -24.48 3.07 16.84
N ASN A 2 -23.80 4.15 16.50
CA ASN A 2 -22.46 4.42 17.04
C ASN A 2 -22.55 5.26 18.30
N ILE A 3 -21.40 5.50 18.92
CA ILE A 3 -21.34 6.30 20.14
C ILE A 3 -19.90 6.50 20.61
N ASP A 4 -19.09 5.47 20.43
CA ASP A 4 -17.69 5.53 20.83
C ASP A 4 -16.96 4.24 20.46
N ILE A 5 -15.65 4.34 20.23
CA ILE A 5 -14.85 3.18 19.87
C ILE A 5 -13.41 3.35 20.33
N THR A 6 -12.73 2.23 20.56
CA THR A 6 -11.34 2.24 21.01
C THR A 6 -10.51 1.23 20.24
N VAL A 7 -9.23 1.11 20.62
CA VAL A 7 -8.32 0.18 19.97
C VAL A 7 -7.82 -0.87 20.96
N SER A 8 -7.60 -2.08 20.47
CA SER A 8 -7.12 -3.17 21.31
C SER A 8 -5.72 -3.60 20.88
N ALA A 9 -5.43 -3.48 19.59
CA ALA A 9 -4.13 -3.85 19.05
C ALA A 9 -3.87 -5.34 19.23
N ALA A 10 -2.71 -5.80 18.76
CA ALA A 10 -2.35 -7.21 18.87
C ALA A 10 -3.42 -8.11 18.27
N THR A 11 -3.72 -7.87 16.98
CA THR A 11 -4.74 -8.65 16.29
C THR A 11 -4.14 -9.35 15.06
N LEU A 12 -3.17 -8.71 14.44
CA LEU A 12 -2.52 -9.26 13.27
C LEU A 12 -1.22 -9.98 13.65
N SER A 13 -0.96 -11.11 12.99
CA SER A 13 0.24 -11.89 13.26
C SER A 13 1.19 -11.85 12.07
N SER A 14 0.64 -12.05 10.87
CA SER A 14 1.44 -12.04 9.66
C SER A 14 0.69 -11.36 8.52
N ILE A 15 1.43 -10.76 7.59
CA ILE A 15 0.83 -10.07 6.45
C ILE A 15 1.48 -10.53 5.15
N SER A 16 0.70 -10.49 4.07
CA SER A 16 1.19 -10.90 2.76
C SER A 16 1.03 -9.77 1.74
N ILE A 17 2.11 -9.44 1.07
CA ILE A 17 2.09 -8.38 0.06
C ILE A 17 2.47 -8.91 -1.32
N SER A 18 1.81 -8.39 -2.35
CA SER A 18 2.08 -8.81 -3.72
C SER A 18 2.46 -7.62 -4.59
N PRO A 19 3.63 -7.04 -4.31
CA PRO A 19 4.15 -5.88 -5.07
C PRO A 19 4.54 -6.25 -6.49
N ILE A 20 4.73 -5.23 -7.33
CA ILE A 20 5.12 -5.45 -8.71
C ILE A 20 6.22 -4.48 -9.14
N ASN A 21 7.24 -4.99 -9.80
CA ASN A 21 8.35 -4.16 -10.27
C ASN A 21 8.29 -3.98 -11.78
N THR A 22 7.64 -2.90 -12.21
CA THR A 22 7.51 -2.59 -13.63
C THR A 22 7.88 -1.14 -13.92
N ASN A 23 8.21 -0.85 -15.17
CA ASN A 23 8.58 0.49 -15.58
C ASN A 23 7.51 1.10 -16.48
N ILE A 24 7.17 2.35 -16.20
CA ILE A 24 6.15 3.05 -16.98
C ILE A 24 6.49 4.53 -17.12
N ASN A 25 5.97 5.15 -18.17
CA ASN A 25 6.23 6.57 -18.42
C ASN A 25 4.91 7.34 -18.54
N THR A 26 4.90 8.56 -17.99
CA THR A 26 3.71 9.40 -18.03
C THR A 26 2.65 8.89 -17.06
N THR A 27 2.07 7.74 -17.37
CA THR A 27 1.04 7.15 -16.53
C THR A 27 1.53 5.83 -15.92
N VAL A 28 2.24 5.92 -14.80
CA VAL A 28 2.75 4.74 -14.13
C VAL A 28 1.76 4.23 -13.08
N SER A 29 0.83 3.39 -13.51
CA SER A 29 -0.18 2.84 -12.63
C SER A 29 0.05 1.35 -12.41
N LYS A 30 0.31 0.97 -11.16
CA LYS A 30 0.55 -0.43 -10.82
C LYS A 30 -0.44 -0.91 -9.77
N GLN A 31 -0.97 -2.12 -9.97
CA GLN A 31 -1.93 -2.69 -9.04
C GLN A 31 -1.28 -3.74 -8.15
N PHE A 32 -1.22 -3.47 -6.85
CA PHE A 32 -0.62 -4.39 -5.90
C PHE A 32 -1.69 -5.14 -5.12
N PHE A 33 -1.26 -5.93 -4.13
CA PHE A 33 -2.18 -6.71 -3.31
C PHE A 33 -1.74 -6.69 -1.84
N ALA A 34 -2.72 -6.60 -0.94
CA ALA A 34 -2.43 -6.58 0.48
C ALA A 34 -3.45 -7.41 1.26
N VAL A 35 -2.97 -8.45 1.94
CA VAL A 35 -3.84 -9.32 2.72
C VAL A 35 -3.32 -9.47 4.14
N GLY A 36 -4.24 -9.47 5.11
CA GLY A 36 -3.85 -9.62 6.49
C GLY A 36 -4.50 -10.83 7.15
N THR A 37 -3.69 -11.61 7.86
CA THR A 37 -4.19 -12.80 8.54
C THR A 37 -4.09 -12.65 10.05
N TYR A 38 -5.24 -12.69 10.72
CA TYR A 38 -5.30 -12.56 12.17
C TYR A 38 -4.86 -13.85 12.85
N SER A 39 -4.06 -13.72 13.90
CA SER A 39 -3.57 -14.88 14.64
C SER A 39 -4.68 -15.50 15.48
N ASP A 40 -5.77 -14.75 15.65
CA ASP A 40 -6.91 -15.22 16.43
C ASP A 40 -7.64 -16.35 15.70
N GLY A 41 -7.28 -16.57 14.44
CA GLY A 41 -7.91 -17.61 13.66
C GLY A 41 -8.83 -17.07 12.59
N THR A 42 -8.51 -15.89 12.07
CA THR A 42 -9.32 -15.26 11.04
C THR A 42 -8.46 -14.79 9.87
N LYS A 43 -9.11 -14.40 8.78
CA LYS A 43 -8.41 -13.94 7.59
C LYS A 43 -9.22 -12.86 6.87
N ALA A 44 -8.58 -11.73 6.60
CA ALA A 44 -9.23 -10.63 5.90
C ALA A 44 -8.25 -9.85 5.04
N ASP A 45 -8.66 -9.54 3.81
CA ASP A 45 -7.81 -8.80 2.89
C ASP A 45 -8.17 -7.32 2.90
N LEU A 46 -7.35 -6.52 3.57
CA LEU A 46 -7.58 -5.08 3.66
C LEU A 46 -6.34 -4.31 3.20
N THR A 47 -6.53 -3.44 2.21
CA THR A 47 -5.44 -2.64 1.68
C THR A 47 -5.39 -1.27 2.35
N SER A 48 -6.52 -0.85 2.91
CA SER A 48 -6.61 0.44 3.58
C SER A 48 -5.98 0.38 4.97
N SER A 49 -5.98 -0.81 5.56
CA SER A 49 -5.41 -1.00 6.89
C SER A 49 -3.92 -0.72 6.89
N VAL A 50 -3.22 -1.21 5.87
CA VAL A 50 -1.78 -1.01 5.76
C VAL A 50 -1.46 0.43 5.36
N THR A 51 -0.37 0.95 5.89
CA THR A 51 0.06 2.32 5.60
C THR A 51 1.09 2.34 4.47
N TRP A 52 0.87 3.21 3.49
CA TRP A 52 1.77 3.33 2.36
C TRP A 52 2.44 4.70 2.35
N SER A 53 3.77 4.70 2.28
CA SER A 53 4.54 5.95 2.26
C SER A 53 5.71 5.85 1.30
N SER A 54 5.83 6.83 0.41
CA SER A 54 6.91 6.86 -0.56
C SER A 54 7.79 8.09 -0.38
N SER A 55 9.04 7.99 -0.79
CA SER A 55 9.98 9.11 -0.68
C SER A 55 9.40 10.38 -1.29
N ASN A 56 9.38 10.43 -2.62
CA ASN A 56 8.86 11.59 -3.32
C ASN A 56 7.37 11.77 -3.05
N GLN A 57 7.03 12.85 -2.35
CA GLN A 57 5.63 13.13 -2.02
C GLN A 57 4.84 13.53 -3.25
N SER A 58 5.57 13.78 -4.36
CA SER A 58 4.94 14.18 -5.60
C SER A 58 4.33 12.96 -6.32
N GLN A 59 5.10 11.88 -6.38
CA GLN A 59 4.65 10.66 -7.03
C GLN A 59 4.11 9.66 -6.01
N ALA A 60 4.16 10.04 -4.73
CA ALA A 60 3.68 9.19 -3.66
C ALA A 60 2.15 9.15 -3.63
N LYS A 61 1.57 8.42 -4.58
CA LYS A 61 0.11 8.30 -4.67
C LYS A 61 -0.32 6.84 -4.51
N VAL A 62 -1.39 6.63 -3.74
CA VAL A 62 -1.92 5.29 -3.52
C VAL A 62 -3.44 5.27 -3.54
N SER A 63 -4.01 4.12 -3.90
CA SER A 63 -5.46 3.99 -3.96
C SER A 63 -5.94 2.87 -3.05
N ASN A 64 -5.67 3.03 -1.75
CA ASN A 64 -6.08 2.03 -0.76
C ASN A 64 -7.34 2.48 -0.03
N ALA A 65 -8.49 2.02 -0.53
CA ALA A 65 -9.77 2.38 0.08
C ALA A 65 -10.90 1.54 -0.51
N SER A 66 -10.82 1.29 -1.81
CA SER A 66 -11.85 0.51 -2.50
C SER A 66 -12.12 -0.80 -1.76
N GLU A 67 -11.05 -1.52 -1.42
CA GLU A 67 -11.19 -2.78 -0.71
C GLU A 67 -9.82 -3.43 -0.50
N THR A 68 -9.30 -4.05 -1.57
CA THR A 68 -7.99 -4.70 -1.49
C THR A 68 -7.12 -4.30 -2.67
N LYS A 69 -7.37 -3.12 -3.22
CA LYS A 69 -6.60 -2.61 -4.35
C LYS A 69 -5.16 -2.37 -3.95
N GLY A 70 -4.89 -1.19 -3.38
CA GLY A 70 -3.54 -0.86 -2.96
C GLY A 70 -2.71 -0.29 -4.09
N LEU A 71 -3.27 -0.28 -5.29
CA LEU A 71 -2.57 0.24 -6.45
C LEU A 71 -1.95 1.61 -6.16
N VAL A 72 -0.90 1.96 -6.89
CA VAL A 72 -0.23 3.24 -6.71
C VAL A 72 0.06 3.90 -8.05
N THR A 73 0.12 5.23 -8.04
CA THR A 73 0.39 5.99 -9.26
C THR A 73 1.46 7.05 -9.02
N GLY A 74 2.20 7.39 -10.07
CA GLY A 74 3.24 8.39 -9.95
C GLY A 74 2.97 9.61 -10.80
N ILE A 75 3.58 10.73 -10.44
CA ILE A 75 3.39 11.97 -11.17
C ILE A 75 4.69 12.44 -11.81
N ALA A 76 5.78 12.37 -11.04
CA ALA A 76 7.09 12.78 -11.54
C ALA A 76 7.96 11.56 -11.85
N SER A 77 9.15 11.82 -12.38
CA SER A 77 10.07 10.74 -12.75
C SER A 77 10.99 10.41 -11.57
N GLY A 78 12.01 9.61 -11.85
CA GLY A 78 12.96 9.23 -10.80
C GLY A 78 12.82 7.78 -10.40
N ASN A 79 13.32 7.44 -9.21
CA ASN A 79 13.25 6.08 -8.71
C ASN A 79 12.62 6.05 -7.32
N PRO A 80 11.32 6.38 -7.24
CA PRO A 80 10.58 6.39 -5.98
C PRO A 80 10.34 5.00 -5.44
N THR A 81 10.45 4.85 -4.12
CA THR A 81 10.25 3.56 -3.47
C THR A 81 9.07 3.61 -2.51
N ILE A 82 8.12 2.70 -2.71
CA ILE A 82 6.94 2.64 -1.85
C ILE A 82 7.14 1.67 -0.70
N ILE A 83 6.81 2.10 0.51
CA ILE A 83 6.96 1.28 1.70
C ILE A 83 5.60 1.00 2.34
N ALA A 84 5.35 -0.27 2.67
CA ALA A 84 4.10 -0.67 3.29
C ALA A 84 4.33 -1.19 4.70
N THR A 85 3.58 -0.67 5.65
CA THR A 85 3.70 -1.07 7.05
C THR A 85 2.36 -1.53 7.62
N TYR A 86 2.30 -2.77 8.08
CA TYR A 86 1.08 -3.32 8.65
C TYR A 86 1.39 -4.42 9.65
N GLY A 87 1.09 -4.16 10.92
CA GLY A 87 1.34 -5.14 11.96
C GLY A 87 2.82 -5.37 12.19
N SER A 88 3.22 -6.64 12.15
CA SER A 88 4.62 -7.00 12.36
C SER A 88 5.31 -7.32 11.03
N VAL A 89 4.59 -7.09 9.94
CA VAL A 89 5.12 -7.35 8.61
C VAL A 89 5.02 -6.11 7.73
N SER A 90 6.03 -5.92 6.88
CA SER A 90 6.06 -4.77 5.97
C SER A 90 6.57 -5.17 4.60
N GLY A 91 6.14 -4.43 3.58
CA GLY A 91 6.56 -4.73 2.22
C GLY A 91 7.13 -3.52 1.52
N ASN A 92 7.42 -3.67 0.23
CA ASN A 92 7.98 -2.58 -0.56
C ASN A 92 7.76 -2.82 -2.05
N THR A 93 7.56 -1.73 -2.79
CA THR A 93 7.34 -1.82 -4.24
C THR A 93 8.21 -0.81 -4.99
N ILE A 94 8.83 -1.27 -6.07
CA ILE A 94 9.69 -0.41 -6.88
C ILE A 94 9.04 -0.10 -8.22
N LEU A 95 8.98 1.19 -8.55
CA LEU A 95 8.38 1.62 -9.80
C LEU A 95 9.29 2.62 -10.53
N THR A 96 9.48 2.41 -11.82
CA THR A 96 10.32 3.29 -12.62
C THR A 96 9.50 4.36 -13.33
N VAL A 97 9.73 5.61 -12.96
CA VAL A 97 9.01 6.73 -13.55
C VAL A 97 9.95 7.63 -14.36
N ASN A 98 9.57 7.90 -15.60
CA ASN A 98 10.38 8.74 -16.47
C ASN A 98 9.61 9.99 -16.88
N LYS A 99 8.60 10.34 -16.10
CA LYS A 99 7.79 11.52 -16.38
C LYS A 99 8.60 12.80 -16.20
N THR A 100 9.08 13.35 -17.31
CA THR A 100 9.87 14.57 -17.27
C THR A 100 9.14 15.68 -16.54
N ASP A 101 7.85 15.81 -16.81
CA ASP A 101 7.03 16.83 -16.17
C ASP A 101 6.84 16.53 -14.69
N THR A 102 6.61 17.58 -13.90
CA THR A 102 6.41 17.44 -12.47
C THR A 102 5.21 18.24 -11.99
N GLU A 1 -3.55 7.03 3.44
CA GLU A 1 -4.05 7.44 4.75
C GLU A 1 -3.35 8.71 5.24
N ASN A 2 -4.14 9.72 5.56
CA ASN A 2 -3.59 10.99 6.04
C ASN A 2 -3.09 10.86 7.47
N ILE A 3 -4.01 10.64 8.40
CA ILE A 3 -3.66 10.50 9.81
C ILE A 3 -4.45 9.38 10.47
N ASP A 4 -3.78 8.59 11.28
CA ASP A 4 -4.42 7.48 11.98
C ASP A 4 -5.68 7.95 12.72
N ILE A 5 -6.84 7.47 12.28
CA ILE A 5 -8.10 7.85 12.90
C ILE A 5 -8.27 7.18 14.26
N THR A 6 -8.46 5.86 14.24
CA THR A 6 -8.64 5.11 15.47
C THR A 6 -7.85 3.80 15.43
N VAL A 7 -7.88 3.06 16.54
CA VAL A 7 -7.16 1.79 16.62
C VAL A 7 -8.11 0.66 17.03
N SER A 8 -8.81 0.11 16.05
CA SER A 8 -9.75 -0.99 16.31
C SER A 8 -9.07 -2.12 17.07
N ALA A 9 -9.87 -2.99 17.66
CA ALA A 9 -9.35 -4.12 18.42
C ALA A 9 -9.03 -5.30 17.49
N ALA A 10 -7.74 -5.49 17.22
CA ALA A 10 -7.30 -6.58 16.35
C ALA A 10 -6.01 -7.21 16.88
N THR A 11 -5.99 -8.53 16.93
CA THR A 11 -4.81 -9.26 17.41
C THR A 11 -3.90 -9.64 16.26
N LEU A 12 -3.34 -8.64 15.58
CA LEU A 12 -2.45 -8.87 14.45
C LEU A 12 -1.19 -9.60 14.90
N SER A 13 -0.97 -10.80 14.37
CA SER A 13 0.20 -11.60 14.71
C SER A 13 1.15 -11.71 13.52
N SER A 14 0.59 -12.00 12.36
CA SER A 14 1.39 -12.14 11.15
C SER A 14 0.63 -11.63 9.93
N ILE A 15 1.37 -11.10 8.95
CA ILE A 15 0.77 -10.57 7.74
C ILE A 15 1.58 -10.98 6.50
N SER A 16 0.89 -11.11 5.38
CA SER A 16 1.55 -11.49 4.13
C SER A 16 1.15 -10.55 3.00
N ILE A 17 2.14 -9.87 2.43
CA ILE A 17 1.89 -8.93 1.33
C ILE A 17 2.39 -9.50 0.00
N SER A 18 1.67 -9.21 -1.07
CA SER A 18 2.05 -9.68 -2.39
C SER A 18 2.20 -8.52 -3.37
N PRO A 19 3.28 -7.74 -3.18
CA PRO A 19 3.57 -6.58 -4.03
C PRO A 19 3.98 -6.99 -5.45
N ILE A 20 3.90 -6.03 -6.37
CA ILE A 20 4.26 -6.30 -7.76
C ILE A 20 5.09 -5.15 -8.34
N ASN A 21 6.13 -5.50 -9.08
CA ASN A 21 7.01 -4.49 -9.69
C ASN A 21 6.56 -4.17 -11.11
N THR A 22 5.93 -3.01 -11.26
CA THR A 22 5.44 -2.58 -12.57
C THR A 22 5.87 -1.15 -12.87
N ASN A 23 5.89 -0.79 -14.15
CA ASN A 23 6.28 0.54 -14.58
C ASN A 23 5.07 1.35 -15.04
N ILE A 24 5.02 2.62 -14.65
CA ILE A 24 3.92 3.50 -15.03
C ILE A 24 4.42 4.81 -15.61
N ASN A 25 3.60 5.44 -16.43
CA ASN A 25 3.98 6.72 -17.05
C ASN A 25 2.74 7.57 -17.31
N THR A 26 2.90 8.89 -17.16
CA THR A 26 1.80 9.82 -17.38
C THR A 26 0.79 9.74 -16.24
N THR A 27 0.08 8.62 -16.15
CA THR A 27 -0.92 8.43 -15.11
C THR A 27 -1.48 7.01 -15.14
N VAL A 28 -1.04 6.19 -14.20
CA VAL A 28 -1.51 4.80 -14.12
C VAL A 28 -1.66 4.36 -12.67
N SER A 29 -2.51 3.36 -12.46
CA SER A 29 -2.75 2.84 -11.11
C SER A 29 -2.15 1.44 -10.96
N LYS A 30 -1.40 1.24 -9.87
CA LYS A 30 -0.77 -0.04 -9.60
C LYS A 30 -1.61 -0.86 -8.62
N GLN A 31 -2.09 -2.01 -9.09
CA GLN A 31 -2.91 -2.88 -8.24
C GLN A 31 -2.03 -3.75 -7.34
N PHE A 32 -2.18 -3.58 -6.03
CA PHE A 32 -1.40 -4.33 -5.07
C PHE A 32 -2.31 -5.21 -4.20
N PHE A 33 -1.76 -6.32 -3.71
CA PHE A 33 -2.52 -7.23 -2.86
C PHE A 33 -1.93 -7.30 -1.46
N ALA A 34 -2.79 -7.33 -0.46
CA ALA A 34 -2.35 -7.40 0.92
C ALA A 34 -3.28 -8.27 1.76
N VAL A 35 -2.76 -9.41 2.23
CA VAL A 35 -3.54 -10.34 3.02
C VAL A 35 -3.09 -10.31 4.48
N GLY A 36 -4.06 -10.32 5.39
CA GLY A 36 -3.75 -10.30 6.81
C GLY A 36 -4.20 -11.55 7.52
N THR A 37 -3.36 -12.05 8.43
CA THR A 37 -3.69 -13.26 9.19
C THR A 37 -3.88 -12.95 10.67
N TYR A 38 -5.08 -13.19 11.17
CA TYR A 38 -5.39 -12.94 12.57
C TYR A 38 -4.78 -14.02 13.47
N SER A 39 -4.36 -13.62 14.66
CA SER A 39 -3.76 -14.54 15.61
C SER A 39 -4.76 -15.61 16.03
N ASP A 40 -6.04 -15.36 15.78
CA ASP A 40 -7.09 -16.29 16.14
C ASP A 40 -7.03 -17.55 15.26
N GLY A 41 -6.20 -17.49 14.22
CA GLY A 41 -6.07 -18.63 13.32
C GLY A 41 -6.90 -18.48 12.07
N THR A 42 -7.00 -17.25 11.56
CA THR A 42 -7.76 -16.98 10.36
C THR A 42 -6.96 -16.16 9.35
N LYS A 43 -7.47 -16.04 8.14
CA LYS A 43 -6.80 -15.28 7.08
C LYS A 43 -7.81 -14.64 6.14
N ALA A 44 -7.62 -13.36 5.87
CA ALA A 44 -8.52 -12.63 4.97
C ALA A 44 -7.78 -11.50 4.27
N ASP A 45 -8.11 -11.29 3.00
CA ASP A 45 -7.48 -10.23 2.21
C ASP A 45 -7.88 -8.86 2.73
N LEU A 46 -6.98 -8.23 3.48
CA LEU A 46 -7.24 -6.91 4.04
C LEU A 46 -6.14 -5.93 3.65
N THR A 47 -6.51 -4.90 2.88
CA THR A 47 -5.55 -3.90 2.44
C THR A 47 -5.96 -2.51 2.91
N SER A 48 -7.20 -2.39 3.38
CA SER A 48 -7.73 -1.11 3.86
C SER A 48 -7.23 -0.82 5.27
N SER A 49 -6.92 -1.88 6.02
CA SER A 49 -6.44 -1.74 7.39
C SER A 49 -4.97 -1.34 7.41
N VAL A 50 -4.17 -1.99 6.56
CA VAL A 50 -2.75 -1.70 6.48
C VAL A 50 -2.50 -0.23 6.11
N THR A 51 -1.33 0.26 6.48
CA THR A 51 -0.97 1.66 6.19
C THR A 51 -0.03 1.74 4.99
N TRP A 52 -0.28 2.70 4.12
CA TRP A 52 0.56 2.90 2.93
C TRP A 52 1.25 4.26 2.97
N SER A 53 2.55 4.25 2.68
CA SER A 53 3.33 5.48 2.68
C SER A 53 4.29 5.52 1.51
N SER A 54 4.71 6.72 1.13
CA SER A 54 5.64 6.89 0.00
C SER A 54 6.66 7.98 0.31
N SER A 55 7.81 7.90 -0.35
CA SER A 55 8.89 8.87 -0.15
C SER A 55 8.34 10.29 -0.22
N ASN A 56 7.67 10.61 -1.32
CA ASN A 56 7.10 11.93 -1.51
C ASN A 56 5.57 11.89 -1.47
N GLN A 57 4.97 12.90 -0.85
CA GLN A 57 3.51 12.97 -0.74
C GLN A 57 2.88 13.25 -2.10
N SER A 58 3.72 13.58 -3.08
CA SER A 58 3.23 13.88 -4.42
C SER A 58 2.64 12.64 -5.07
N GLN A 59 3.37 11.52 -4.98
CA GLN A 59 2.92 10.26 -5.56
C GLN A 59 2.29 9.36 -4.49
N ALA A 60 2.33 9.83 -3.24
CA ALA A 60 1.76 9.07 -2.13
C ALA A 60 0.25 9.06 -2.19
N LYS A 61 -0.31 8.26 -3.09
CA LYS A 61 -1.76 8.16 -3.24
C LYS A 61 -2.20 6.70 -3.25
N VAL A 62 -3.29 6.41 -2.55
CA VAL A 62 -3.83 5.06 -2.49
C VAL A 62 -5.35 5.07 -2.41
N SER A 63 -5.96 3.95 -2.78
CA SER A 63 -7.41 3.82 -2.76
C SER A 63 -7.84 2.61 -1.94
N ASN A 64 -7.13 2.36 -0.85
CA ASN A 64 -7.43 1.22 0.02
C ASN A 64 -8.59 1.55 0.96
N ALA A 65 -9.67 0.80 0.85
CA ALA A 65 -10.85 1.01 1.69
C ALA A 65 -11.95 0.00 1.37
N SER A 66 -12.06 -0.36 0.09
CA SER A 66 -13.06 -1.31 -0.36
C SER A 66 -12.88 -2.66 0.32
N GLU A 67 -11.64 -3.15 0.33
CA GLU A 67 -11.33 -4.44 0.94
C GLU A 67 -9.85 -4.77 0.76
N THR A 68 -9.47 -5.17 -0.45
CA THR A 68 -8.09 -5.53 -0.75
C THR A 68 -7.60 -4.79 -1.98
N LYS A 69 -8.17 -3.64 -2.26
CA LYS A 69 -7.79 -2.83 -3.42
C LYS A 69 -6.27 -2.66 -3.48
N GLY A 70 -5.77 -1.67 -2.73
CA GLY A 70 -4.34 -1.42 -2.71
C GLY A 70 -3.89 -0.56 -3.88
N LEU A 71 -4.81 -0.27 -4.79
CA LEU A 71 -4.50 0.55 -5.96
C LEU A 71 -3.78 1.84 -5.54
N VAL A 72 -2.63 2.08 -6.16
CA VAL A 72 -1.86 3.28 -5.85
C VAL A 72 -1.70 4.16 -7.09
N THR A 73 -1.61 5.48 -6.87
CA THR A 73 -1.48 6.43 -7.95
C THR A 73 -0.36 7.42 -7.67
N GLY A 74 0.26 7.92 -8.74
CA GLY A 74 1.34 8.88 -8.58
C GLY A 74 1.07 10.18 -9.32
N ILE A 75 1.81 11.23 -8.95
CA ILE A 75 1.64 12.54 -9.59
C ILE A 75 2.91 12.95 -10.33
N ALA A 76 4.06 12.77 -9.68
CA ALA A 76 5.34 13.13 -10.28
C ALA A 76 6.19 11.88 -10.50
N SER A 77 7.34 12.07 -11.15
CA SER A 77 8.24 10.97 -11.44
C SER A 77 9.25 10.79 -10.31
N GLY A 78 10.29 9.99 -10.56
CA GLY A 78 11.31 9.75 -9.56
C GLY A 78 11.32 8.31 -9.08
N ASN A 79 11.80 8.10 -7.86
CA ASN A 79 11.87 6.76 -7.28
C ASN A 79 11.00 6.66 -6.03
N PRO A 80 9.68 6.76 -6.22
CA PRO A 80 8.72 6.68 -5.12
C PRO A 80 8.62 5.27 -4.53
N THR A 81 9.35 5.04 -3.43
CA THR A 81 9.35 3.74 -2.78
C THR A 81 8.06 3.52 -2.00
N ILE A 82 7.43 2.37 -2.21
CA ILE A 82 6.19 2.04 -1.52
C ILE A 82 6.47 1.27 -0.23
N ILE A 83 6.11 1.87 0.90
CA ILE A 83 6.32 1.23 2.19
C ILE A 83 4.99 0.98 2.90
N ALA A 84 4.76 -0.28 3.27
CA ALA A 84 3.53 -0.66 3.95
C ALA A 84 3.81 -1.09 5.39
N THR A 85 2.96 -0.66 6.30
CA THR A 85 3.11 -0.99 7.72
C THR A 85 1.84 -1.62 8.28
N TYR A 86 1.99 -2.82 8.85
CA TYR A 86 0.85 -3.54 9.42
C TYR A 86 1.30 -4.48 10.53
N GLY A 87 1.06 -4.08 11.77
CA GLY A 87 1.44 -4.90 12.91
C GLY A 87 2.94 -5.06 13.02
N SER A 88 3.40 -6.31 13.14
CA SER A 88 4.82 -6.60 13.26
C SER A 88 5.42 -6.94 11.90
N VAL A 89 4.61 -6.82 10.86
CA VAL A 89 5.06 -7.12 9.50
C VAL A 89 4.93 -5.89 8.60
N SER A 90 5.87 -5.76 7.66
CA SER A 90 5.86 -4.63 6.74
C SER A 90 6.09 -5.10 5.31
N GLY A 91 5.60 -4.31 4.35
CA GLY A 91 5.76 -4.66 2.95
C GLY A 91 6.52 -3.61 2.17
N ASN A 92 6.93 -3.95 0.96
CA ASN A 92 7.67 -3.02 0.11
C ASN A 92 7.34 -3.25 -1.36
N THR A 93 7.12 -2.17 -2.09
CA THR A 93 6.80 -2.24 -3.51
C THR A 93 7.56 -1.20 -4.31
N ILE A 94 8.00 -1.59 -5.50
CA ILE A 94 8.75 -0.67 -6.37
C ILE A 94 7.89 -0.20 -7.54
N LEU A 95 7.84 1.12 -7.72
CA LEU A 95 7.05 1.71 -8.81
C LEU A 95 7.91 2.62 -9.66
N THR A 96 7.90 2.39 -10.97
CA THR A 96 8.68 3.19 -11.90
C THR A 96 7.83 4.31 -12.51
N VAL A 97 8.11 5.55 -12.10
CA VAL A 97 7.38 6.69 -12.61
C VAL A 97 8.29 7.63 -13.40
N ASN A 98 7.86 7.98 -14.61
CA ASN A 98 8.64 8.85 -15.47
C ASN A 98 7.78 10.02 -15.97
N LYS A 99 7.03 10.62 -15.06
CA LYS A 99 6.17 11.75 -15.41
C LYS A 99 7.00 12.96 -15.82
N THR A 100 6.65 13.55 -16.96
CA THR A 100 7.36 14.72 -17.46
C THR A 100 7.24 15.89 -16.50
N ASP A 101 6.04 16.13 -16.00
CA ASP A 101 5.80 17.21 -15.07
C ASP A 101 6.39 16.90 -13.69
N THR A 102 7.23 17.80 -13.19
CA THR A 102 7.86 17.62 -11.89
C THR A 102 6.91 17.99 -10.76
N GLU A 1 -2.78 7.16 6.37
CA GLU A 1 -3.42 7.32 7.67
C GLU A 1 -4.92 7.58 7.50
N ASN A 2 -5.74 6.78 8.18
CA ASN A 2 -7.19 6.93 8.10
C ASN A 2 -7.68 8.03 9.05
N ILE A 3 -6.96 8.21 10.15
CA ILE A 3 -7.31 9.23 11.13
C ILE A 3 -8.68 8.93 11.76
N ASP A 4 -8.66 8.49 13.01
CA ASP A 4 -9.89 8.17 13.72
C ASP A 4 -10.67 7.09 13.00
N ILE A 5 -10.45 5.84 13.39
CA ILE A 5 -11.14 4.71 12.78
C ILE A 5 -11.97 3.94 13.80
N THR A 6 -13.03 3.29 13.34
CA THR A 6 -13.90 2.52 14.22
C THR A 6 -13.54 1.05 14.19
N VAL A 7 -12.29 0.74 13.86
CA VAL A 7 -11.82 -0.63 13.81
C VAL A 7 -11.69 -1.23 15.20
N SER A 8 -12.48 -2.27 15.46
CA SER A 8 -12.46 -2.94 16.76
C SER A 8 -11.16 -3.72 16.95
N ALA A 9 -10.56 -4.14 15.85
CA ALA A 9 -9.32 -4.89 15.88
C ALA A 9 -9.51 -6.24 16.59
N ALA A 10 -8.42 -6.96 16.79
CA ALA A 10 -8.47 -8.25 17.46
C ALA A 10 -7.10 -8.65 18.00
N THR A 11 -6.19 -9.00 17.11
CA THR A 11 -4.85 -9.40 17.50
C THR A 11 -3.96 -9.66 16.28
N LEU A 12 -2.98 -8.79 16.08
CA LEU A 12 -2.07 -8.91 14.95
C LEU A 12 -0.80 -9.66 15.34
N SER A 13 -0.56 -10.80 14.70
CA SER A 13 0.62 -11.61 15.00
C SER A 13 1.60 -11.58 13.82
N SER A 14 1.07 -11.77 12.62
CA SER A 14 1.89 -11.78 11.42
C SER A 14 1.10 -11.30 10.21
N ILE A 15 1.79 -10.66 9.27
CA ILE A 15 1.15 -10.16 8.06
C ILE A 15 1.88 -10.63 6.81
N SER A 16 1.15 -10.72 5.70
CA SER A 16 1.73 -11.16 4.43
C SER A 16 1.44 -10.15 3.32
N ILE A 17 2.47 -9.85 2.53
CA ILE A 17 2.34 -8.91 1.44
C ILE A 17 2.65 -9.56 0.10
N SER A 18 1.90 -9.18 -0.93
CA SER A 18 2.11 -9.74 -2.26
C SER A 18 2.31 -8.62 -3.29
N PRO A 19 3.44 -7.91 -3.20
CA PRO A 19 3.77 -6.82 -4.10
C PRO A 19 4.09 -7.30 -5.51
N ILE A 20 3.91 -6.42 -6.50
CA ILE A 20 4.18 -6.77 -7.88
C ILE A 20 4.94 -5.65 -8.59
N ASN A 21 6.09 -5.99 -9.15
CA ASN A 21 6.92 -5.01 -9.86
C ASN A 21 6.36 -4.75 -11.25
N THR A 22 5.74 -3.58 -11.43
CA THR A 22 5.17 -3.20 -12.71
C THR A 22 5.62 -1.80 -13.12
N ASN A 23 5.54 -1.51 -14.41
CA ASN A 23 5.93 -0.20 -14.93
C ASN A 23 4.74 0.50 -15.58
N ILE A 24 4.63 1.80 -15.33
CA ILE A 24 3.54 2.60 -15.87
C ILE A 24 4.03 3.97 -16.30
N ASN A 25 3.32 4.58 -17.25
CA ASN A 25 3.68 5.91 -17.74
C ASN A 25 2.45 6.80 -17.85
N THR A 26 2.67 8.10 -17.99
CA THR A 26 1.59 9.06 -18.10
C THR A 26 0.78 9.14 -16.81
N THR A 27 1.47 8.96 -15.69
CA THR A 27 0.82 9.00 -14.38
C THR A 27 -0.23 7.91 -14.25
N VAL A 28 0.11 6.87 -13.48
CA VAL A 28 -0.80 5.75 -13.27
C VAL A 28 -0.69 5.21 -11.85
N SER A 29 -1.75 4.57 -11.38
CA SER A 29 -1.76 4.00 -10.04
C SER A 29 -1.51 2.49 -10.07
N LYS A 30 -0.74 2.00 -9.10
CA LYS A 30 -0.43 0.58 -9.02
C LYS A 30 -1.13 -0.07 -7.84
N GLN A 31 -1.92 -1.11 -8.13
CA GLN A 31 -2.65 -1.82 -7.09
C GLN A 31 -1.88 -3.05 -6.63
N PHE A 32 -1.57 -3.10 -5.34
CA PHE A 32 -0.82 -4.23 -4.77
C PHE A 32 -1.76 -5.13 -3.97
N PHE A 33 -1.18 -6.14 -3.33
CA PHE A 33 -1.95 -7.09 -2.53
C PHE A 33 -1.53 -7.04 -1.07
N ALA A 34 -2.51 -7.11 -0.17
CA ALA A 34 -2.23 -7.07 1.26
C ALA A 34 -3.15 -8.03 2.01
N VAL A 35 -2.54 -8.94 2.78
CA VAL A 35 -3.30 -9.91 3.55
C VAL A 35 -2.85 -9.93 5.01
N GLY A 36 -3.81 -10.03 5.92
CA GLY A 36 -3.49 -10.05 7.33
C GLY A 36 -4.03 -11.29 8.03
N THR A 37 -3.19 -11.91 8.85
CA THR A 37 -3.58 -13.12 9.58
C THR A 37 -3.65 -12.86 11.09
N TYR A 38 -4.84 -13.01 11.65
CA TYR A 38 -5.03 -12.79 13.08
C TYR A 38 -4.58 -14.01 13.89
N SER A 39 -4.07 -13.77 15.08
CA SER A 39 -3.61 -14.85 15.95
C SER A 39 -4.74 -15.80 16.29
N ASP A 40 -5.97 -15.32 16.14
CA ASP A 40 -7.16 -16.13 16.42
C ASP A 40 -7.32 -17.24 15.39
N GLY A 41 -6.54 -17.16 14.32
CA GLY A 41 -6.62 -18.17 13.28
C GLY A 41 -7.51 -17.74 12.13
N THR A 42 -7.37 -16.50 11.70
CA THR A 42 -8.17 -15.97 10.60
C THR A 42 -7.30 -15.27 9.56
N LYS A 43 -7.88 -15.00 8.40
CA LYS A 43 -7.15 -14.33 7.32
C LYS A 43 -8.08 -13.46 6.50
N ALA A 44 -7.70 -12.20 6.31
CA ALA A 44 -8.50 -11.26 5.53
C ALA A 44 -7.62 -10.39 4.64
N ASP A 45 -7.95 -10.34 3.35
CA ASP A 45 -7.19 -9.54 2.40
C ASP A 45 -7.58 -8.08 2.48
N LEU A 46 -7.10 -7.40 3.51
CA LEU A 46 -7.40 -5.99 3.70
C LEU A 46 -6.13 -5.15 3.68
N THR A 47 -6.09 -4.16 2.80
CA THR A 47 -4.93 -3.28 2.68
C THR A 47 -5.08 -2.04 3.55
N SER A 48 -6.33 -1.68 3.85
CA SER A 48 -6.60 -0.52 4.69
C SER A 48 -6.00 -0.69 6.08
N SER A 49 -5.73 -1.94 6.45
CA SER A 49 -5.16 -2.23 7.75
C SER A 49 -3.68 -1.82 7.81
N VAL A 50 -2.94 -2.15 6.75
CA VAL A 50 -1.53 -1.81 6.67
C VAL A 50 -1.32 -0.35 6.28
N THR A 51 -0.32 0.28 6.88
CA THR A 51 -0.01 1.67 6.59
C THR A 51 0.87 1.81 5.36
N TRP A 52 0.53 2.75 4.48
CA TRP A 52 1.30 2.98 3.26
C TRP A 52 2.11 4.26 3.36
N SER A 53 3.40 4.17 3.04
CA SER A 53 4.29 5.32 3.10
C SER A 53 5.21 5.36 1.88
N SER A 54 5.33 6.53 1.27
CA SER A 54 6.17 6.71 0.09
C SER A 54 7.22 7.79 0.33
N SER A 55 8.33 7.69 -0.38
CA SER A 55 9.41 8.67 -0.25
C SER A 55 8.93 10.07 -0.58
N ASN A 56 8.74 10.33 -1.87
CA ASN A 56 8.27 11.65 -2.32
C ASN A 56 6.82 11.88 -1.90
N GLN A 57 6.59 13.01 -1.24
CA GLN A 57 5.24 13.36 -0.77
C GLN A 57 4.34 13.70 -1.95
N SER A 58 4.93 13.85 -3.13
CA SER A 58 4.18 14.19 -4.33
C SER A 58 3.47 12.96 -4.89
N GLN A 59 4.20 11.84 -4.96
CA GLN A 59 3.64 10.60 -5.47
C GLN A 59 3.19 9.69 -4.33
N ALA A 60 3.39 10.16 -3.10
CA ALA A 60 3.00 9.39 -1.93
C ALA A 60 1.50 9.45 -1.69
N LYS A 61 0.73 8.99 -2.68
CA LYS A 61 -0.72 8.99 -2.58
C LYS A 61 -1.28 7.58 -2.67
N VAL A 62 -2.27 7.29 -1.82
CA VAL A 62 -2.89 5.97 -1.81
C VAL A 62 -4.35 6.05 -1.40
N SER A 63 -5.15 5.09 -1.84
CA SER A 63 -6.57 5.05 -1.53
C SER A 63 -6.98 3.67 -1.03
N ASN A 64 -6.75 3.42 0.26
CA ASN A 64 -7.10 2.14 0.86
C ASN A 64 -8.16 2.32 1.93
N ALA A 65 -9.26 1.58 1.80
CA ALA A 65 -10.36 1.65 2.76
C ALA A 65 -11.50 0.73 2.36
N SER A 66 -11.70 0.57 1.06
CA SER A 66 -12.77 -0.29 0.55
C SER A 66 -12.53 -1.74 0.94
N GLU A 67 -11.33 -2.24 0.65
CA GLU A 67 -10.97 -3.61 0.97
C GLU A 67 -9.64 -3.98 0.34
N THR A 68 -9.65 -4.24 -0.96
CA THR A 68 -8.43 -4.60 -1.68
C THR A 68 -7.80 -3.39 -2.35
N LYS A 69 -8.37 -2.22 -2.10
CA LYS A 69 -7.86 -0.98 -2.68
C LYS A 69 -6.45 -0.69 -2.19
N GLY A 70 -6.06 0.59 -2.23
CA GLY A 70 -4.73 0.97 -1.78
C GLY A 70 -3.83 1.40 -2.92
N LEU A 71 -4.35 1.29 -4.14
CA LEU A 71 -3.58 1.67 -5.33
C LEU A 71 -2.80 2.96 -5.09
N VAL A 72 -1.50 2.90 -5.28
CA VAL A 72 -0.63 4.06 -5.09
C VAL A 72 -0.45 4.84 -6.39
N THR A 73 -0.83 6.11 -6.37
CA THR A 73 -0.71 6.96 -7.55
C THR A 73 0.45 7.94 -7.41
N GLY A 74 1.08 8.28 -8.53
CA GLY A 74 2.19 9.21 -8.50
C GLY A 74 1.92 10.46 -9.31
N ILE A 75 2.51 11.57 -8.90
CA ILE A 75 2.33 12.84 -9.59
C ILE A 75 3.50 13.13 -10.53
N ALA A 76 4.72 12.91 -10.03
CA ALA A 76 5.92 13.14 -10.82
C ALA A 76 6.78 11.89 -10.89
N SER A 77 7.61 11.79 -11.93
CA SER A 77 8.47 10.64 -12.12
C SER A 77 9.46 10.52 -10.95
N GLY A 78 10.44 9.63 -11.10
CA GLY A 78 11.44 9.43 -10.06
C GLY A 78 11.44 8.01 -9.54
N ASN A 79 11.46 7.86 -8.22
CA ASN A 79 11.47 6.55 -7.59
C ASN A 79 10.41 6.45 -6.51
N PRO A 80 9.14 6.34 -6.94
CA PRO A 80 7.99 6.23 -6.03
C PRO A 80 7.97 4.90 -5.29
N THR A 81 8.80 4.77 -4.26
CA THR A 81 8.87 3.55 -3.49
C THR A 81 7.70 3.44 -2.52
N ILE A 82 6.96 2.34 -2.61
CA ILE A 82 5.81 2.11 -1.74
C ILE A 82 6.13 1.08 -0.66
N ILE A 83 6.15 1.54 0.59
CA ILE A 83 6.43 0.64 1.72
C ILE A 83 5.20 0.44 2.59
N ALA A 84 4.94 -0.80 2.96
CA ALA A 84 3.78 -1.13 3.79
C ALA A 84 4.23 -1.64 5.16
N THR A 85 3.64 -1.07 6.21
CA THR A 85 3.98 -1.47 7.57
C THR A 85 2.73 -1.88 8.35
N TYR A 86 2.73 -3.11 8.84
CA TYR A 86 1.60 -3.63 9.60
C TYR A 86 2.04 -4.73 10.56
N GLY A 87 2.07 -4.41 11.85
CA GLY A 87 2.48 -5.38 12.85
C GLY A 87 3.99 -5.59 12.88
N SER A 88 4.41 -6.84 12.74
CA SER A 88 5.82 -7.18 12.75
C SER A 88 6.32 -7.52 11.35
N VAL A 89 5.45 -7.34 10.36
CA VAL A 89 5.78 -7.64 8.97
C VAL A 89 5.54 -6.42 8.08
N SER A 90 6.40 -6.24 7.09
CA SER A 90 6.28 -5.11 6.17
C SER A 90 6.60 -5.54 4.74
N GLY A 91 6.06 -4.82 3.77
CA GLY A 91 6.30 -5.14 2.37
C GLY A 91 6.94 -3.99 1.62
N ASN A 92 7.47 -4.29 0.43
CA ASN A 92 8.12 -3.27 -0.39
C ASN A 92 7.78 -3.47 -1.86
N THR A 93 7.36 -2.39 -2.52
CA THR A 93 7.00 -2.44 -3.93
C THR A 93 7.58 -1.25 -4.69
N ILE A 94 8.18 -1.52 -5.84
CA ILE A 94 8.77 -0.46 -6.66
C ILE A 94 8.00 -0.29 -7.96
N LEU A 95 7.81 0.96 -8.36
CA LEU A 95 7.09 1.27 -9.59
C LEU A 95 7.91 2.17 -10.50
N THR A 96 7.84 1.93 -11.80
CA THR A 96 8.58 2.71 -12.77
C THR A 96 7.72 3.83 -13.35
N VAL A 97 8.03 5.07 -12.97
CA VAL A 97 7.29 6.23 -13.45
C VAL A 97 8.18 7.14 -14.29
N ASN A 98 7.71 7.47 -15.49
CA ASN A 98 8.46 8.33 -16.39
C ASN A 98 7.62 9.53 -16.82
N LYS A 99 7.10 10.27 -15.84
CA LYS A 99 6.28 11.44 -16.12
C LYS A 99 7.11 12.54 -16.78
N THR A 100 7.01 12.63 -18.10
CA THR A 100 7.75 13.63 -18.85
C THR A 100 6.89 14.87 -19.11
N ASP A 101 5.61 14.64 -19.41
CA ASP A 101 4.69 15.74 -19.67
C ASP A 101 3.92 16.11 -18.41
N THR A 102 3.34 17.31 -18.41
CA THR A 102 2.58 17.79 -17.26
C THR A 102 3.47 17.96 -16.03
N GLU A 1 -0.12 9.73 11.65
CA GLU A 1 -0.93 10.27 12.73
C GLU A 1 -2.17 9.43 12.97
N ASN A 2 -3.07 9.41 11.99
CA ASN A 2 -4.30 8.63 12.11
C ASN A 2 -4.16 7.28 11.41
N ILE A 3 -4.76 6.25 12.01
CA ILE A 3 -4.69 4.90 11.45
C ILE A 3 -5.46 3.91 12.32
N ASP A 4 -5.45 4.15 13.62
CA ASP A 4 -6.16 3.29 14.56
C ASP A 4 -7.09 4.09 15.46
N ILE A 5 -8.37 4.14 15.09
CA ILE A 5 -9.36 4.88 15.87
C ILE A 5 -10.67 4.12 15.94
N THR A 6 -11.29 4.14 17.12
CA THR A 6 -12.55 3.46 17.34
C THR A 6 -12.42 1.96 17.04
N VAL A 7 -11.98 1.20 18.02
CA VAL A 7 -11.81 -0.24 17.87
C VAL A 7 -12.93 -1.00 18.58
N SER A 8 -13.25 -2.18 18.06
CA SER A 8 -14.31 -3.01 18.65
C SER A 8 -13.80 -4.43 18.91
N ALA A 9 -13.08 -4.98 17.93
CA ALA A 9 -12.53 -6.32 18.06
C ALA A 9 -11.59 -6.65 16.90
N ALA A 10 -10.29 -6.50 17.14
CA ALA A 10 -9.29 -6.77 16.12
C ALA A 10 -7.96 -7.17 16.76
N THR A 11 -7.33 -8.20 16.20
CA THR A 11 -6.06 -8.68 16.70
C THR A 11 -5.11 -9.06 15.57
N LEU A 12 -4.14 -8.19 15.29
CA LEU A 12 -3.18 -8.43 14.22
C LEU A 12 -1.91 -9.07 14.78
N SER A 13 -1.60 -10.28 14.31
CA SER A 13 -0.42 -10.99 14.75
C SER A 13 0.61 -11.09 13.62
N SER A 14 0.16 -11.44 12.43
CA SER A 14 1.03 -11.58 11.28
C SER A 14 0.35 -11.06 10.02
N ILE A 15 1.15 -10.54 9.09
CA ILE A 15 0.63 -10.01 7.83
C ILE A 15 1.50 -10.44 6.65
N SER A 16 0.87 -10.57 5.49
CA SER A 16 1.58 -10.98 4.28
C SER A 16 1.28 -10.02 3.13
N ILE A 17 2.31 -9.71 2.35
CA ILE A 17 2.16 -8.80 1.22
C ILE A 17 2.72 -9.42 -0.05
N SER A 18 2.07 -9.15 -1.18
CA SER A 18 2.50 -9.69 -2.46
C SER A 18 2.69 -8.58 -3.48
N PRO A 19 3.76 -7.79 -3.32
CA PRO A 19 4.07 -6.68 -4.20
C PRO A 19 4.52 -7.14 -5.59
N ILE A 20 4.40 -6.26 -6.58
CA ILE A 20 4.79 -6.59 -7.94
C ILE A 20 5.57 -5.45 -8.58
N ASN A 21 6.77 -5.75 -9.06
CA ASN A 21 7.61 -4.74 -9.70
C ASN A 21 7.21 -4.53 -11.16
N THR A 22 6.50 -3.44 -11.42
CA THR A 22 6.06 -3.13 -12.78
C THR A 22 6.40 -1.70 -13.16
N ASN A 23 6.45 -1.42 -14.45
CA ASN A 23 6.77 -0.09 -14.95
C ASN A 23 5.63 0.46 -15.79
N ILE A 24 5.29 1.73 -15.57
CA ILE A 24 4.22 2.38 -16.32
C ILE A 24 4.56 3.83 -16.62
N ASN A 25 3.96 4.37 -17.67
CA ASN A 25 4.19 5.76 -18.06
C ASN A 25 2.87 6.50 -18.24
N THR A 26 2.96 7.82 -18.43
CA THR A 26 1.78 8.65 -18.61
C THR A 26 0.99 8.77 -17.32
N THR A 27 1.68 8.62 -16.19
CA THR A 27 1.04 8.71 -14.88
C THR A 27 -0.06 7.67 -14.74
N VAL A 28 0.24 6.59 -14.03
CA VAL A 28 -0.73 5.52 -13.81
C VAL A 28 -0.58 4.93 -12.42
N SER A 29 -1.64 4.27 -11.94
CA SER A 29 -1.63 3.65 -10.62
C SER A 29 -1.19 2.20 -10.70
N LYS A 30 -0.36 1.79 -9.75
CA LYS A 30 0.14 0.41 -9.71
C LYS A 30 -0.68 -0.44 -8.74
N GLN A 31 -1.26 -1.52 -9.27
CA GLN A 31 -2.07 -2.41 -8.45
C GLN A 31 -1.19 -3.39 -7.68
N PHE A 32 -1.48 -3.55 -6.40
CA PHE A 32 -0.71 -4.46 -5.54
C PHE A 32 -1.63 -5.37 -4.75
N PHE A 33 -1.05 -6.33 -4.04
CA PHE A 33 -1.82 -7.26 -3.23
C PHE A 33 -1.47 -7.13 -1.75
N ALA A 34 -2.47 -7.18 -0.90
CA ALA A 34 -2.27 -7.06 0.55
C ALA A 34 -3.20 -7.99 1.31
N VAL A 35 -2.62 -8.87 2.12
CA VAL A 35 -3.41 -9.82 2.91
C VAL A 35 -3.00 -9.78 4.37
N GLY A 36 -3.99 -9.85 5.26
CA GLY A 36 -3.71 -9.83 6.69
C GLY A 36 -4.31 -11.01 7.42
N THR A 37 -3.58 -11.54 8.39
CA THR A 37 -4.04 -12.68 9.17
C THR A 37 -4.28 -12.30 10.62
N TYR A 38 -5.43 -12.72 11.15
CA TYR A 38 -5.78 -12.42 12.53
C TYR A 38 -5.17 -13.45 13.49
N SER A 39 -4.82 -12.99 14.69
CA SER A 39 -4.22 -13.86 15.69
C SER A 39 -5.20 -14.96 16.12
N ASP A 40 -6.49 -14.70 15.90
CA ASP A 40 -7.53 -15.66 16.25
C ASP A 40 -7.49 -16.87 15.32
N GLY A 41 -6.71 -16.76 14.25
CA GLY A 41 -6.60 -17.85 13.29
C GLY A 41 -7.48 -17.65 12.08
N THR A 42 -7.46 -16.44 11.52
CA THR A 42 -8.26 -16.11 10.35
C THR A 42 -7.42 -15.46 9.28
N LYS A 43 -8.00 -15.31 8.08
CA LYS A 43 -7.30 -14.69 6.96
C LYS A 43 -8.27 -13.85 6.12
N ALA A 44 -7.89 -12.60 5.88
CA ALA A 44 -8.72 -11.70 5.09
C ALA A 44 -7.86 -10.69 4.34
N ASP A 45 -8.20 -10.46 3.07
CA ASP A 45 -7.46 -9.52 2.24
C ASP A 45 -8.00 -8.11 2.40
N LEU A 46 -7.31 -7.30 3.20
CA LEU A 46 -7.73 -5.93 3.44
C LEU A 46 -6.60 -4.95 3.13
N THR A 47 -6.87 -3.99 2.24
CA THR A 47 -5.87 -3.00 1.86
C THR A 47 -6.13 -1.67 2.54
N SER A 48 -7.35 -1.50 3.06
CA SER A 48 -7.72 -0.27 3.75
C SER A 48 -7.15 -0.23 5.16
N SER A 49 -6.90 -1.42 5.72
CA SER A 49 -6.36 -1.53 7.07
C SER A 49 -4.86 -1.26 7.07
N VAL A 50 -4.16 -1.83 6.10
CA VAL A 50 -2.71 -1.66 5.99
C VAL A 50 -2.35 -0.19 5.78
N THR A 51 -1.19 0.20 6.30
CA THR A 51 -0.73 1.57 6.18
C THR A 51 0.19 1.75 4.97
N TRP A 52 -0.02 2.83 4.24
CA TRP A 52 0.79 3.12 3.05
C TRP A 52 1.65 4.36 3.25
N SER A 53 2.95 4.21 3.10
CA SER A 53 3.88 5.33 3.27
C SER A 53 4.94 5.32 2.17
N SER A 54 5.23 6.50 1.63
CA SER A 54 6.23 6.63 0.58
C SER A 54 7.08 7.89 0.78
N SER A 55 8.32 7.83 0.32
CA SER A 55 9.23 8.97 0.47
C SER A 55 8.59 10.24 -0.07
N ASN A 56 8.54 10.36 -1.39
CA ASN A 56 7.95 11.54 -2.02
C ASN A 56 6.47 11.67 -1.67
N GLN A 57 6.12 12.77 -1.01
CA GLN A 57 4.74 13.01 -0.61
C GLN A 57 3.87 13.33 -1.83
N SER A 58 4.51 13.62 -2.95
CA SER A 58 3.80 13.95 -4.18
C SER A 58 3.31 12.68 -4.87
N GLN A 59 4.16 11.65 -4.90
CA GLN A 59 3.80 10.39 -5.52
C GLN A 59 3.21 9.42 -4.51
N ALA A 60 3.36 9.76 -3.23
CA ALA A 60 2.84 8.91 -2.16
C ALA A 60 1.32 9.00 -2.08
N LYS A 61 0.64 8.37 -3.04
CA LYS A 61 -0.82 8.37 -3.08
C LYS A 61 -1.36 6.97 -3.23
N VAL A 62 -2.43 6.67 -2.51
CA VAL A 62 -3.06 5.35 -2.56
C VAL A 62 -4.57 5.46 -2.49
N SER A 63 -5.26 4.52 -3.13
CA SER A 63 -6.72 4.51 -3.14
C SER A 63 -7.26 3.26 -2.44
N ASN A 64 -6.74 2.99 -1.25
CA ASN A 64 -7.17 1.83 -0.47
C ASN A 64 -8.40 2.17 0.37
N ALA A 65 -9.52 1.51 0.06
CA ALA A 65 -10.76 1.73 0.79
C ALA A 65 -11.87 0.85 0.24
N SER A 66 -11.85 0.61 -1.06
CA SER A 66 -12.87 -0.23 -1.70
C SER A 66 -12.89 -1.62 -1.08
N GLU A 67 -11.72 -2.22 -0.95
CA GLU A 67 -11.61 -3.56 -0.36
C GLU A 67 -10.16 -4.02 -0.35
N THR A 68 -9.66 -4.41 -1.53
CA THR A 68 -8.28 -4.88 -1.65
C THR A 68 -7.55 -4.16 -2.78
N LYS A 69 -8.00 -2.96 -3.10
CA LYS A 69 -7.41 -2.16 -4.17
C LYS A 69 -5.90 -2.07 -3.98
N GLY A 70 -5.46 -1.10 -3.19
CA GLY A 70 -4.03 -0.93 -2.94
C GLY A 70 -3.36 -0.13 -4.04
N LEU A 71 -4.10 0.19 -5.09
CA LEU A 71 -3.56 0.96 -6.20
C LEU A 71 -2.83 2.20 -5.70
N VAL A 72 -1.62 2.40 -6.20
CA VAL A 72 -0.80 3.55 -5.81
C VAL A 72 -0.56 4.48 -7.00
N THR A 73 -1.07 5.69 -6.92
CA THR A 73 -0.90 6.67 -7.98
C THR A 73 0.18 7.67 -7.64
N GLY A 74 0.84 8.21 -8.67
CA GLY A 74 1.89 9.18 -8.47
C GLY A 74 1.68 10.46 -9.24
N ILE A 75 2.32 11.53 -8.80
CA ILE A 75 2.20 12.82 -9.47
C ILE A 75 3.40 13.10 -10.36
N ALA A 76 4.60 12.84 -9.83
CA ALA A 76 5.82 13.07 -10.59
C ALA A 76 6.62 11.77 -10.74
N SER A 77 7.71 11.84 -11.49
CA SER A 77 8.55 10.67 -11.73
C SER A 77 9.51 10.46 -10.56
N GLY A 78 10.48 9.55 -10.76
CA GLY A 78 11.45 9.28 -9.71
C GLY A 78 11.38 7.84 -9.23
N ASN A 79 11.83 7.61 -8.00
CA ASN A 79 11.82 6.27 -7.41
C ASN A 79 10.89 6.22 -6.21
N PRO A 80 9.58 6.29 -6.47
CA PRO A 80 8.56 6.25 -5.42
C PRO A 80 8.45 4.88 -4.76
N THR A 81 9.22 4.68 -3.69
CA THR A 81 9.21 3.41 -2.97
C THR A 81 7.95 3.27 -2.12
N ILE A 82 7.23 2.18 -2.33
CA ILE A 82 6.00 1.93 -1.58
C ILE A 82 6.28 1.04 -0.36
N ILE A 83 5.96 1.56 0.82
CA ILE A 83 6.18 0.82 2.06
C ILE A 83 4.85 0.54 2.77
N ALA A 84 4.62 -0.74 3.07
CA ALA A 84 3.38 -1.15 3.74
C ALA A 84 3.66 -1.51 5.20
N THR A 85 2.97 -0.82 6.11
CA THR A 85 3.14 -1.08 7.54
C THR A 85 1.89 -1.70 8.14
N TYR A 86 2.04 -2.88 8.71
CA TYR A 86 0.92 -3.59 9.33
C TYR A 86 1.41 -4.53 10.43
N GLY A 87 1.19 -4.11 11.68
CA GLY A 87 1.61 -4.93 12.80
C GLY A 87 3.12 -5.08 12.89
N SER A 88 3.58 -6.32 12.97
CA SER A 88 5.01 -6.59 13.05
C SER A 88 5.58 -6.97 11.69
N VAL A 89 4.74 -6.89 10.66
CA VAL A 89 5.15 -7.23 9.31
C VAL A 89 4.95 -6.06 8.37
N SER A 90 5.87 -5.89 7.42
CA SER A 90 5.79 -4.80 6.45
C SER A 90 6.23 -5.27 5.06
N GLY A 91 5.74 -4.58 4.03
CA GLY A 91 6.09 -4.94 2.67
C GLY A 91 6.77 -3.80 1.93
N ASN A 92 7.28 -4.10 0.74
CA ASN A 92 7.96 -3.10 -0.07
C ASN A 92 7.74 -3.36 -1.55
N THR A 93 7.45 -2.30 -2.31
CA THR A 93 7.21 -2.41 -3.74
C THR A 93 7.92 -1.30 -4.50
N ILE A 94 8.45 -1.63 -5.67
CA ILE A 94 9.15 -0.66 -6.50
C ILE A 94 8.37 -0.36 -7.78
N LEU A 95 8.07 0.92 -7.99
CA LEU A 95 7.32 1.34 -9.17
C LEU A 95 8.16 2.28 -10.03
N THR A 96 8.19 2.01 -11.33
CA THR A 96 8.95 2.84 -12.26
C THR A 96 8.06 3.89 -12.92
N VAL A 97 8.26 5.14 -12.53
CA VAL A 97 7.49 6.25 -13.07
C VAL A 97 8.37 7.24 -13.82
N ASN A 98 8.00 7.53 -15.06
CA ASN A 98 8.77 8.47 -15.89
C ASN A 98 7.88 9.59 -16.39
N LYS A 99 7.27 10.32 -15.47
CA LYS A 99 6.39 11.43 -15.83
C LYS A 99 7.19 12.57 -16.47
N THR A 100 7.10 12.66 -17.78
CA THR A 100 7.81 13.70 -18.53
C THR A 100 7.20 15.08 -18.27
N ASP A 101 5.90 15.10 -18.04
CA ASP A 101 5.20 16.35 -17.77
C ASP A 101 5.32 16.75 -16.31
N THR A 102 5.29 18.05 -16.05
CA THR A 102 5.42 18.57 -14.69
C THR A 102 6.76 18.17 -14.07
N GLU A 1 -12.49 7.63 -0.29
CA GLU A 1 -11.26 7.90 0.45
C GLU A 1 -11.58 8.37 1.88
N ASN A 2 -11.85 7.41 2.76
CA ASN A 2 -12.16 7.71 4.14
C ASN A 2 -11.04 7.25 5.07
N ILE A 3 -10.97 7.86 6.25
CA ILE A 3 -9.94 7.50 7.23
C ILE A 3 -10.48 7.58 8.65
N ASP A 4 -11.74 7.19 8.82
CA ASP A 4 -12.39 7.23 10.13
C ASP A 4 -12.25 5.87 10.83
N ILE A 5 -11.02 5.37 10.90
CA ILE A 5 -10.76 4.09 11.55
C ILE A 5 -9.98 4.28 12.84
N THR A 6 -10.62 4.03 13.97
CA THR A 6 -9.98 4.18 15.27
C THR A 6 -8.97 3.07 15.51
N VAL A 7 -9.18 1.92 14.87
CA VAL A 7 -8.28 0.79 15.01
C VAL A 7 -8.21 0.32 16.45
N SER A 8 -9.19 -0.50 16.84
CA SER A 8 -9.24 -1.02 18.21
C SER A 8 -8.18 -2.09 18.42
N ALA A 9 -8.05 -2.56 19.65
CA ALA A 9 -7.08 -3.59 19.99
C ALA A 9 -7.25 -4.81 19.10
N ALA A 10 -6.14 -5.28 18.51
CA ALA A 10 -6.16 -6.44 17.63
C ALA A 10 -4.99 -7.36 17.92
N THR A 11 -5.02 -8.55 17.33
CA THR A 11 -3.96 -9.53 17.53
C THR A 11 -3.20 -9.79 16.22
N LEU A 12 -2.17 -8.99 15.98
CA LEU A 12 -1.36 -9.13 14.77
C LEU A 12 -0.13 -9.99 15.04
N SER A 13 -0.03 -11.11 14.33
CA SER A 13 1.10 -12.02 14.49
C SER A 13 1.97 -12.02 13.24
N SER A 14 1.34 -12.11 12.08
CA SER A 14 2.06 -12.13 10.81
C SER A 14 1.20 -11.55 9.69
N ILE A 15 1.86 -10.93 8.72
CA ILE A 15 1.15 -10.32 7.59
C ILE A 15 1.69 -10.86 6.26
N SER A 16 0.83 -10.87 5.26
CA SER A 16 1.22 -11.36 3.93
C SER A 16 1.04 -10.26 2.88
N ILE A 17 2.10 -10.01 2.12
CA ILE A 17 2.07 -8.99 1.09
C ILE A 17 2.53 -9.56 -0.26
N SER A 18 1.88 -9.12 -1.34
CA SER A 18 2.23 -9.58 -2.68
C SER A 18 2.35 -8.41 -3.64
N PRO A 19 3.42 -7.62 -3.47
CA PRO A 19 3.68 -6.46 -4.32
C PRO A 19 4.06 -6.85 -5.75
N ILE A 20 3.94 -5.90 -6.67
CA ILE A 20 4.27 -6.15 -8.07
C ILE A 20 5.07 -4.98 -8.66
N ASN A 21 6.07 -5.30 -9.46
CA ASN A 21 6.90 -4.29 -10.09
C ASN A 21 6.53 -4.11 -11.56
N THR A 22 5.72 -3.09 -11.85
CA THR A 22 5.29 -2.82 -13.21
C THR A 22 5.47 -1.34 -13.55
N ASN A 23 5.52 -1.05 -14.84
CA ASN A 23 5.71 0.32 -15.31
C ASN A 23 4.44 0.84 -15.98
N ILE A 24 4.05 2.07 -15.65
CA ILE A 24 2.86 2.68 -16.22
C ILE A 24 3.09 4.16 -16.53
N ASN A 25 2.33 4.68 -17.48
CA ASN A 25 2.44 6.08 -17.87
C ASN A 25 1.11 6.81 -17.71
N THR A 26 1.14 8.13 -17.89
CA THR A 26 -0.07 8.93 -17.76
C THR A 26 -0.52 9.01 -16.31
N THR A 27 0.43 8.97 -15.39
CA THR A 27 0.12 9.02 -13.97
C THR A 27 -1.02 8.08 -13.61
N VAL A 28 -0.67 6.84 -13.31
CA VAL A 28 -1.68 5.83 -12.95
C VAL A 28 -1.30 5.12 -11.65
N SER A 29 -2.31 4.68 -10.91
CA SER A 29 -2.08 4.00 -9.65
C SER A 29 -1.96 2.49 -9.87
N LYS A 30 -1.06 1.87 -9.12
CA LYS A 30 -0.84 0.42 -9.22
C LYS A 30 -1.60 -0.32 -8.13
N GLN A 31 -2.21 -1.44 -8.50
CA GLN A 31 -2.97 -2.25 -7.55
C GLN A 31 -2.14 -3.42 -7.06
N PHE A 32 -1.85 -3.44 -5.76
CA PHE A 32 -1.06 -4.51 -5.16
C PHE A 32 -1.95 -5.42 -4.31
N PHE A 33 -1.31 -6.30 -3.54
CA PHE A 33 -2.04 -7.24 -2.69
C PHE A 33 -1.71 -6.97 -1.21
N ALA A 34 -2.74 -7.05 -0.37
CA ALA A 34 -2.56 -6.83 1.06
C ALA A 34 -3.45 -7.78 1.88
N VAL A 35 -2.80 -8.67 2.63
CA VAL A 35 -3.52 -9.63 3.46
C VAL A 35 -3.02 -9.61 4.89
N GLY A 36 -3.95 -9.67 5.85
CA GLY A 36 -3.58 -9.66 7.24
C GLY A 36 -4.00 -10.92 7.97
N THR A 37 -3.10 -11.49 8.76
CA THR A 37 -3.39 -12.70 9.51
C THR A 37 -3.40 -12.44 11.00
N TYR A 38 -4.45 -12.92 11.68
CA TYR A 38 -4.58 -12.72 13.11
C TYR A 38 -3.99 -13.90 13.88
N SER A 39 -3.45 -13.63 15.06
CA SER A 39 -2.84 -14.66 15.89
C SER A 39 -3.87 -15.73 16.25
N ASP A 40 -5.15 -15.38 16.17
CA ASP A 40 -6.23 -16.30 16.50
C ASP A 40 -6.34 -17.39 15.42
N GLY A 41 -5.63 -17.20 14.31
CA GLY A 41 -5.68 -18.16 13.22
C GLY A 41 -6.68 -17.78 12.16
N THR A 42 -6.64 -16.52 11.73
CA THR A 42 -7.55 -16.03 10.70
C THR A 42 -6.80 -15.28 9.61
N LYS A 43 -7.47 -15.05 8.48
CA LYS A 43 -6.86 -14.34 7.36
C LYS A 43 -7.91 -13.54 6.61
N ALA A 44 -7.63 -12.25 6.41
CA ALA A 44 -8.56 -11.37 5.70
C ALA A 44 -7.80 -10.28 4.95
N ASP A 45 -8.16 -10.07 3.69
CA ASP A 45 -7.52 -9.05 2.86
C ASP A 45 -7.69 -7.66 3.48
N LEU A 46 -6.65 -7.19 4.15
CA LEU A 46 -6.68 -5.88 4.79
C LEU A 46 -5.52 -5.01 4.32
N THR A 47 -5.83 -3.84 3.81
CA THR A 47 -4.81 -2.92 3.32
C THR A 47 -4.70 -1.70 4.22
N SER A 48 -5.85 -1.11 4.58
CA SER A 48 -5.87 0.06 5.44
C SER A 48 -5.23 -0.24 6.79
N SER A 49 -5.10 -1.53 7.10
CA SER A 49 -4.49 -1.95 8.37
C SER A 49 -2.99 -1.67 8.37
N VAL A 50 -2.38 -1.74 7.19
CA VAL A 50 -0.95 -1.51 7.06
C VAL A 50 -0.66 -0.04 6.75
N THR A 51 0.55 0.41 7.07
CA THR A 51 0.94 1.78 6.82
C THR A 51 1.81 1.89 5.58
N TRP A 52 1.55 2.92 4.78
CA TRP A 52 2.31 3.14 3.55
C TRP A 52 3.28 4.30 3.71
N SER A 53 4.50 4.11 3.21
CA SER A 53 5.53 5.14 3.31
C SER A 53 6.37 5.18 2.04
N SER A 54 6.39 6.35 1.39
CA SER A 54 7.16 6.51 0.16
C SER A 54 8.22 7.59 0.32
N SER A 55 9.29 7.49 -0.47
CA SER A 55 10.38 8.45 -0.41
C SER A 55 9.93 9.82 -0.89
N ASN A 56 8.90 9.85 -1.74
CA ASN A 56 8.37 11.09 -2.27
C ASN A 56 6.96 11.35 -1.76
N GLN A 57 6.77 12.48 -1.09
CA GLN A 57 5.47 12.84 -0.54
C GLN A 57 4.51 13.22 -1.66
N SER A 58 5.04 13.43 -2.85
CA SER A 58 4.24 13.81 -4.00
C SER A 58 3.55 12.59 -4.61
N GLN A 59 4.28 11.49 -4.69
CA GLN A 59 3.75 10.25 -5.24
C GLN A 59 3.29 9.31 -4.14
N ALA A 60 3.49 9.72 -2.89
CA ALA A 60 3.10 8.91 -1.74
C ALA A 60 1.58 8.97 -1.52
N LYS A 61 0.84 8.45 -2.47
CA LYS A 61 -0.62 8.44 -2.38
C LYS A 61 -1.16 7.01 -2.38
N VAL A 62 -2.18 6.77 -1.56
CA VAL A 62 -2.78 5.44 -1.47
C VAL A 62 -4.30 5.53 -1.45
N SER A 63 -4.95 4.59 -2.11
CA SER A 63 -6.41 4.56 -2.17
C SER A 63 -6.99 3.65 -1.10
N ASN A 64 -6.47 3.79 0.12
CA ASN A 64 -6.93 2.97 1.23
C ASN A 64 -8.33 3.41 1.68
N ALA A 65 -9.34 2.89 0.99
CA ALA A 65 -10.73 3.23 1.32
C ALA A 65 -11.54 1.97 1.62
N SER A 66 -11.39 0.95 0.78
CA SER A 66 -12.10 -0.30 0.96
C SER A 66 -11.31 -1.26 1.84
N GLU A 67 -10.06 -0.90 2.14
CA GLU A 67 -9.20 -1.73 2.97
C GLU A 67 -8.90 -3.06 2.29
N THR A 68 -9.19 -3.14 1.00
CA THR A 68 -8.96 -4.36 0.23
C THR A 68 -8.17 -4.06 -1.04
N LYS A 69 -7.79 -2.81 -1.22
CA LYS A 69 -7.03 -2.39 -2.40
C LYS A 69 -5.57 -2.15 -2.04
N GLY A 70 -5.29 -1.00 -1.44
CA GLY A 70 -3.93 -0.67 -1.06
C GLY A 70 -3.15 -0.04 -2.19
N LEU A 71 -3.76 0.03 -3.36
CA LEU A 71 -3.11 0.61 -4.53
C LEU A 71 -2.50 1.96 -4.19
N VAL A 72 -1.54 2.41 -5.00
CA VAL A 72 -0.88 3.68 -4.79
C VAL A 72 -0.71 4.45 -6.10
N THR A 73 -0.95 5.75 -6.06
CA THR A 73 -0.82 6.59 -7.24
C THR A 73 0.36 7.55 -7.12
N GLY A 74 0.94 7.91 -8.26
CA GLY A 74 2.07 8.82 -8.25
C GLY A 74 1.80 10.09 -9.02
N ILE A 75 2.48 11.17 -8.64
CA ILE A 75 2.30 12.46 -9.31
C ILE A 75 3.46 12.75 -10.24
N ALA A 76 4.68 12.52 -9.77
CA ALA A 76 5.87 12.76 -10.57
C ALA A 76 6.53 11.44 -10.98
N SER A 77 7.57 11.54 -11.80
CA SER A 77 8.29 10.37 -12.27
C SER A 77 9.40 9.97 -11.30
N GLY A 78 10.21 9.00 -11.70
CA GLY A 78 11.30 8.54 -10.85
C GLY A 78 11.07 7.15 -10.31
N ASN A 79 11.67 6.86 -9.16
CA ASN A 79 11.52 5.55 -8.53
C ASN A 79 10.77 5.65 -7.21
N PRO A 80 9.45 5.89 -7.30
CA PRO A 80 8.59 6.02 -6.13
C PRO A 80 8.39 4.68 -5.41
N THR A 81 9.33 4.34 -4.54
CA THR A 81 9.26 3.08 -3.79
C THR A 81 8.25 3.19 -2.66
N ILE A 82 7.29 2.26 -2.65
CA ILE A 82 6.26 2.24 -1.62
C ILE A 82 6.47 1.07 -0.66
N ILE A 83 6.79 1.39 0.59
CA ILE A 83 7.00 0.36 1.60
C ILE A 83 5.80 0.23 2.52
N ALA A 84 5.43 -1.00 2.85
CA ALA A 84 4.29 -1.26 3.74
C ALA A 84 4.75 -1.86 5.06
N THR A 85 4.36 -1.22 6.16
CA THR A 85 4.73 -1.70 7.49
C THR A 85 3.50 -2.06 8.30
N TYR A 86 3.44 -3.32 8.75
CA TYR A 86 2.32 -3.80 9.54
C TYR A 86 2.73 -4.98 10.41
N GLY A 87 2.88 -4.72 11.71
CA GLY A 87 3.27 -5.77 12.63
C GLY A 87 4.75 -6.10 12.54
N SER A 88 5.05 -7.37 12.30
CA SER A 88 6.43 -7.84 12.20
C SER A 88 6.80 -8.13 10.75
N VAL A 89 5.86 -7.83 9.83
CA VAL A 89 6.09 -8.07 8.41
C VAL A 89 5.91 -6.79 7.61
N SER A 90 6.73 -6.63 6.58
CA SER A 90 6.67 -5.44 5.73
C SER A 90 7.01 -5.80 4.28
N GLY A 91 6.51 -4.97 3.35
CA GLY A 91 6.77 -5.21 1.94
C GLY A 91 7.35 -4.00 1.25
N ASN A 92 7.71 -4.16 -0.02
CA ASN A 92 8.28 -3.07 -0.80
C ASN A 92 7.97 -3.24 -2.28
N THR A 93 7.10 -2.36 -2.80
CA THR A 93 6.71 -2.41 -4.20
C THR A 93 7.30 -1.24 -4.98
N ILE A 94 7.81 -1.53 -6.17
CA ILE A 94 8.41 -0.49 -7.01
C ILE A 94 7.56 -0.25 -8.26
N LEU A 95 7.36 1.03 -8.59
CA LEU A 95 6.56 1.39 -9.76
C LEU A 95 7.30 2.43 -10.61
N THR A 96 7.34 2.20 -11.91
CA THR A 96 8.00 3.12 -12.83
C THR A 96 7.00 4.02 -13.53
N VAL A 97 7.00 5.30 -13.16
CA VAL A 97 6.08 6.27 -13.76
C VAL A 97 6.85 7.35 -14.51
N ASN A 98 6.46 7.58 -15.77
CA ASN A 98 7.11 8.59 -16.60
C ASN A 98 6.20 9.78 -16.80
N LYS A 99 5.97 10.54 -15.72
CA LYS A 99 5.13 11.72 -15.78
C LYS A 99 5.75 12.80 -16.66
N THR A 100 4.92 13.55 -17.37
CA THR A 100 5.39 14.62 -18.24
C THR A 100 6.33 15.56 -17.50
N ASP A 101 5.82 16.17 -16.43
CA ASP A 101 6.61 17.10 -15.63
C ASP A 101 7.62 16.34 -14.76
N THR A 102 8.69 17.02 -14.38
CA THR A 102 9.73 16.41 -13.56
C THR A 102 10.58 17.48 -12.87
N GLU A 1 3.37 4.87 17.48
CA GLU A 1 3.20 4.89 18.94
C GLU A 1 1.88 4.25 19.35
N ASN A 2 1.74 2.96 19.06
CA ASN A 2 0.54 2.22 19.40
C ASN A 2 0.84 1.07 20.35
N ILE A 3 -0.20 0.57 21.02
CA ILE A 3 -0.04 -0.54 21.96
C ILE A 3 -0.78 -1.78 21.47
N ASP A 4 -0.10 -2.92 21.54
CA ASP A 4 -0.70 -4.19 21.12
C ASP A 4 -1.92 -4.53 21.97
N ILE A 5 -2.97 -5.02 21.33
CA ILE A 5 -4.19 -5.39 22.03
C ILE A 5 -4.66 -6.78 21.61
N THR A 6 -5.22 -7.52 22.57
CA THR A 6 -5.71 -8.87 22.30
C THR A 6 -7.17 -9.01 22.73
N VAL A 7 -8.07 -8.42 21.96
CA VAL A 7 -9.49 -8.48 22.26
C VAL A 7 -10.30 -8.87 21.03
N SER A 8 -11.35 -9.65 21.23
CA SER A 8 -12.20 -10.10 20.14
C SER A 8 -13.24 -9.04 19.79
N ALA A 9 -12.90 -8.17 18.84
CA ALA A 9 -13.81 -7.10 18.42
C ALA A 9 -13.38 -6.54 17.07
N ALA A 10 -13.10 -7.41 16.11
CA ALA A 10 -12.69 -6.99 14.78
C ALA A 10 -11.48 -6.06 14.86
N THR A 11 -10.31 -6.64 15.10
CA THR A 11 -9.08 -5.86 15.19
C THR A 11 -8.04 -6.38 14.21
N LEU A 12 -6.89 -5.70 14.17
CA LEU A 12 -5.80 -6.10 13.28
C LEU A 12 -4.80 -6.99 14.00
N SER A 13 -4.64 -8.21 13.50
CA SER A 13 -3.72 -9.18 14.09
C SER A 13 -2.54 -9.44 13.16
N SER A 14 -2.84 -9.66 11.89
CA SER A 14 -1.81 -9.93 10.89
C SER A 14 -2.27 -9.51 9.50
N ILE A 15 -1.32 -9.11 8.66
CA ILE A 15 -1.63 -8.69 7.31
C ILE A 15 -0.64 -9.27 6.31
N SER A 16 -1.09 -9.49 5.08
CA SER A 16 -0.25 -10.04 4.03
C SER A 16 -0.29 -9.17 2.77
N ILE A 17 0.89 -8.85 2.25
CA ILE A 17 1.00 -8.02 1.06
C ILE A 17 1.86 -8.70 -0.01
N SER A 18 1.47 -8.54 -1.26
CA SER A 18 2.21 -9.13 -2.37
C SER A 18 2.49 -8.09 -3.45
N PRO A 19 3.39 -7.15 -3.14
CA PRO A 19 3.78 -6.08 -4.06
C PRO A 19 4.59 -6.61 -5.24
N ILE A 20 4.73 -5.78 -6.27
CA ILE A 20 5.48 -6.16 -7.46
C ILE A 20 6.38 -5.01 -7.92
N ASN A 21 7.54 -5.37 -8.48
CA ASN A 21 8.49 -4.37 -8.96
C ASN A 21 8.54 -4.37 -10.48
N THR A 22 7.92 -3.36 -11.08
CA THR A 22 7.89 -3.23 -12.54
C THR A 22 8.28 -1.82 -12.98
N ASN A 23 8.71 -1.70 -14.22
CA ASN A 23 9.11 -0.40 -14.77
C ASN A 23 8.09 0.10 -15.78
N ILE A 24 7.76 1.39 -15.67
CA ILE A 24 6.80 2.00 -16.58
C ILE A 24 7.21 3.42 -16.95
N ASN A 25 6.75 3.88 -18.11
CA ASN A 25 7.08 5.23 -18.58
C ASN A 25 5.82 6.07 -18.71
N THR A 26 6.01 7.36 -19.01
CA THR A 26 4.88 8.28 -19.16
C THR A 26 4.15 8.48 -17.84
N THR A 27 3.26 7.56 -17.51
CA THR A 27 2.50 7.64 -16.27
C THR A 27 1.52 6.47 -16.15
N VAL A 28 1.77 5.59 -15.19
CA VAL A 28 0.91 4.44 -14.97
C VAL A 28 0.90 4.02 -13.50
N SER A 29 -0.22 3.49 -13.05
CA SER A 29 -0.35 3.05 -11.65
C SER A 29 -0.11 1.55 -11.54
N LYS A 30 0.56 1.14 -10.46
CA LYS A 30 0.85 -0.26 -10.22
C LYS A 30 -0.18 -0.88 -9.27
N GLN A 31 -0.82 -1.95 -9.72
CA GLN A 31 -1.82 -2.64 -8.92
C GLN A 31 -1.22 -3.84 -8.21
N PHE A 32 -1.20 -3.80 -6.88
CA PHE A 32 -0.65 -4.88 -6.09
C PHE A 32 -1.75 -5.66 -5.39
N PHE A 33 -1.37 -6.56 -4.49
CA PHE A 33 -2.33 -7.37 -3.76
C PHE A 33 -2.27 -7.08 -2.26
N ALA A 34 -3.44 -7.00 -1.63
CA ALA A 34 -3.52 -6.72 -0.20
C ALA A 34 -4.60 -7.58 0.47
N VAL A 35 -4.21 -8.34 1.47
CA VAL A 35 -5.13 -9.20 2.19
C VAL A 35 -5.03 -8.99 3.70
N GLY A 36 -6.15 -8.64 4.32
CA GLY A 36 -6.15 -8.42 5.76
C GLY A 36 -6.86 -9.52 6.51
N THR A 37 -6.23 -10.01 7.58
CA THR A 37 -6.81 -11.08 8.39
C THR A 37 -7.15 -10.59 9.79
N TYR A 38 -8.42 -10.65 10.14
CA TYR A 38 -8.88 -10.20 11.45
C TYR A 38 -8.54 -11.23 12.53
N SER A 39 -8.15 -10.75 13.70
CA SER A 39 -7.80 -11.63 14.81
C SER A 39 -8.97 -12.53 15.18
N ASP A 40 -10.18 -12.11 14.82
CA ASP A 40 -11.37 -12.88 15.10
C ASP A 40 -11.42 -14.16 14.28
N GLY A 41 -10.53 -14.25 13.30
CA GLY A 41 -10.49 -15.42 12.45
C GLY A 41 -11.19 -15.20 11.12
N THR A 42 -10.93 -14.06 10.50
CA THR A 42 -11.55 -13.73 9.22
C THR A 42 -10.51 -13.28 8.20
N LYS A 43 -10.91 -13.21 6.94
CA LYS A 43 -10.01 -12.80 5.86
C LYS A 43 -10.76 -12.03 4.79
N ALA A 44 -10.26 -10.84 4.47
CA ALA A 44 -10.88 -10.00 3.45
C ALA A 44 -9.85 -9.10 2.77
N ASP A 45 -9.96 -8.97 1.45
CA ASP A 45 -9.05 -8.14 0.68
C ASP A 45 -9.25 -6.65 1.01
N LEU A 46 -8.48 -6.15 1.96
CA LEU A 46 -8.58 -4.76 2.37
C LEU A 46 -7.31 -3.99 1.99
N THR A 47 -7.49 -2.93 1.22
CA THR A 47 -6.36 -2.10 0.78
C THR A 47 -6.39 -0.73 1.45
N SER A 48 -7.53 -0.06 1.36
CA SER A 48 -7.68 1.27 1.96
C SER A 48 -7.44 1.22 3.46
N SER A 49 -7.55 0.03 4.03
CA SER A 49 -7.35 -0.15 5.46
C SER A 49 -5.93 0.26 5.87
N VAL A 50 -4.97 -0.08 5.02
CA VAL A 50 -3.57 0.26 5.28
C VAL A 50 -3.26 1.70 4.86
N THR A 51 -2.27 2.29 5.51
CA THR A 51 -1.87 3.66 5.20
C THR A 51 -0.72 3.69 4.21
N TRP A 52 -0.80 4.58 3.23
CA TRP A 52 0.24 4.71 2.22
C TRP A 52 1.06 5.97 2.43
N SER A 53 2.38 5.83 2.36
CA SER A 53 3.28 6.97 2.55
C SER A 53 4.43 6.93 1.56
N SER A 54 4.71 8.07 0.93
CA SER A 54 5.79 8.16 -0.04
C SER A 54 6.65 9.39 0.22
N SER A 55 7.95 9.26 -0.04
CA SER A 55 8.88 10.37 0.17
C SER A 55 8.51 11.55 -0.71
N ASN A 56 7.83 11.27 -1.83
CA ASN A 56 7.43 12.32 -2.76
C ASN A 56 5.91 12.50 -2.73
N GLN A 57 5.48 13.75 -2.56
CA GLN A 57 4.07 14.07 -2.51
C GLN A 57 3.43 13.93 -3.90
N SER A 58 4.24 14.06 -4.93
CA SER A 58 3.77 13.96 -6.30
C SER A 58 3.54 12.49 -6.69
N GLN A 59 4.36 11.61 -6.13
CA GLN A 59 4.24 10.18 -6.42
C GLN A 59 3.45 9.47 -5.33
N ALA A 60 3.02 10.23 -4.33
CA ALA A 60 2.25 9.68 -3.22
C ALA A 60 0.75 9.66 -3.55
N LYS A 61 0.38 8.82 -4.51
CA LYS A 61 -1.02 8.72 -4.92
C LYS A 61 -1.49 7.27 -4.90
N VAL A 62 -2.72 7.06 -4.46
CA VAL A 62 -3.29 5.70 -4.39
C VAL A 62 -4.79 5.73 -4.61
N SER A 63 -5.27 4.83 -5.46
CA SER A 63 -6.70 4.75 -5.76
C SER A 63 -7.43 3.88 -4.74
N ASN A 64 -7.45 4.34 -3.49
CA ASN A 64 -8.12 3.61 -2.43
C ASN A 64 -9.58 4.01 -2.30
N ALA A 65 -10.43 3.41 -3.11
CA ALA A 65 -11.85 3.71 -3.10
C ALA A 65 -12.69 2.45 -2.88
N SER A 66 -12.27 1.36 -3.52
CA SER A 66 -12.98 0.09 -3.40
C SER A 66 -12.46 -0.71 -2.21
N GLU A 67 -11.34 -0.26 -1.63
CA GLU A 67 -10.74 -0.93 -0.49
C GLU A 67 -10.22 -2.31 -0.88
N THR A 68 -10.14 -2.56 -2.18
CA THR A 68 -9.67 -3.84 -2.69
C THR A 68 -8.60 -3.64 -3.76
N LYS A 69 -8.27 -2.39 -4.04
CA LYS A 69 -7.26 -2.07 -5.04
C LYS A 69 -5.93 -1.72 -4.39
N GLY A 70 -5.77 -0.46 -4.00
CA GLY A 70 -4.55 -0.02 -3.36
C GLY A 70 -3.51 0.44 -4.36
N LEU A 71 -3.82 0.29 -5.64
CA LEU A 71 -2.91 0.69 -6.71
C LEU A 71 -2.28 2.05 -6.40
N VAL A 72 -1.02 2.23 -6.80
CA VAL A 72 -0.31 3.48 -6.58
C VAL A 72 0.04 4.16 -7.89
N THR A 73 -0.29 5.44 -7.99
CA THR A 73 -0.01 6.20 -9.20
C THR A 73 0.94 7.36 -8.91
N GLY A 74 1.73 7.74 -9.92
CA GLY A 74 2.67 8.83 -9.75
C GLY A 74 2.40 9.98 -10.71
N ILE A 75 2.96 11.15 -10.39
CA ILE A 75 2.78 12.32 -11.22
C ILE A 75 3.98 12.55 -12.13
N ALA A 76 5.18 12.43 -11.56
CA ALA A 76 6.41 12.63 -12.32
C ALA A 76 7.36 11.46 -12.11
N SER A 77 8.49 11.49 -12.82
CA SER A 77 9.48 10.43 -12.72
C SER A 77 10.23 10.52 -11.38
N GLY A 78 11.31 9.75 -11.26
CA GLY A 78 12.10 9.76 -10.04
C GLY A 78 12.10 8.41 -9.35
N ASN A 79 12.36 8.41 -8.04
CA ASN A 79 12.40 7.17 -7.27
C ASN A 79 11.25 7.13 -6.27
N PRO A 80 10.03 6.87 -6.78
CA PRO A 80 8.82 6.80 -5.96
C PRO A 80 8.81 5.55 -5.07
N THR A 81 8.60 5.76 -3.77
CA THR A 81 8.57 4.65 -2.82
C THR A 81 7.20 4.54 -2.15
N ILE A 82 6.60 3.36 -2.25
CA ILE A 82 5.29 3.13 -1.66
C ILE A 82 5.41 2.31 -0.38
N ILE A 83 5.21 2.97 0.76
CA ILE A 83 5.28 2.31 2.05
C ILE A 83 3.90 2.09 2.64
N ALA A 84 3.60 0.83 2.98
CA ALA A 84 2.30 0.48 3.55
C ALA A 84 2.44 0.14 5.03
N THR A 85 1.63 0.79 5.86
CA THR A 85 1.66 0.56 7.29
C THR A 85 0.28 0.22 7.83
N TYR A 86 0.16 -0.96 8.44
CA TYR A 86 -1.12 -1.42 8.98
C TYR A 86 -0.89 -2.41 10.12
N GLY A 87 -1.22 -2.00 11.34
CA GLY A 87 -1.06 -2.86 12.49
C GLY A 87 0.40 -3.17 12.78
N SER A 88 0.74 -4.45 12.79
CA SER A 88 2.11 -4.86 13.07
C SER A 88 2.81 -5.33 11.79
N VAL A 89 2.09 -5.25 10.67
CA VAL A 89 2.64 -5.66 9.39
C VAL A 89 2.68 -4.49 8.39
N SER A 90 3.73 -4.46 7.57
CA SER A 90 3.89 -3.40 6.60
C SER A 90 4.32 -3.97 5.24
N GLY A 91 4.02 -3.23 4.18
CA GLY A 91 4.39 -3.68 2.85
C GLY A 91 5.31 -2.70 2.14
N ASN A 92 5.99 -3.18 1.11
CA ASN A 92 6.91 -2.34 0.34
C ASN A 92 6.68 -2.50 -1.16
N THR A 93 6.43 -1.38 -1.83
CA THR A 93 6.18 -1.40 -3.27
C THR A 93 7.09 -0.40 -3.99
N ILE A 94 7.89 -0.90 -4.92
CA ILE A 94 8.81 -0.06 -5.68
C ILE A 94 8.34 0.10 -7.12
N LEU A 95 8.41 1.32 -7.63
CA LEU A 95 7.99 1.61 -8.99
C LEU A 95 9.04 2.45 -9.72
N THR A 96 9.37 2.03 -10.94
CA THR A 96 10.37 2.75 -11.74
C THR A 96 9.69 3.68 -12.75
N VAL A 97 9.80 4.99 -12.50
CA VAL A 97 9.20 5.97 -13.39
C VAL A 97 10.27 6.85 -14.02
N ASN A 98 10.21 6.97 -15.35
CA ASN A 98 11.18 7.77 -16.09
C ASN A 98 10.48 8.78 -16.98
N LYS A 99 9.40 9.38 -16.47
CA LYS A 99 8.64 10.36 -17.23
C LYS A 99 9.47 11.62 -17.49
N THR A 100 9.93 11.76 -18.73
CA THR A 100 10.75 12.91 -19.11
C THR A 100 10.06 14.21 -18.71
N ASP A 101 10.66 14.93 -17.76
CA ASP A 101 10.11 16.19 -17.29
C ASP A 101 10.51 17.34 -18.22
N THR A 102 9.61 18.29 -18.39
CA THR A 102 9.87 19.44 -19.25
C THR A 102 10.73 20.47 -18.55
N GLU A 1 -0.15 11.85 10.90
CA GLU A 1 0.45 10.55 10.66
C GLU A 1 -0.03 9.52 11.68
N ASN A 2 -0.48 8.37 11.20
CA ASN A 2 -0.97 7.31 12.07
C ASN A 2 -2.08 7.82 12.98
N ILE A 3 -2.80 8.84 12.53
CA ILE A 3 -3.89 9.42 13.30
C ILE A 3 -5.23 9.24 12.59
N ASP A 4 -5.18 9.17 11.26
CA ASP A 4 -6.39 8.99 10.46
C ASP A 4 -6.63 7.51 10.18
N ILE A 5 -7.28 6.83 11.13
CA ILE A 5 -7.58 5.42 10.98
C ILE A 5 -9.08 5.15 11.16
N THR A 6 -9.66 4.48 10.17
CA THR A 6 -11.09 4.15 10.22
C THR A 6 -11.38 3.11 11.29
N VAL A 7 -10.74 1.94 11.17
CA VAL A 7 -10.93 0.86 12.13
C VAL A 7 -9.59 0.26 12.56
N SER A 8 -9.54 -0.24 13.78
CA SER A 8 -8.32 -0.85 14.31
C SER A 8 -8.63 -2.15 15.03
N ALA A 9 -8.01 -3.24 14.59
CA ALA A 9 -8.21 -4.55 15.19
C ALA A 9 -7.15 -4.84 16.24
N ALA A 10 -7.48 -5.70 17.19
CA ALA A 10 -6.55 -6.06 18.25
C ALA A 10 -6.30 -7.57 18.27
N THR A 11 -6.30 -8.17 17.09
CA THR A 11 -6.07 -9.60 16.95
C THR A 11 -5.13 -9.92 15.80
N LEU A 12 -4.23 -8.99 15.50
CA LEU A 12 -3.28 -9.16 14.41
C LEU A 12 -2.01 -9.86 14.91
N SER A 13 -1.67 -10.96 14.27
CA SER A 13 -0.48 -11.73 14.66
C SER A 13 0.59 -11.64 13.56
N SER A 14 0.17 -11.82 12.31
CA SER A 14 1.09 -11.77 11.18
C SER A 14 0.38 -11.27 9.93
N ILE A 15 1.12 -10.58 9.07
CA ILE A 15 0.56 -10.05 7.83
C ILE A 15 1.40 -10.45 6.63
N SER A 16 0.75 -10.61 5.49
CA SER A 16 1.44 -11.01 4.26
C SER A 16 1.10 -10.06 3.11
N ILE A 17 2.11 -9.64 2.37
CA ILE A 17 1.92 -8.73 1.25
C ILE A 17 2.56 -9.28 -0.02
N SER A 18 1.89 -9.07 -1.15
CA SER A 18 2.40 -9.55 -2.43
C SER A 18 2.58 -8.39 -3.41
N PRO A 19 3.52 -7.50 -3.10
CA PRO A 19 3.82 -6.33 -3.95
C PRO A 19 4.47 -6.71 -5.26
N ILE A 20 4.41 -5.82 -6.24
CA ILE A 20 4.99 -6.06 -7.55
C ILE A 20 5.75 -4.84 -8.05
N ASN A 21 6.91 -5.06 -8.64
CA ASN A 21 7.73 -3.98 -9.17
C ASN A 21 7.53 -3.83 -10.68
N THR A 22 6.74 -2.84 -11.08
CA THR A 22 6.47 -2.59 -12.49
C THR A 22 6.67 -1.12 -12.84
N ASN A 23 6.88 -0.84 -14.12
CA ASN A 23 7.08 0.52 -14.59
C ASN A 23 5.94 0.96 -15.50
N ILE A 24 5.46 2.19 -15.30
CA ILE A 24 4.38 2.72 -16.11
C ILE A 24 4.60 4.20 -16.41
N ASN A 25 4.00 4.67 -17.50
CA ASN A 25 4.13 6.07 -17.91
C ASN A 25 2.78 6.75 -17.92
N THR A 26 2.79 8.08 -18.03
CA THR A 26 1.56 8.86 -18.07
C THR A 26 0.92 8.94 -16.69
N THR A 27 1.64 8.43 -15.68
CA THR A 27 1.14 8.46 -14.32
C THR A 27 -0.11 7.59 -14.16
N VAL A 28 0.00 6.54 -13.36
CA VAL A 28 -1.12 5.64 -13.14
C VAL A 28 -0.98 4.90 -11.80
N SER A 29 -2.07 4.29 -11.34
CA SER A 29 -2.06 3.57 -10.08
C SER A 29 -1.62 2.11 -10.30
N LYS A 30 -0.82 1.60 -9.38
CA LYS A 30 -0.32 0.23 -9.47
C LYS A 30 -1.17 -0.69 -8.60
N GLN A 31 -1.73 -1.73 -9.21
CA GLN A 31 -2.56 -2.69 -8.49
C GLN A 31 -1.68 -3.71 -7.75
N PHE A 32 -1.75 -3.68 -6.43
CA PHE A 32 -0.97 -4.61 -5.60
C PHE A 32 -1.89 -5.51 -4.79
N PHE A 33 -1.29 -6.46 -4.08
CA PHE A 33 -2.04 -7.40 -3.26
C PHE A 33 -1.68 -7.24 -1.78
N ALA A 34 -2.69 -7.30 -0.92
CA ALA A 34 -2.48 -7.17 0.52
C ALA A 34 -3.40 -8.10 1.29
N VAL A 35 -2.81 -8.98 2.09
CA VAL A 35 -3.59 -9.92 2.89
C VAL A 35 -3.16 -9.89 4.35
N GLY A 36 -4.13 -9.96 5.26
CA GLY A 36 -3.83 -9.95 6.68
C GLY A 36 -4.31 -11.19 7.39
N THR A 37 -3.46 -11.74 8.26
CA THR A 37 -3.80 -12.94 9.00
C THR A 37 -4.07 -12.62 10.47
N TYR A 38 -5.15 -13.17 11.00
CA TYR A 38 -5.53 -12.94 12.39
C TYR A 38 -4.91 -14.00 13.30
N SER A 39 -4.56 -13.60 14.51
CA SER A 39 -3.95 -14.50 15.48
C SER A 39 -4.87 -15.69 15.77
N ASP A 40 -6.16 -15.50 15.50
CA ASP A 40 -7.14 -16.55 15.74
C ASP A 40 -6.97 -17.68 14.72
N GLY A 41 -6.16 -17.44 13.71
CA GLY A 41 -5.93 -18.44 12.68
C GLY A 41 -6.82 -18.25 11.48
N THR A 42 -6.95 -17.02 11.01
CA THR A 42 -7.78 -16.71 9.86
C THR A 42 -7.02 -15.87 8.84
N LYS A 43 -7.60 -15.71 7.65
CA LYS A 43 -6.99 -14.91 6.60
C LYS A 43 -8.03 -14.10 5.85
N ALA A 44 -7.79 -12.80 5.73
CA ALA A 44 -8.71 -11.91 5.03
C ALA A 44 -7.95 -10.80 4.31
N ASP A 45 -8.30 -10.58 3.04
CA ASP A 45 -7.66 -9.55 2.24
C ASP A 45 -8.21 -8.17 2.59
N LEU A 46 -7.52 -7.48 3.50
CA LEU A 46 -7.95 -6.15 3.92
C LEU A 46 -6.82 -5.14 3.77
N THR A 47 -7.07 -4.08 3.02
CA THR A 47 -6.07 -3.04 2.79
C THR A 47 -6.45 -1.74 3.50
N SER A 48 -7.62 -1.75 4.14
CA SER A 48 -8.11 -0.58 4.85
C SER A 48 -7.44 -0.45 6.22
N SER A 49 -7.03 -1.58 6.78
CA SER A 49 -6.38 -1.60 8.08
C SER A 49 -4.90 -1.23 7.96
N VAL A 50 -4.24 -1.80 6.96
CA VAL A 50 -2.83 -1.52 6.73
C VAL A 50 -2.60 -0.05 6.42
N THR A 51 -1.47 0.49 6.89
CA THR A 51 -1.13 1.89 6.66
C THR A 51 -0.09 2.03 5.55
N TRP A 52 -0.28 3.03 4.69
CA TRP A 52 0.64 3.26 3.59
C TRP A 52 1.51 4.49 3.86
N SER A 53 2.78 4.41 3.48
CA SER A 53 3.71 5.50 3.69
C SER A 53 4.85 5.45 2.67
N SER A 54 4.88 6.44 1.77
CA SER A 54 5.91 6.50 0.75
C SER A 54 6.79 7.73 0.94
N SER A 55 8.03 7.65 0.45
CA SER A 55 8.96 8.76 0.56
C SER A 55 8.33 10.06 0.05
N ASN A 56 8.22 10.17 -1.26
CA ASN A 56 7.64 11.37 -1.87
C ASN A 56 6.16 11.50 -1.52
N GLN A 57 5.82 12.52 -0.75
CA GLN A 57 4.44 12.74 -0.33
C GLN A 57 3.60 13.22 -1.51
N SER A 58 4.27 13.56 -2.61
CA SER A 58 3.58 14.05 -3.80
C SER A 58 2.93 12.88 -4.56
N GLN A 59 3.68 11.80 -4.72
CA GLN A 59 3.18 10.62 -5.42
C GLN A 59 2.67 9.57 -4.44
N ALA A 60 2.76 9.90 -3.15
CA ALA A 60 2.30 8.98 -2.12
C ALA A 60 0.77 8.95 -2.03
N LYS A 61 0.15 8.38 -3.06
CA LYS A 61 -1.30 8.28 -3.11
C LYS A 61 -1.75 6.83 -3.16
N VAL A 62 -2.81 6.51 -2.42
CA VAL A 62 -3.33 5.15 -2.38
C VAL A 62 -4.84 5.15 -2.13
N SER A 63 -5.55 4.28 -2.85
CA SER A 63 -7.00 4.19 -2.71
C SER A 63 -7.38 3.09 -1.72
N ASN A 64 -6.47 2.80 -0.79
CA ASN A 64 -6.71 1.76 0.21
C ASN A 64 -7.83 2.17 1.15
N ALA A 65 -9.03 1.66 0.89
CA ALA A 65 -10.19 1.97 1.71
C ALA A 65 -11.43 1.24 1.20
N SER A 66 -11.53 1.09 -0.11
CA SER A 66 -12.66 0.41 -0.72
C SER A 66 -12.85 -0.98 -0.15
N GLU A 67 -11.76 -1.74 -0.10
CA GLU A 67 -11.80 -3.11 0.42
C GLU A 67 -10.43 -3.78 0.28
N THR A 68 -10.11 -4.19 -0.94
CA THR A 68 -8.84 -4.86 -1.21
C THR A 68 -8.13 -4.22 -2.40
N LYS A 69 -8.44 -2.94 -2.66
CA LYS A 69 -7.82 -2.22 -3.77
C LYS A 69 -6.30 -2.21 -3.63
N GLY A 70 -5.79 -1.24 -2.89
CA GLY A 70 -4.35 -1.15 -2.70
C GLY A 70 -3.67 -0.36 -3.80
N LEU A 71 -4.45 0.02 -4.82
CA LEU A 71 -3.91 0.79 -5.93
C LEU A 71 -3.14 2.01 -5.45
N VAL A 72 -1.91 2.15 -5.92
CA VAL A 72 -1.06 3.28 -5.54
C VAL A 72 -0.74 4.17 -6.73
N THR A 73 -1.35 5.36 -6.75
CA THR A 73 -1.12 6.30 -7.84
C THR A 73 -0.15 7.39 -7.44
N GLY A 74 0.57 7.93 -8.42
CA GLY A 74 1.54 8.97 -8.14
C GLY A 74 1.23 10.26 -8.87
N ILE A 75 2.00 11.31 -8.59
CA ILE A 75 1.79 12.60 -9.23
C ILE A 75 3.01 12.99 -10.08
N ALA A 76 4.19 12.82 -9.51
CA ALA A 76 5.43 13.15 -10.21
C ALA A 76 6.17 11.88 -10.63
N SER A 77 7.25 12.07 -11.40
CA SER A 77 8.04 10.95 -11.88
C SER A 77 9.00 10.45 -10.79
N GLY A 78 9.92 9.58 -11.19
CA GLY A 78 10.89 9.06 -10.24
C GLY A 78 10.57 7.65 -9.81
N ASN A 79 11.36 7.11 -8.89
CA ASN A 79 11.16 5.75 -8.39
C ASN A 79 10.81 5.75 -6.91
N PRO A 80 9.61 6.26 -6.59
CA PRO A 80 9.13 6.33 -5.20
C PRO A 80 8.82 4.96 -4.62
N THR A 81 9.28 4.72 -3.39
CA THR A 81 9.06 3.45 -2.73
C THR A 81 7.90 3.55 -1.72
N ILE A 82 6.91 2.67 -1.88
CA ILE A 82 5.76 2.65 -1.00
C ILE A 82 5.88 1.55 0.05
N ILE A 83 5.96 1.95 1.31
CA ILE A 83 6.07 0.99 2.40
C ILE A 83 4.74 0.78 3.11
N ALA A 84 4.49 -0.44 3.54
CA ALA A 84 3.25 -0.77 4.23
C ALA A 84 3.51 -1.26 5.65
N THR A 85 2.75 -0.73 6.60
CA THR A 85 2.91 -1.11 8.00
C THR A 85 1.60 -1.64 8.58
N TYR A 86 1.63 -2.87 9.07
CA TYR A 86 0.43 -3.48 9.65
C TYR A 86 0.81 -4.56 10.66
N GLY A 87 0.67 -4.24 11.93
CA GLY A 87 1.01 -5.19 12.98
C GLY A 87 2.50 -5.32 13.20
N SER A 88 3.02 -6.54 13.08
CA SER A 88 4.44 -6.78 13.27
C SER A 88 5.13 -7.06 11.93
N VAL A 89 4.35 -6.98 10.85
CA VAL A 89 4.89 -7.22 9.51
C VAL A 89 4.70 -6.00 8.63
N SER A 90 5.67 -5.74 7.76
CA SER A 90 5.60 -4.60 6.86
C SER A 90 6.11 -4.99 5.46
N GLY A 91 5.59 -4.32 4.44
CA GLY A 91 6.00 -4.60 3.08
C GLY A 91 6.58 -3.38 2.39
N ASN A 92 6.87 -3.53 1.10
CA ASN A 92 7.44 -2.44 0.32
C ASN A 92 7.40 -2.75 -1.17
N THR A 93 7.08 -1.73 -1.97
CA THR A 93 6.99 -1.90 -3.42
C THR A 93 7.67 -0.74 -4.14
N ILE A 94 8.34 -1.04 -5.25
CA ILE A 94 9.03 -0.03 -6.04
C ILE A 94 8.36 0.17 -7.39
N LEU A 95 7.93 1.39 -7.66
CA LEU A 95 7.27 1.71 -8.92
C LEU A 95 8.05 2.78 -9.68
N THR A 96 8.14 2.60 -11.00
CA THR A 96 8.87 3.54 -11.85
C THR A 96 7.90 4.35 -12.71
N VAL A 97 7.76 5.63 -12.38
CA VAL A 97 6.87 6.52 -13.11
C VAL A 97 7.65 7.66 -13.77
N ASN A 98 7.45 7.82 -15.07
CA ASN A 98 8.13 8.88 -15.83
C ASN A 98 7.17 10.02 -16.16
N LYS A 99 6.57 10.60 -15.13
CA LYS A 99 5.64 11.71 -15.31
C LYS A 99 6.36 12.95 -15.86
N THR A 100 6.25 13.14 -17.17
CA THR A 100 6.88 14.29 -17.82
C THR A 100 5.89 15.44 -18.00
N ASP A 101 4.66 15.10 -18.34
CA ASP A 101 3.62 16.10 -18.54
C ASP A 101 2.79 16.28 -17.27
N THR A 102 2.61 17.53 -16.86
CA THR A 102 1.84 17.84 -15.66
C THR A 102 0.41 18.19 -16.00
N GLU A 1 -4.21 8.32 7.64
CA GLU A 1 -5.65 8.51 7.50
C GLU A 1 -6.37 8.25 8.81
N ASN A 2 -6.05 7.13 9.45
CA ASN A 2 -6.67 6.76 10.72
C ASN A 2 -5.77 7.14 11.89
N ILE A 3 -6.39 7.63 12.96
CA ILE A 3 -5.65 8.03 14.16
C ILE A 3 -5.87 7.05 15.30
N ASP A 4 -6.10 5.79 14.95
CA ASP A 4 -6.33 4.76 15.95
C ASP A 4 -7.59 5.05 16.77
N ILE A 5 -8.70 5.22 16.07
CA ILE A 5 -9.97 5.51 16.72
C ILE A 5 -10.39 4.37 17.65
N THR A 6 -9.96 3.16 17.31
CA THR A 6 -10.27 1.99 18.12
C THR A 6 -9.15 0.96 18.06
N VAL A 7 -8.24 1.02 19.02
CA VAL A 7 -7.12 0.09 19.08
C VAL A 7 -7.47 -1.14 19.90
N SER A 8 -6.90 -2.29 19.52
CA SER A 8 -7.16 -3.54 20.21
C SER A 8 -5.86 -4.16 20.71
N ALA A 9 -4.82 -4.11 19.87
CA ALA A 9 -3.52 -4.66 20.23
C ALA A 9 -3.66 -6.10 20.70
N ALA A 10 -4.59 -6.84 20.10
CA ALA A 10 -4.81 -8.23 20.46
C ALA A 10 -5.63 -8.95 19.40
N THR A 11 -5.39 -8.60 18.13
CA THR A 11 -6.12 -9.21 17.02
C THR A 11 -5.17 -9.62 15.90
N LEU A 12 -4.60 -8.63 15.22
CA LEU A 12 -3.67 -8.90 14.13
C LEU A 12 -2.41 -9.60 14.64
N SER A 13 -2.08 -10.72 14.01
CA SER A 13 -0.90 -11.49 14.40
C SER A 13 0.17 -11.43 13.32
N SER A 14 -0.25 -11.63 12.07
CA SER A 14 0.68 -11.59 10.94
C SER A 14 -0.03 -11.14 9.67
N ILE A 15 0.75 -10.73 8.67
CA ILE A 15 0.20 -10.27 7.40
C ILE A 15 1.07 -10.72 6.23
N SER A 16 0.43 -11.05 5.11
CA SER A 16 1.16 -11.50 3.93
C SER A 16 0.96 -10.51 2.79
N ILE A 17 2.06 -10.12 2.15
CA ILE A 17 2.01 -9.18 1.04
C ILE A 17 2.75 -9.72 -0.18
N SER A 18 2.21 -9.45 -1.36
CA SER A 18 2.82 -9.92 -2.60
C SER A 18 2.89 -8.80 -3.63
N PRO A 19 3.81 -7.85 -3.42
CA PRO A 19 4.00 -6.71 -4.31
C PRO A 19 4.59 -7.12 -5.65
N ILE A 20 4.54 -6.22 -6.63
CA ILE A 20 5.07 -6.49 -7.96
C ILE A 20 5.87 -5.29 -8.47
N ASN A 21 7.08 -5.58 -8.96
CA ASN A 21 7.95 -4.53 -9.49
C ASN A 21 7.68 -4.30 -10.98
N THR A 22 6.99 -3.20 -11.28
CA THR A 22 6.66 -2.86 -12.66
C THR A 22 7.02 -1.41 -12.98
N ASN A 23 7.18 -1.10 -14.25
CA ASN A 23 7.53 0.24 -14.69
C ASN A 23 6.51 0.77 -15.70
N ILE A 24 6.10 2.02 -15.52
CA ILE A 24 5.13 2.64 -16.41
C ILE A 24 5.48 4.10 -16.67
N ASN A 25 5.03 4.62 -17.81
CA ASN A 25 5.29 6.00 -18.18
C ASN A 25 4.00 6.81 -18.24
N THR A 26 4.13 8.12 -18.42
CA THR A 26 2.97 9.00 -18.50
C THR A 26 2.31 9.15 -17.14
N THR A 27 1.56 8.12 -16.74
CA THR A 27 0.86 8.13 -15.46
C THR A 27 -0.05 6.92 -15.31
N VAL A 28 0.33 6.01 -14.42
CA VAL A 28 -0.46 4.80 -14.19
C VAL A 28 -0.28 4.30 -12.76
N SER A 29 -1.36 3.76 -12.19
CA SER A 29 -1.32 3.25 -10.82
C SER A 29 -0.95 1.77 -10.81
N LYS A 30 -0.15 1.37 -9.82
CA LYS A 30 0.28 -0.02 -9.69
C LYS A 30 -0.60 -0.77 -8.69
N GLN A 31 -1.29 -1.79 -9.18
CA GLN A 31 -2.17 -2.59 -8.33
C GLN A 31 -1.46 -3.84 -7.83
N PHE A 32 -1.26 -3.94 -6.52
CA PHE A 32 -0.60 -5.08 -5.93
C PHE A 32 -1.59 -5.95 -5.16
N PHE A 33 -1.06 -6.94 -4.45
CA PHE A 33 -1.90 -7.85 -3.67
C PHE A 33 -1.60 -7.72 -2.17
N ALA A 34 -2.67 -7.75 -1.37
CA ALA A 34 -2.52 -7.64 0.07
C ALA A 34 -3.49 -8.57 0.79
N VAL A 35 -2.95 -9.43 1.65
CA VAL A 35 -3.76 -10.38 2.40
C VAL A 35 -3.44 -10.32 3.89
N GLY A 36 -4.47 -10.30 4.72
CA GLY A 36 -4.27 -10.24 6.16
C GLY A 36 -4.74 -11.50 6.85
N THR A 37 -3.96 -11.97 7.82
CA THR A 37 -4.30 -13.18 8.56
C THR A 37 -4.60 -12.86 10.02
N TYR A 38 -5.83 -13.08 10.43
CA TYR A 38 -6.25 -12.82 11.80
C TYR A 38 -5.76 -13.93 12.74
N SER A 39 -5.43 -13.55 13.97
CA SER A 39 -4.96 -14.52 14.96
C SER A 39 -6.00 -15.59 15.22
N ASP A 40 -7.25 -15.28 14.90
CA ASP A 40 -8.35 -16.23 15.10
C ASP A 40 -8.24 -17.39 14.12
N GLY A 41 -7.36 -17.26 13.14
CA GLY A 41 -7.18 -18.31 12.16
C GLY A 41 -7.97 -18.07 10.89
N THR A 42 -7.95 -16.82 10.41
CA THR A 42 -8.68 -16.46 9.20
C THR A 42 -7.79 -15.70 8.24
N LYS A 43 -8.27 -15.50 7.01
CA LYS A 43 -7.53 -14.79 5.99
C LYS A 43 -8.46 -14.02 5.06
N ALA A 44 -8.16 -12.74 4.83
CA ALA A 44 -8.98 -11.91 3.96
C ALA A 44 -8.17 -10.75 3.40
N ASP A 45 -8.36 -10.46 2.12
CA ASP A 45 -7.65 -9.37 1.46
C ASP A 45 -8.08 -8.02 2.03
N LEU A 46 -7.26 -7.46 2.92
CA LEU A 46 -7.55 -6.18 3.53
C LEU A 46 -6.39 -5.21 3.34
N THR A 47 -6.69 -4.06 2.75
CA THR A 47 -5.67 -3.03 2.51
C THR A 47 -5.99 -1.75 3.27
N SER A 48 -7.28 -1.49 3.47
CA SER A 48 -7.71 -0.29 4.18
C SER A 48 -7.14 -0.26 5.59
N SER A 49 -6.72 -1.44 6.08
CA SER A 49 -6.17 -1.55 7.42
C SER A 49 -4.71 -1.09 7.44
N VAL A 50 -3.95 -1.52 6.45
CA VAL A 50 -2.54 -1.15 6.35
C VAL A 50 -2.37 0.30 5.92
N THR A 51 -1.39 0.97 6.49
CA THR A 51 -1.13 2.37 6.15
C THR A 51 -0.03 2.49 5.10
N TRP A 52 -0.23 3.39 4.14
CA TRP A 52 0.74 3.60 3.08
C TRP A 52 1.52 4.90 3.29
N SER A 53 2.83 4.83 3.12
CA SER A 53 3.69 6.00 3.29
C SER A 53 4.82 6.01 2.27
N SER A 54 4.94 7.10 1.52
CA SER A 54 5.98 7.24 0.52
C SER A 54 6.89 8.42 0.82
N SER A 55 8.12 8.35 0.33
CA SER A 55 9.09 9.41 0.55
C SER A 55 8.58 10.74 -0.01
N ASN A 56 8.28 10.75 -1.30
CA ASN A 56 7.79 11.95 -1.96
C ASN A 56 6.27 12.07 -1.80
N GLN A 57 5.80 13.30 -1.56
CA GLN A 57 4.38 13.55 -1.40
C GLN A 57 3.63 13.39 -2.71
N SER A 58 4.31 13.74 -3.82
CA SER A 58 3.71 13.65 -5.14
C SER A 58 3.37 12.20 -5.49
N GLN A 59 4.31 11.30 -5.18
CA GLN A 59 4.11 9.88 -5.47
C GLN A 59 3.42 9.18 -4.29
N ALA A 60 3.13 9.95 -3.25
CA ALA A 60 2.46 9.40 -2.07
C ALA A 60 0.95 9.35 -2.27
N LYS A 61 0.53 8.65 -3.32
CA LYS A 61 -0.89 8.51 -3.63
C LYS A 61 -1.32 7.05 -3.59
N VAL A 62 -2.50 6.80 -3.05
CA VAL A 62 -3.03 5.44 -2.96
C VAL A 62 -4.55 5.43 -3.07
N SER A 63 -5.09 4.43 -3.76
CA SER A 63 -6.52 4.31 -3.93
C SER A 63 -7.13 3.39 -2.88
N ASN A 64 -7.44 3.96 -1.71
CA ASN A 64 -8.03 3.21 -0.62
C ASN A 64 -9.51 3.51 -0.48
N ALA A 65 -10.35 2.50 -0.73
CA ALA A 65 -11.79 2.66 -0.63
C ALA A 65 -12.48 1.30 -0.55
N SER A 66 -11.99 0.35 -1.32
CA SER A 66 -12.57 -0.99 -1.35
C SER A 66 -11.93 -1.88 -0.29
N GLU A 67 -10.79 -1.44 0.24
CA GLU A 67 -10.07 -2.18 1.25
C GLU A 67 -9.50 -3.47 0.67
N THR A 68 -9.54 -3.60 -0.65
CA THR A 68 -9.02 -4.78 -1.33
C THR A 68 -8.12 -4.39 -2.50
N LYS A 69 -7.89 -3.09 -2.66
CA LYS A 69 -7.04 -2.60 -3.74
C LYS A 69 -5.63 -2.28 -3.22
N GLY A 70 -5.45 -1.07 -2.71
CA GLY A 70 -4.15 -0.68 -2.19
C GLY A 70 -3.25 -0.10 -3.26
N LEU A 71 -3.72 -0.14 -4.51
CA LEU A 71 -2.95 0.38 -5.62
C LEU A 71 -2.35 1.75 -5.28
N VAL A 72 -1.15 2.01 -5.81
CA VAL A 72 -0.48 3.29 -5.57
C VAL A 72 -0.27 4.05 -6.86
N THR A 73 -0.67 5.31 -6.87
CA THR A 73 -0.53 6.16 -8.05
C THR A 73 0.49 7.27 -7.81
N GLY A 74 1.14 7.72 -8.88
CA GLY A 74 2.12 8.77 -8.77
C GLY A 74 1.75 10.02 -9.54
N ILE A 75 2.38 11.14 -9.22
CA ILE A 75 2.09 12.40 -9.89
C ILE A 75 3.20 12.75 -10.88
N ALA A 76 4.45 12.59 -10.45
CA ALA A 76 5.59 12.90 -11.29
C ALA A 76 6.51 11.68 -11.43
N SER A 77 7.54 11.81 -12.26
CA SER A 77 8.49 10.73 -12.48
C SER A 77 9.26 10.41 -11.20
N GLY A 78 10.30 9.60 -11.34
CA GLY A 78 11.11 9.23 -10.19
C GLY A 78 10.90 7.79 -9.76
N ASN A 79 11.64 7.35 -8.75
CA ASN A 79 11.53 5.99 -8.26
C ASN A 79 11.07 5.98 -6.80
N PRO A 80 9.81 6.39 -6.58
CA PRO A 80 9.22 6.44 -5.24
C PRO A 80 8.96 5.04 -4.67
N THR A 81 9.04 4.92 -3.35
CA THR A 81 8.81 3.65 -2.69
C THR A 81 7.62 3.71 -1.76
N ILE A 82 6.67 2.81 -1.95
CA ILE A 82 5.47 2.77 -1.13
C ILE A 82 5.61 1.74 0.00
N ILE A 83 5.80 2.23 1.21
CA ILE A 83 5.95 1.36 2.37
C ILE A 83 4.61 1.13 3.06
N ALA A 84 4.32 -0.12 3.39
CA ALA A 84 3.07 -0.47 4.05
C ALA A 84 3.32 -0.94 5.48
N THR A 85 2.53 -0.42 6.42
CA THR A 85 2.68 -0.79 7.82
C THR A 85 1.36 -1.30 8.40
N TYR A 86 1.37 -2.53 8.89
CA TYR A 86 0.16 -3.13 9.47
C TYR A 86 0.53 -4.20 10.49
N GLY A 87 0.24 -3.94 11.76
CA GLY A 87 0.54 -4.89 12.81
C GLY A 87 2.03 -5.08 13.00
N SER A 88 2.47 -6.33 13.00
CA SER A 88 3.88 -6.65 13.18
C SER A 88 4.55 -6.96 11.84
N VAL A 89 3.81 -6.76 10.77
CA VAL A 89 4.33 -7.02 9.43
C VAL A 89 4.19 -5.78 8.54
N SER A 90 5.17 -5.58 7.67
CA SER A 90 5.17 -4.43 6.77
C SER A 90 5.62 -4.84 5.37
N GLY A 91 5.13 -4.14 4.35
CA GLY A 91 5.50 -4.44 2.99
C GLY A 91 6.14 -3.26 2.29
N ASN A 92 6.40 -3.41 0.99
CA ASN A 92 7.02 -2.34 0.21
C ASN A 92 6.89 -2.62 -1.28
N THR A 93 6.50 -1.60 -2.03
CA THR A 93 6.33 -1.73 -3.48
C THR A 93 7.13 -0.67 -4.23
N ILE A 94 7.79 -1.09 -5.31
CA ILE A 94 8.60 -0.18 -6.11
C ILE A 94 7.90 0.14 -7.44
N LEU A 95 7.88 1.42 -7.78
CA LEU A 95 7.26 1.86 -9.03
C LEU A 95 8.18 2.81 -9.79
N THR A 96 8.48 2.46 -11.04
CA THR A 96 9.34 3.26 -11.88
C THR A 96 8.54 4.13 -12.84
N VAL A 97 8.52 5.44 -12.58
CA VAL A 97 7.78 6.37 -13.41
C VAL A 97 8.72 7.37 -14.09
N ASN A 98 8.59 7.49 -15.41
CA ASN A 98 9.43 8.40 -16.17
C ASN A 98 8.59 9.53 -16.78
N LYS A 99 7.65 10.04 -16.01
CA LYS A 99 6.78 11.11 -16.48
C LYS A 99 7.56 12.40 -16.68
N THR A 100 7.94 12.67 -17.93
CA THR A 100 8.70 13.87 -18.26
C THR A 100 8.02 15.11 -17.71
N ASP A 101 6.70 15.10 -17.67
CA ASP A 101 5.93 16.23 -17.15
C ASP A 101 6.07 16.34 -15.64
N THR A 102 5.78 17.52 -15.11
CA THR A 102 5.88 17.75 -13.68
C THR A 102 4.50 17.72 -13.02
N GLU A 1 -26.42 6.48 9.57
CA GLU A 1 -26.76 5.72 10.78
C GLU A 1 -25.93 4.44 10.87
N ASN A 2 -24.69 4.53 10.43
CA ASN A 2 -23.78 3.38 10.47
C ASN A 2 -22.42 3.78 11.01
N ILE A 3 -21.69 2.80 11.54
CA ILE A 3 -20.36 3.05 12.09
C ILE A 3 -19.32 2.12 11.46
N ASP A 4 -18.13 2.66 11.23
CA ASP A 4 -17.05 1.88 10.64
C ASP A 4 -16.26 1.13 11.70
N ILE A 5 -16.30 -0.20 11.65
CA ILE A 5 -15.59 -1.03 12.61
C ILE A 5 -15.03 -2.29 11.96
N THR A 6 -13.76 -2.58 12.23
CA THR A 6 -13.11 -3.75 11.67
C THR A 6 -11.95 -4.22 12.53
N VAL A 7 -11.16 -3.26 13.02
CA VAL A 7 -10.01 -3.56 13.87
C VAL A 7 -10.47 -3.99 15.26
N SER A 8 -9.64 -4.79 15.92
CA SER A 8 -9.95 -5.28 17.26
C SER A 8 -8.68 -5.65 18.02
N ALA A 9 -8.06 -6.76 17.61
CA ALA A 9 -6.83 -7.22 18.24
C ALA A 9 -5.62 -6.45 17.73
N ALA A 10 -4.74 -6.07 18.64
CA ALA A 10 -3.54 -5.32 18.28
C ALA A 10 -2.30 -6.21 18.37
N THR A 11 -2.44 -7.47 17.96
CA THR A 11 -1.34 -8.41 17.98
C THR A 11 -1.12 -9.04 16.61
N LEU A 12 -0.18 -8.48 15.85
CA LEU A 12 0.13 -8.98 14.52
C LEU A 12 1.24 -10.03 14.58
N SER A 13 0.97 -11.20 14.01
CA SER A 13 1.95 -12.28 13.99
C SER A 13 2.47 -12.53 12.57
N SER A 14 1.54 -12.59 11.62
CA SER A 14 1.90 -12.83 10.23
C SER A 14 1.23 -11.82 9.31
N ILE A 15 1.89 -11.48 8.21
CA ILE A 15 1.34 -10.54 7.25
C ILE A 15 1.46 -11.06 5.82
N SER A 16 0.48 -10.71 4.99
CA SER A 16 0.47 -11.16 3.60
C SER A 16 0.49 -9.96 2.65
N ILE A 17 1.58 -9.81 1.91
CA ILE A 17 1.70 -8.71 0.96
C ILE A 17 1.70 -9.22 -0.48
N SER A 18 1.06 -8.46 -1.37
CA SER A 18 0.97 -8.83 -2.78
C SER A 18 1.36 -7.66 -3.67
N PRO A 19 2.66 -7.33 -3.67
CA PRO A 19 3.20 -6.23 -4.48
C PRO A 19 3.19 -6.54 -5.96
N ILE A 20 3.32 -5.50 -6.78
CA ILE A 20 3.33 -5.68 -8.23
C ILE A 20 4.41 -4.83 -8.88
N ASN A 21 5.29 -5.48 -9.64
CA ASN A 21 6.38 -4.79 -10.32
C ASN A 21 6.07 -4.61 -11.80
N THR A 22 5.41 -3.52 -12.14
CA THR A 22 5.05 -3.23 -13.52
C THR A 22 5.42 -1.80 -13.89
N ASN A 23 5.55 -1.55 -15.19
CA ASN A 23 5.90 -0.22 -15.68
C ASN A 23 4.73 0.42 -16.42
N ILE A 24 4.49 1.69 -16.14
CA ILE A 24 3.39 2.42 -16.78
C ILE A 24 3.79 3.85 -17.12
N ASN A 25 3.13 4.43 -18.11
CA ASN A 25 3.43 5.79 -18.54
C ASN A 25 2.19 6.68 -18.43
N THR A 26 2.40 7.98 -18.47
CA THR A 26 1.30 8.94 -18.38
C THR A 26 0.77 9.03 -16.96
N THR A 27 1.68 9.27 -16.01
CA THR A 27 1.31 9.39 -14.60
C THR A 27 0.17 8.43 -14.26
N VAL A 28 0.52 7.18 -13.96
CA VAL A 28 -0.47 6.16 -13.62
C VAL A 28 -0.17 5.55 -12.26
N SER A 29 -1.22 5.19 -11.53
CA SER A 29 -1.06 4.59 -10.21
C SER A 29 -1.08 3.06 -10.31
N LYS A 30 -0.25 2.43 -9.49
CA LYS A 30 -0.16 0.97 -9.48
C LYS A 30 -1.00 0.38 -8.34
N GLN A 31 -1.74 -0.68 -8.64
CA GLN A 31 -2.57 -1.32 -7.64
C GLN A 31 -1.73 -2.18 -6.70
N PHE A 32 -1.95 -1.99 -5.39
CA PHE A 32 -1.20 -2.75 -4.39
C PHE A 32 -2.16 -3.42 -3.41
N PHE A 33 -1.75 -4.58 -2.90
CA PHE A 33 -2.57 -5.33 -1.95
C PHE A 33 -1.87 -5.46 -0.61
N ALA A 34 -2.62 -5.31 0.47
CA ALA A 34 -2.06 -5.41 1.82
C ALA A 34 -3.04 -6.10 2.77
N VAL A 35 -2.70 -7.31 3.17
CA VAL A 35 -3.54 -8.08 4.08
C VAL A 35 -2.83 -8.36 5.40
N GLY A 36 -3.55 -8.22 6.50
CA GLY A 36 -2.96 -8.47 7.81
C GLY A 36 -3.52 -9.71 8.47
N THR A 37 -2.65 -10.49 9.10
CA THR A 37 -3.06 -11.72 9.78
C THR A 37 -2.87 -11.60 11.28
N TYR A 38 -3.98 -11.67 12.03
CA TYR A 38 -3.93 -11.56 13.47
C TYR A 38 -3.45 -12.87 14.09
N SER A 39 -2.72 -12.77 15.20
CA SER A 39 -2.19 -13.94 15.89
C SER A 39 -3.33 -14.81 16.42
N ASP A 40 -4.52 -14.25 16.47
CA ASP A 40 -5.69 -14.97 16.95
C ASP A 40 -6.11 -16.06 15.96
N GLY A 41 -5.52 -16.02 14.78
CA GLY A 41 -5.84 -17.00 13.76
C GLY A 41 -6.83 -16.48 12.75
N THR A 42 -6.71 -15.21 12.39
CA THR A 42 -7.61 -14.59 11.42
C THR A 42 -6.84 -13.83 10.36
N LYS A 43 -7.53 -13.45 9.29
CA LYS A 43 -6.92 -12.72 8.18
C LYS A 43 -7.91 -11.76 7.54
N ALA A 44 -7.49 -10.51 7.39
CA ALA A 44 -8.34 -9.49 6.78
C ALA A 44 -7.55 -8.62 5.80
N ASP A 45 -8.06 -8.50 4.58
CA ASP A 45 -7.41 -7.69 3.56
C ASP A 45 -7.62 -6.21 3.81
N LEU A 46 -6.78 -5.63 4.66
CA LEU A 46 -6.89 -4.21 4.99
C LEU A 46 -5.56 -3.49 4.76
N THR A 47 -5.59 -2.45 3.94
CA THR A 47 -4.38 -1.68 3.64
C THR A 47 -4.14 -0.61 4.70
N SER A 48 -5.23 -0.05 5.22
CA SER A 48 -5.13 1.00 6.24
C SER A 48 -4.38 0.49 7.47
N SER A 49 -4.29 -0.83 7.60
CA SER A 49 -3.61 -1.45 8.73
C SER A 49 -2.10 -1.24 8.63
N VAL A 50 -1.59 -1.31 7.40
CA VAL A 50 -0.16 -1.14 7.16
C VAL A 50 0.17 0.31 6.79
N THR A 51 1.37 0.74 7.13
CA THR A 51 1.81 2.10 6.83
C THR A 51 2.57 2.16 5.52
N TRP A 52 2.30 3.19 4.73
CA TRP A 52 2.97 3.36 3.44
C TRP A 52 3.98 4.50 3.49
N SER A 53 5.22 4.22 3.09
CA SER A 53 6.26 5.22 3.10
C SER A 53 7.15 5.11 1.85
N SER A 54 7.11 6.13 1.00
CA SER A 54 7.90 6.13 -0.22
C SER A 54 9.03 7.15 -0.13
N SER A 55 10.09 6.91 -0.89
CA SER A 55 11.25 7.81 -0.90
C SER A 55 10.85 9.20 -1.37
N ASN A 56 10.62 9.35 -2.67
CA ASN A 56 10.23 10.63 -3.25
C ASN A 56 8.92 11.12 -2.63
N GLN A 57 9.00 12.25 -1.93
CA GLN A 57 7.82 12.83 -1.30
C GLN A 57 6.77 13.19 -2.34
N SER A 58 7.21 13.38 -3.58
CA SER A 58 6.30 13.74 -4.66
C SER A 58 5.56 12.51 -5.18
N GLN A 59 6.29 11.41 -5.37
CA GLN A 59 5.70 10.18 -5.85
C GLN A 59 5.15 9.34 -4.69
N ALA A 60 5.32 9.85 -3.48
CA ALA A 60 4.84 9.15 -2.29
C ALA A 60 3.35 9.40 -2.06
N LYS A 61 2.54 9.03 -3.04
CA LYS A 61 1.10 9.22 -2.94
C LYS A 61 0.37 7.88 -3.01
N VAL A 62 -0.63 7.71 -2.15
CA VAL A 62 -1.41 6.48 -2.12
C VAL A 62 -2.85 6.75 -1.70
N SER A 63 -3.80 6.17 -2.44
CA SER A 63 -5.21 6.35 -2.14
C SER A 63 -5.72 5.24 -1.22
N ASN A 64 -5.32 5.30 0.05
CA ASN A 64 -5.74 4.31 1.02
C ASN A 64 -6.85 4.85 1.92
N ALA A 65 -8.01 4.20 1.88
CA ALA A 65 -9.15 4.62 2.69
C ALA A 65 -10.36 3.72 2.44
N SER A 66 -10.49 3.25 1.21
CA SER A 66 -11.61 2.39 0.84
C SER A 66 -11.58 1.09 1.63
N GLU A 67 -10.42 0.43 1.64
CA GLU A 67 -10.26 -0.82 2.36
C GLU A 67 -8.90 -1.45 2.07
N THR A 68 -8.74 -1.95 0.85
CA THR A 68 -7.49 -2.59 0.44
C THR A 68 -7.00 -2.03 -0.89
N LYS A 69 -7.38 -0.79 -1.18
CA LYS A 69 -6.98 -0.13 -2.42
C LYS A 69 -5.49 -0.34 -2.69
N GLY A 70 -4.66 0.45 -2.03
CA GLY A 70 -3.23 0.33 -2.21
C GLY A 70 -2.73 1.09 -3.42
N LEU A 71 -3.66 1.64 -4.21
CA LEU A 71 -3.31 2.39 -5.39
C LEU A 71 -2.31 3.49 -5.07
N VAL A 72 -1.12 3.40 -5.66
CA VAL A 72 -0.07 4.38 -5.45
C VAL A 72 0.21 5.18 -6.71
N THR A 73 -0.02 6.48 -6.66
CA THR A 73 0.21 7.35 -7.80
C THR A 73 1.54 8.10 -7.67
N GLY A 74 2.15 8.44 -8.80
CA GLY A 74 3.41 9.15 -8.78
C GLY A 74 3.32 10.49 -9.48
N ILE A 75 4.26 11.38 -9.17
CA ILE A 75 4.30 12.70 -9.78
C ILE A 75 5.45 12.83 -10.77
N ALA A 76 6.62 12.35 -10.37
CA ALA A 76 7.81 12.41 -11.22
C ALA A 76 8.37 11.01 -11.48
N SER A 77 9.22 10.90 -12.49
CA SER A 77 9.82 9.62 -12.83
C SER A 77 10.96 9.28 -11.89
N GLY A 78 11.29 7.99 -11.79
CA GLY A 78 12.36 7.56 -10.92
C GLY A 78 12.11 6.18 -10.33
N ASN A 79 12.44 6.02 -9.05
CA ASN A 79 12.25 4.76 -8.37
C ASN A 79 11.27 4.91 -7.21
N PRO A 80 9.99 5.16 -7.53
CA PRO A 80 8.93 5.33 -6.53
C PRO A 80 8.59 4.01 -5.83
N THR A 81 9.44 3.63 -4.88
CA THR A 81 9.23 2.39 -4.13
C THR A 81 8.40 2.64 -2.88
N ILE A 82 7.29 1.91 -2.75
CA ILE A 82 6.41 2.06 -1.61
C ILE A 82 6.69 0.98 -0.56
N ILE A 83 7.14 1.41 0.62
CA ILE A 83 7.44 0.50 1.71
C ILE A 83 6.24 0.31 2.62
N ALA A 84 5.84 -0.94 2.82
CA ALA A 84 4.70 -1.25 3.68
C ALA A 84 5.16 -1.86 5.00
N THR A 85 5.00 -1.10 6.08
CA THR A 85 5.39 -1.57 7.40
C THR A 85 4.18 -1.92 8.25
N TYR A 86 4.14 -3.18 8.70
CA TYR A 86 3.02 -3.66 9.51
C TYR A 86 3.47 -4.81 10.41
N GLY A 87 3.48 -4.58 11.71
CA GLY A 87 3.88 -5.61 12.65
C GLY A 87 5.35 -5.97 12.53
N SER A 88 5.63 -7.26 12.40
CA SER A 88 7.01 -7.73 12.27
C SER A 88 7.35 -8.06 10.82
N VAL A 89 6.41 -7.76 9.93
CA VAL A 89 6.60 -8.01 8.51
C VAL A 89 6.39 -6.75 7.68
N SER A 90 7.19 -6.58 6.63
CA SER A 90 7.09 -5.42 5.77
C SER A 90 7.47 -5.77 4.33
N GLY A 91 6.87 -5.06 3.38
CA GLY A 91 7.15 -5.31 1.98
C GLY A 91 7.57 -4.06 1.24
N ASN A 92 7.73 -4.17 -0.08
CA ASN A 92 8.13 -3.04 -0.91
C ASN A 92 7.69 -3.24 -2.36
N THR A 93 6.95 -2.27 -2.88
CA THR A 93 6.47 -2.33 -4.25
C THR A 93 7.25 -1.39 -5.16
N ILE A 94 7.68 -1.90 -6.31
CA ILE A 94 8.44 -1.11 -7.27
C ILE A 94 7.60 -0.77 -8.50
N LEU A 95 7.57 0.52 -8.85
CA LEU A 95 6.80 0.98 -10.00
C LEU A 95 7.64 1.89 -10.88
N THR A 96 7.56 1.67 -12.19
CA THR A 96 8.32 2.47 -13.15
C THR A 96 7.41 3.45 -13.88
N VAL A 97 7.56 4.73 -13.57
CA VAL A 97 6.75 5.77 -14.19
C VAL A 97 7.62 6.73 -15.00
N ASN A 98 7.25 6.94 -16.27
CA ASN A 98 8.00 7.83 -17.14
C ASN A 98 7.35 9.21 -17.20
N LYS A 99 8.12 10.23 -16.89
CA LYS A 99 7.62 11.61 -16.91
C LYS A 99 7.80 12.23 -18.29
N THR A 100 6.83 13.03 -18.70
CA THR A 100 6.88 13.70 -20.00
C THR A 100 6.33 15.12 -19.91
N ASP A 101 6.47 15.74 -18.74
CA ASP A 101 5.98 17.10 -18.53
C ASP A 101 6.87 18.10 -19.27
N THR A 102 6.30 19.28 -19.56
CA THR A 102 7.03 20.32 -20.27
C THR A 102 7.28 21.52 -19.36
N GLU A 1 -19.72 7.18 7.46
CA GLU A 1 -18.68 6.18 7.23
C GLU A 1 -17.39 6.57 7.97
N ASN A 2 -17.03 7.83 7.89
CA ASN A 2 -15.82 8.33 8.55
C ASN A 2 -14.57 7.66 7.98
N ILE A 3 -13.42 7.99 8.54
CA ILE A 3 -12.16 7.41 8.10
C ILE A 3 -11.29 7.01 9.28
N ASP A 4 -11.44 5.76 9.72
CA ASP A 4 -10.67 5.25 10.84
C ASP A 4 -10.84 6.13 12.07
N ILE A 5 -11.82 5.79 12.90
CA ILE A 5 -12.10 6.54 14.12
C ILE A 5 -11.16 6.14 15.25
N THR A 6 -11.34 4.91 15.74
CA THR A 6 -10.52 4.39 16.83
C THR A 6 -9.99 3.01 16.49
N VAL A 7 -10.89 2.10 16.08
CA VAL A 7 -10.50 0.75 15.74
C VAL A 7 -10.12 -0.06 16.97
N SER A 8 -8.99 0.29 17.58
CA SER A 8 -8.51 -0.38 18.77
C SER A 8 -8.22 -1.86 18.48
N ALA A 9 -7.62 -2.54 19.44
CA ALA A 9 -7.29 -3.96 19.28
C ALA A 9 -6.30 -4.16 18.13
N ALA A 10 -5.77 -5.37 18.03
CA ALA A 10 -4.82 -5.70 16.98
C ALA A 10 -4.83 -7.20 16.68
N THR A 11 -4.28 -7.99 17.59
CA THR A 11 -4.22 -9.43 17.42
C THR A 11 -3.54 -9.82 16.12
N LEU A 12 -2.52 -9.05 15.75
CA LEU A 12 -1.77 -9.30 14.52
C LEU A 12 -0.56 -10.18 14.79
N SER A 13 -0.41 -11.23 13.98
CA SER A 13 0.70 -12.15 14.14
C SER A 13 1.66 -12.05 12.96
N SER A 14 1.11 -12.02 11.75
CA SER A 14 1.92 -11.92 10.54
C SER A 14 1.12 -11.32 9.41
N ILE A 15 1.79 -11.03 8.30
CA ILE A 15 1.15 -10.44 7.14
C ILE A 15 1.77 -10.95 5.85
N SER A 16 0.94 -11.13 4.82
CA SER A 16 1.40 -11.62 3.53
C SER A 16 1.38 -10.51 2.48
N ILE A 17 2.55 -10.16 1.98
CA ILE A 17 2.66 -9.11 0.97
C ILE A 17 3.20 -9.67 -0.34
N SER A 18 2.54 -9.31 -1.44
CA SER A 18 2.95 -9.77 -2.77
C SER A 18 2.87 -8.64 -3.78
N PRO A 19 3.83 -7.71 -3.70
CA PRO A 19 3.90 -6.56 -4.60
C PRO A 19 4.28 -6.96 -6.02
N ILE A 20 4.12 -6.04 -6.96
CA ILE A 20 4.45 -6.30 -8.36
C ILE A 20 5.19 -5.12 -8.97
N ASN A 21 6.38 -5.39 -9.51
CA ASN A 21 7.19 -4.35 -10.13
C ASN A 21 6.78 -4.15 -11.59
N THR A 22 6.06 -3.06 -11.84
CA THR A 22 5.60 -2.74 -13.19
C THR A 22 5.92 -1.29 -13.55
N ASN A 23 5.97 -1.01 -14.84
CA ASN A 23 6.26 0.33 -15.32
C ASN A 23 5.11 0.86 -16.19
N ILE A 24 4.74 2.11 -15.97
CA ILE A 24 3.66 2.74 -16.73
C ILE A 24 3.97 4.20 -17.04
N ASN A 25 3.39 4.71 -18.11
CA ASN A 25 3.61 6.09 -18.52
C ASN A 25 2.34 6.93 -18.33
N THR A 26 2.49 8.24 -18.37
CA THR A 26 1.36 9.15 -18.19
C THR A 26 0.89 9.16 -16.76
N THR A 27 1.64 8.50 -15.88
CA THR A 27 1.29 8.43 -14.46
C THR A 27 -0.01 7.66 -14.26
N VAL A 28 0.06 6.58 -13.50
CA VAL A 28 -1.11 5.75 -13.22
C VAL A 28 -1.05 5.18 -11.81
N SER A 29 -1.98 4.27 -11.51
CA SER A 29 -2.04 3.64 -10.19
C SER A 29 -1.63 2.18 -10.26
N LYS A 30 -0.71 1.80 -9.38
CA LYS A 30 -0.23 0.42 -9.34
C LYS A 30 -0.97 -0.39 -8.27
N GLN A 31 -1.68 -1.42 -8.71
CA GLN A 31 -2.43 -2.27 -7.79
C GLN A 31 -1.63 -3.53 -7.44
N PHE A 32 -1.57 -3.84 -6.15
CA PHE A 32 -0.84 -5.03 -5.69
C PHE A 32 -1.75 -5.94 -4.88
N PHE A 33 -1.15 -6.89 -4.17
CA PHE A 33 -1.90 -7.82 -3.34
C PHE A 33 -1.56 -7.65 -1.87
N ALA A 34 -2.56 -7.73 -1.02
CA ALA A 34 -2.37 -7.59 0.42
C ALA A 34 -3.24 -8.57 1.20
N VAL A 35 -2.61 -9.36 2.06
CA VAL A 35 -3.32 -10.34 2.86
C VAL A 35 -2.95 -10.22 4.34
N GLY A 36 -3.95 -10.36 5.20
CA GLY A 36 -3.70 -10.26 6.63
C GLY A 36 -4.26 -11.45 7.39
N THR A 37 -3.40 -12.09 8.20
CA THR A 37 -3.81 -13.24 8.98
C THR A 37 -3.77 -12.94 10.48
N TYR A 38 -4.94 -13.01 11.12
CA TYR A 38 -5.03 -12.74 12.55
C TYR A 38 -4.66 -13.98 13.37
N SER A 39 -4.10 -13.75 14.55
CA SER A 39 -3.70 -14.85 15.42
C SER A 39 -4.92 -15.67 15.84
N ASP A 40 -6.10 -15.10 15.68
CA ASP A 40 -7.34 -15.77 16.05
C ASP A 40 -7.63 -16.93 15.09
N GLY A 41 -6.87 -16.99 14.00
CA GLY A 41 -7.07 -18.04 13.03
C GLY A 41 -7.94 -17.62 11.87
N THR A 42 -7.71 -16.40 11.38
CA THR A 42 -8.48 -15.86 10.26
C THR A 42 -7.57 -15.29 9.19
N LYS A 43 -8.11 -15.12 7.99
CA LYS A 43 -7.35 -14.58 6.87
C LYS A 43 -8.25 -13.77 5.93
N ALA A 44 -7.86 -12.54 5.65
CA ALA A 44 -8.63 -11.67 4.77
C ALA A 44 -7.73 -10.63 4.11
N ASP A 45 -7.99 -10.33 2.85
CA ASP A 45 -7.21 -9.36 2.11
C ASP A 45 -7.30 -7.98 2.77
N LEU A 46 -6.18 -7.55 3.35
CA LEU A 46 -6.13 -6.25 4.02
C LEU A 46 -4.99 -5.41 3.47
N THR A 47 -5.33 -4.20 3.01
CA THR A 47 -4.34 -3.29 2.45
C THR A 47 -4.12 -2.09 3.37
N SER A 48 -5.18 -1.34 3.62
CA SER A 48 -5.10 -0.16 4.48
C SER A 48 -4.63 -0.54 5.87
N SER A 49 -4.76 -1.82 6.21
CA SER A 49 -4.35 -2.31 7.52
C SER A 49 -2.86 -2.06 7.75
N VAL A 50 -2.13 -1.85 6.66
CA VAL A 50 -0.69 -1.60 6.74
C VAL A 50 -0.38 -0.14 6.43
N THR A 51 0.72 0.35 6.99
CA THR A 51 1.14 1.73 6.78
C THR A 51 2.03 1.86 5.54
N TRP A 52 1.66 2.75 4.64
CA TRP A 52 2.42 2.97 3.41
C TRP A 52 3.19 4.28 3.48
N SER A 53 4.49 4.21 3.21
CA SER A 53 5.34 5.40 3.23
C SER A 53 6.24 5.45 2.00
N SER A 54 6.09 6.50 1.20
CA SER A 54 6.88 6.67 -0.01
C SER A 54 7.93 7.76 0.18
N SER A 55 9.02 7.67 -0.58
CA SER A 55 10.10 8.65 -0.50
C SER A 55 9.58 10.04 -0.83
N ASN A 56 9.31 10.28 -2.10
CA ASN A 56 8.82 11.58 -2.55
C ASN A 56 7.38 11.82 -2.08
N GLN A 57 7.17 12.93 -1.39
CA GLN A 57 5.84 13.27 -0.89
C GLN A 57 4.90 13.63 -2.03
N SER A 58 5.46 13.80 -3.23
CA SER A 58 4.67 14.15 -4.41
C SER A 58 3.95 12.93 -4.96
N GLN A 59 4.68 11.82 -5.08
CA GLN A 59 4.11 10.59 -5.59
C GLN A 59 3.71 9.65 -4.45
N ALA A 60 3.93 10.09 -3.22
CA ALA A 60 3.59 9.30 -2.05
C ALA A 60 2.09 9.31 -1.80
N LYS A 61 1.36 8.60 -2.66
CA LYS A 61 -0.10 8.52 -2.54
C LYS A 61 -0.55 7.06 -2.47
N VAL A 62 -1.51 6.79 -1.58
CA VAL A 62 -2.04 5.44 -1.42
C VAL A 62 -3.55 5.47 -1.17
N SER A 63 -4.24 4.45 -1.67
CA SER A 63 -5.68 4.37 -1.51
C SER A 63 -6.04 3.42 -0.36
N ASN A 64 -6.37 4.00 0.79
CA ASN A 64 -6.73 3.23 1.97
C ASN A 64 -8.20 3.44 2.32
N ALA A 65 -9.07 2.69 1.65
CA ALA A 65 -10.51 2.79 1.91
C ALA A 65 -11.14 1.41 2.04
N SER A 66 -11.29 0.72 0.90
CA SER A 66 -11.88 -0.61 0.90
C SER A 66 -11.02 -1.60 1.67
N GLU A 67 -9.77 -1.20 1.94
CA GLU A 67 -8.85 -2.06 2.68
C GLU A 67 -8.51 -3.31 1.87
N THR A 68 -8.85 -3.29 0.59
CA THR A 68 -8.58 -4.43 -0.29
C THR A 68 -7.93 -3.98 -1.59
N LYS A 69 -7.53 -2.71 -1.64
CA LYS A 69 -6.89 -2.15 -2.82
C LYS A 69 -5.42 -1.84 -2.55
N GLY A 70 -5.18 -0.66 -1.98
CA GLY A 70 -3.82 -0.26 -1.67
C GLY A 70 -3.12 0.39 -2.85
N LEU A 71 -3.80 0.43 -4.00
CA LEU A 71 -3.24 1.02 -5.20
C LEU A 71 -2.49 2.31 -4.87
N VAL A 72 -1.27 2.41 -5.40
CA VAL A 72 -0.44 3.59 -5.17
C VAL A 72 -0.37 4.47 -6.42
N THR A 73 -0.63 5.76 -6.24
CA THR A 73 -0.58 6.70 -7.35
C THR A 73 0.55 7.70 -7.19
N GLY A 74 1.07 8.19 -8.31
CA GLY A 74 2.15 9.16 -8.27
C GLY A 74 1.82 10.43 -9.02
N ILE A 75 2.66 11.45 -8.84
CA ILE A 75 2.45 12.73 -9.50
C ILE A 75 3.58 13.04 -10.47
N ALA A 76 4.82 12.81 -10.03
CA ALA A 76 5.98 13.05 -10.87
C ALA A 76 6.79 11.78 -11.06
N SER A 77 7.66 11.78 -12.07
CA SER A 77 8.50 10.62 -12.36
C SER A 77 9.54 10.41 -11.27
N GLY A 78 10.40 9.42 -11.45
CA GLY A 78 11.44 9.13 -10.48
C GLY A 78 11.35 7.72 -9.94
N ASN A 79 11.73 7.54 -8.68
CA ASN A 79 11.70 6.22 -8.05
C ASN A 79 10.67 6.18 -6.93
N PRO A 80 9.39 6.16 -7.31
CA PRO A 80 8.27 6.11 -6.35
C PRO A 80 8.20 4.77 -5.62
N THR A 81 9.07 4.60 -4.63
CA THR A 81 9.11 3.37 -3.85
C THR A 81 8.23 3.48 -2.61
N ILE A 82 7.29 2.54 -2.47
CA ILE A 82 6.39 2.54 -1.32
C ILE A 82 6.71 1.40 -0.37
N ILE A 83 6.82 1.72 0.92
CA ILE A 83 7.12 0.71 1.93
C ILE A 83 5.90 0.41 2.79
N ALA A 84 5.63 -0.87 3.00
CA ALA A 84 4.49 -1.29 3.81
C ALA A 84 4.95 -1.87 5.14
N THR A 85 4.47 -1.30 6.23
CA THR A 85 4.83 -1.76 7.57
C THR A 85 3.59 -2.09 8.40
N TYR A 86 3.49 -3.33 8.84
CA TYR A 86 2.35 -3.77 9.64
C TYR A 86 2.72 -4.98 10.50
N GLY A 87 2.74 -4.78 11.81
CA GLY A 87 3.08 -5.86 12.72
C GLY A 87 4.55 -6.22 12.67
N SER A 88 4.84 -7.49 12.42
CA SER A 88 6.22 -7.96 12.35
C SER A 88 6.63 -8.24 10.90
N VAL A 89 5.72 -7.95 9.97
CA VAL A 89 5.99 -8.17 8.56
C VAL A 89 5.87 -6.86 7.77
N SER A 90 6.73 -6.70 6.77
CA SER A 90 6.72 -5.50 5.94
C SER A 90 7.06 -5.83 4.50
N GLY A 91 6.49 -5.08 3.56
CA GLY A 91 6.75 -5.31 2.15
C GLY A 91 7.28 -4.08 1.45
N ASN A 92 7.49 -4.18 0.15
CA ASN A 92 8.00 -3.06 -0.63
C ASN A 92 7.57 -3.18 -2.09
N THR A 93 7.12 -2.07 -2.67
CA THR A 93 6.67 -2.04 -4.05
C THR A 93 7.34 -0.91 -4.82
N ILE A 94 7.93 -1.25 -5.96
CA ILE A 94 8.60 -0.26 -6.80
C ILE A 94 7.85 -0.04 -8.10
N LEU A 95 7.72 1.22 -8.50
CA LEU A 95 7.02 1.56 -9.73
C LEU A 95 7.84 2.54 -10.56
N THR A 96 7.76 2.40 -11.88
CA THR A 96 8.49 3.28 -12.80
C THR A 96 7.54 4.14 -13.62
N VAL A 97 7.51 5.44 -13.31
CA VAL A 97 6.65 6.37 -14.02
C VAL A 97 7.46 7.42 -14.76
N ASN A 98 7.18 7.58 -16.04
CA ASN A 98 7.90 8.56 -16.86
C ASN A 98 7.03 9.78 -17.13
N LYS A 99 6.60 10.45 -16.06
CA LYS A 99 5.76 11.63 -16.18
C LYS A 99 6.52 12.78 -16.83
N THR A 100 6.26 13.01 -18.11
CA THR A 100 6.93 14.08 -18.84
C THR A 100 6.09 15.35 -18.86
N ASP A 101 5.22 15.49 -17.86
CA ASP A 101 4.36 16.66 -17.76
C ASP A 101 5.04 17.78 -16.98
N THR A 102 4.70 19.02 -17.32
CA THR A 102 5.28 20.17 -16.65
C THR A 102 6.76 19.95 -16.34
N GLU A 1 -22.00 9.61 28.06
CA GLU A 1 -20.57 9.91 27.93
C GLU A 1 -19.77 8.67 27.54
N ASN A 2 -19.70 8.40 26.24
CA ASN A 2 -18.97 7.25 25.73
C ASN A 2 -18.04 7.65 24.59
N ILE A 3 -16.99 6.87 24.40
CA ILE A 3 -16.02 7.14 23.34
C ILE A 3 -16.16 6.12 22.20
N ASP A 4 -16.10 6.61 20.97
CA ASP A 4 -16.20 5.75 19.80
C ASP A 4 -14.98 4.86 19.66
N ILE A 5 -13.81 5.42 19.96
CA ILE A 5 -12.56 4.66 19.87
C ILE A 5 -12.26 4.25 18.44
N THR A 6 -10.99 4.04 18.15
CA THR A 6 -10.57 3.64 16.81
C THR A 6 -10.71 2.14 16.61
N VAL A 7 -10.76 1.72 15.35
CA VAL A 7 -10.88 0.30 15.02
C VAL A 7 -10.05 -0.06 13.80
N SER A 8 -8.75 -0.25 14.01
CA SER A 8 -7.84 -0.58 12.92
C SER A 8 -6.79 -1.59 13.39
N ALA A 9 -7.18 -2.45 14.34
CA ALA A 9 -6.26 -3.46 14.86
C ALA A 9 -7.00 -4.44 15.76
N ALA A 10 -7.69 -5.40 15.13
CA ALA A 10 -8.43 -6.41 15.88
C ALA A 10 -7.52 -7.53 16.37
N THR A 11 -7.01 -8.32 15.43
CA THR A 11 -6.11 -9.42 15.77
C THR A 11 -5.16 -9.73 14.61
N LEU A 12 -4.21 -8.85 14.38
CA LEU A 12 -3.23 -9.02 13.30
C LEU A 12 -1.99 -9.75 13.81
N SER A 13 -1.69 -10.90 13.22
CA SER A 13 -0.53 -11.68 13.61
C SER A 13 0.53 -11.67 12.52
N SER A 14 0.09 -11.89 11.28
CA SER A 14 1.00 -11.91 10.14
C SER A 14 0.30 -11.40 8.88
N ILE A 15 1.08 -10.78 7.99
CA ILE A 15 0.53 -10.24 6.75
C ILE A 15 1.34 -10.74 5.55
N SER A 16 0.68 -10.80 4.39
CA SER A 16 1.33 -11.26 3.17
C SER A 16 1.24 -10.20 2.08
N ILE A 17 2.40 -9.74 1.60
CA ILE A 17 2.44 -8.73 0.56
C ILE A 17 3.19 -9.23 -0.67
N SER A 18 2.71 -8.86 -1.85
CA SER A 18 3.34 -9.28 -3.10
C SER A 18 3.51 -8.09 -4.05
N PRO A 19 4.44 -7.19 -3.69
CA PRO A 19 4.73 -6.00 -4.49
C PRO A 19 5.41 -6.34 -5.82
N ILE A 20 5.46 -5.37 -6.72
CA ILE A 20 6.08 -5.56 -8.03
C ILE A 20 6.95 -4.37 -8.41
N ASN A 21 8.13 -4.64 -8.93
CA ASN A 21 9.05 -3.59 -9.35
C ASN A 21 9.15 -3.51 -10.86
N THR A 22 8.41 -2.56 -11.44
CA THR A 22 8.41 -2.37 -12.89
C THR A 22 8.64 -0.91 -13.26
N ASN A 23 9.05 -0.67 -14.49
CA ASN A 23 9.29 0.69 -14.97
C ASN A 23 8.23 1.11 -15.98
N ILE A 24 7.71 2.31 -15.80
CA ILE A 24 6.68 2.84 -16.69
C ILE A 24 6.84 4.34 -16.89
N ASN A 25 6.34 4.85 -18.02
CA ASN A 25 6.43 6.27 -18.33
C ASN A 25 5.04 6.88 -18.47
N THR A 26 4.91 8.14 -18.05
CA THR A 26 3.63 8.84 -18.13
C THR A 26 2.66 8.33 -17.07
N THR A 27 2.22 7.09 -17.23
CA THR A 27 1.29 6.49 -16.28
C THR A 27 1.86 5.22 -15.68
N VAL A 28 2.51 5.35 -14.53
CA VAL A 28 3.11 4.21 -13.85
C VAL A 28 2.18 3.66 -12.76
N SER A 29 1.37 2.67 -13.13
CA SER A 29 0.43 2.07 -12.19
C SER A 29 0.86 0.65 -11.83
N LYS A 30 1.14 0.43 -10.54
CA LYS A 30 1.56 -0.88 -10.06
C LYS A 30 0.51 -1.48 -9.14
N GLN A 31 -0.02 -2.63 -9.53
CA GLN A 31 -1.03 -3.31 -8.74
C GLN A 31 -0.42 -4.45 -7.93
N PHE A 32 -0.47 -4.32 -6.61
CA PHE A 32 0.09 -5.35 -5.73
C PHE A 32 -1.02 -6.04 -4.94
N PHE A 33 -0.64 -7.07 -4.17
CA PHE A 33 -1.60 -7.82 -3.37
C PHE A 33 -1.29 -7.68 -1.88
N ALA A 34 -2.33 -7.55 -1.07
CA ALA A 34 -2.16 -7.41 0.37
C ALA A 34 -3.24 -8.19 1.12
N VAL A 35 -2.83 -9.27 1.78
CA VAL A 35 -3.76 -10.11 2.54
C VAL A 35 -3.41 -10.11 4.02
N GLY A 36 -4.44 -10.04 4.86
CA GLY A 36 -4.21 -10.04 6.29
C GLY A 36 -4.58 -11.36 6.95
N THR A 37 -3.69 -11.87 7.79
CA THR A 37 -3.93 -13.14 8.47
C THR A 37 -4.19 -12.92 9.96
N TYR A 38 -5.38 -13.30 10.40
CA TYR A 38 -5.75 -13.15 11.81
C TYR A 38 -5.18 -14.28 12.65
N SER A 39 -4.82 -13.96 13.89
CA SER A 39 -4.25 -14.94 14.80
C SER A 39 -5.21 -16.10 15.02
N ASP A 40 -6.50 -15.85 14.77
CA ASP A 40 -7.53 -16.86 14.95
C ASP A 40 -7.41 -17.95 13.87
N GLY A 41 -6.58 -17.69 12.87
CA GLY A 41 -6.39 -18.65 11.80
C GLY A 41 -7.25 -18.36 10.59
N THR A 42 -7.31 -17.08 10.20
CA THR A 42 -8.11 -16.67 9.05
C THR A 42 -7.30 -15.81 8.10
N LYS A 43 -7.86 -15.56 6.91
CA LYS A 43 -7.19 -14.74 5.91
C LYS A 43 -8.20 -13.96 5.08
N ALA A 44 -7.99 -12.65 4.99
CA ALA A 44 -8.89 -11.79 4.23
C ALA A 44 -8.10 -10.87 3.28
N ASP A 45 -8.48 -10.87 2.01
CA ASP A 45 -7.82 -10.05 1.01
C ASP A 45 -8.21 -8.58 1.17
N LEU A 46 -7.64 -7.93 2.18
CA LEU A 46 -7.93 -6.52 2.44
C LEU A 46 -6.64 -5.70 2.51
N THR A 47 -6.56 -4.67 1.69
CA THR A 47 -5.39 -3.81 1.67
C THR A 47 -5.68 -2.46 2.32
N SER A 48 -6.95 -2.07 2.30
CA SER A 48 -7.36 -0.79 2.89
C SER A 48 -7.08 -0.77 4.39
N SER A 49 -6.83 -1.95 4.96
CA SER A 49 -6.54 -2.06 6.38
C SER A 49 -5.10 -1.65 6.69
N VAL A 50 -4.27 -1.60 5.65
CA VAL A 50 -2.87 -1.22 5.80
C VAL A 50 -2.68 0.26 5.48
N THR A 51 -1.54 0.80 5.92
CA THR A 51 -1.22 2.20 5.68
C THR A 51 -0.17 2.35 4.58
N TRP A 52 -0.37 3.33 3.70
CA TRP A 52 0.56 3.56 2.60
C TRP A 52 1.28 4.90 2.78
N SER A 53 2.58 4.89 2.60
CA SER A 53 3.38 6.11 2.74
C SER A 53 4.54 6.13 1.75
N SER A 54 4.54 7.14 0.88
CA SER A 54 5.59 7.27 -0.14
C SER A 54 6.42 8.53 0.10
N SER A 55 7.72 8.42 -0.15
CA SER A 55 8.62 9.55 0.04
C SER A 55 8.10 10.79 -0.69
N ASN A 56 8.28 10.82 -2.00
CA ASN A 56 7.83 11.94 -2.81
C ASN A 56 6.30 12.06 -2.79
N GLN A 57 5.81 13.13 -2.18
CA GLN A 57 4.38 13.36 -2.08
C GLN A 57 3.74 13.46 -3.46
N SER A 58 4.56 13.82 -4.45
CA SER A 58 4.08 13.96 -5.82
C SER A 58 3.65 12.61 -6.38
N GLN A 59 4.48 11.60 -6.16
CA GLN A 59 4.19 10.26 -6.65
C GLN A 59 3.55 9.40 -5.56
N ALA A 60 3.39 9.99 -4.37
CA ALA A 60 2.79 9.28 -3.25
C ALA A 60 1.28 9.19 -3.39
N LYS A 61 0.84 8.55 -4.47
CA LYS A 61 -0.59 8.40 -4.73
C LYS A 61 -0.98 6.92 -4.77
N VAL A 62 -2.11 6.59 -4.16
CA VAL A 62 -2.59 5.22 -4.13
C VAL A 62 -4.11 5.16 -4.09
N SER A 63 -4.69 4.18 -4.77
CA SER A 63 -6.14 4.03 -4.81
C SER A 63 -6.58 2.85 -3.94
N ASN A 64 -6.83 3.13 -2.66
CA ASN A 64 -7.27 2.10 -1.73
C ASN A 64 -8.68 2.38 -1.22
N ALA A 65 -9.59 1.48 -1.52
CA ALA A 65 -10.98 1.63 -1.10
C ALA A 65 -11.84 0.48 -1.60
N SER A 66 -11.51 -0.03 -2.78
CA SER A 66 -12.26 -1.13 -3.38
C SER A 66 -12.21 -2.37 -2.49
N GLU A 67 -11.00 -2.73 -2.06
CA GLU A 67 -10.82 -3.90 -1.20
C GLU A 67 -9.34 -4.19 -0.97
N THR A 68 -8.68 -4.73 -2.00
CA THR A 68 -7.27 -5.05 -1.92
C THR A 68 -6.51 -4.48 -3.11
N LYS A 69 -7.04 -3.41 -3.69
CA LYS A 69 -6.41 -2.77 -4.85
C LYS A 69 -4.94 -2.45 -4.55
N GLY A 70 -4.70 -1.28 -3.97
CA GLY A 70 -3.34 -0.88 -3.65
C GLY A 70 -2.63 -0.26 -4.83
N LEU A 71 -3.27 -0.28 -6.00
CA LEU A 71 -2.68 0.27 -7.20
C LEU A 71 -2.06 1.64 -6.93
N VAL A 72 -0.73 1.71 -6.99
CA VAL A 72 -0.03 2.96 -6.75
C VAL A 72 0.32 3.66 -8.07
N THR A 73 0.21 4.98 -8.07
CA THR A 73 0.49 5.76 -9.27
C THR A 73 1.40 6.96 -8.93
N GLY A 74 2.21 7.36 -9.89
CA GLY A 74 3.11 8.48 -9.68
C GLY A 74 2.80 9.65 -10.59
N ILE A 75 3.38 10.80 -10.28
CA ILE A 75 3.16 12.01 -11.08
C ILE A 75 4.43 12.45 -11.78
N ALA A 76 5.54 12.45 -11.04
CA ALA A 76 6.83 12.84 -11.59
C ALA A 76 7.86 11.73 -11.43
N SER A 77 9.04 11.92 -12.00
CA SER A 77 10.10 10.93 -11.93
C SER A 77 10.68 10.86 -10.52
N GLY A 78 11.80 10.15 -10.38
CA GLY A 78 12.43 10.01 -9.08
C GLY A 78 12.33 8.60 -8.53
N ASN A 79 12.29 8.48 -7.21
CA ASN A 79 12.18 7.18 -6.57
C ASN A 79 10.85 7.02 -5.85
N PRO A 80 9.78 6.79 -6.64
CA PRO A 80 8.42 6.63 -6.11
C PRO A 80 8.26 5.30 -5.36
N THR A 81 8.80 5.25 -4.14
CA THR A 81 8.71 4.06 -3.31
C THR A 81 7.54 4.13 -2.35
N ILE A 82 6.67 3.13 -2.40
CA ILE A 82 5.50 3.09 -1.54
C ILE A 82 5.66 2.02 -0.46
N ILE A 83 5.57 2.44 0.80
CA ILE A 83 5.70 1.51 1.93
C ILE A 83 4.33 1.15 2.49
N ALA A 84 4.17 -0.12 2.86
CA ALA A 84 2.91 -0.60 3.42
C ALA A 84 3.11 -1.14 4.83
N THR A 85 2.57 -0.42 5.81
CA THR A 85 2.69 -0.82 7.21
C THR A 85 1.38 -1.40 7.73
N TYR A 86 1.44 -2.64 8.21
CA TYR A 86 0.27 -3.31 8.74
C TYR A 86 0.65 -4.36 9.77
N GLY A 87 0.41 -4.06 11.04
CA GLY A 87 0.74 -4.99 12.10
C GLY A 87 2.23 -5.12 12.31
N SER A 88 2.71 -6.36 12.34
CA SER A 88 4.14 -6.61 12.54
C SER A 88 4.83 -6.89 11.21
N VAL A 89 4.08 -6.76 10.12
CA VAL A 89 4.62 -6.99 8.79
C VAL A 89 4.39 -5.78 7.88
N SER A 90 5.37 -5.51 7.03
CA SER A 90 5.28 -4.38 6.10
C SER A 90 6.02 -4.67 4.80
N GLY A 91 5.58 -4.02 3.72
CA GLY A 91 6.20 -4.24 2.44
C GLY A 91 6.65 -2.94 1.79
N ASN A 92 7.13 -3.03 0.55
CA ASN A 92 7.60 -1.85 -0.17
C ASN A 92 7.63 -2.12 -1.67
N THR A 93 7.20 -1.13 -2.45
CA THR A 93 7.18 -1.26 -3.90
C THR A 93 7.96 -0.14 -4.57
N ILE A 94 8.85 -0.51 -5.49
CA ILE A 94 9.65 0.48 -6.20
C ILE A 94 9.21 0.62 -7.65
N LEU A 95 9.13 1.86 -8.12
CA LEU A 95 8.71 2.13 -9.50
C LEU A 95 9.67 3.12 -10.17
N THR A 96 9.89 2.92 -11.47
CA THR A 96 10.79 3.78 -12.23
C THR A 96 10.01 4.62 -13.24
N VAL A 97 9.92 5.92 -12.99
CA VAL A 97 9.21 6.83 -13.88
C VAL A 97 10.16 7.85 -14.49
N ASN A 98 10.12 7.97 -15.81
CA ASN A 98 10.98 8.91 -16.52
C ASN A 98 10.15 10.02 -17.18
N LYS A 99 9.28 10.63 -16.39
CA LYS A 99 8.43 11.71 -16.88
C LYS A 99 9.26 12.93 -17.25
N THR A 100 9.21 13.31 -18.53
CA THR A 100 9.96 14.46 -19.00
C THR A 100 9.09 15.72 -19.00
N ASP A 101 9.07 16.41 -17.87
CA ASP A 101 8.28 17.64 -17.73
C ASP A 101 8.94 18.79 -18.50
N THR A 102 8.11 19.71 -19.00
CA THR A 102 8.60 20.86 -19.75
C THR A 102 9.41 20.40 -20.95
N GLU A 1 1.97 10.34 8.67
CA GLU A 1 2.09 9.53 9.88
C GLU A 1 0.97 9.87 10.86
N ASN A 2 -0.19 10.21 10.32
CA ASN A 2 -1.35 10.56 11.15
C ASN A 2 -2.43 9.49 11.05
N ILE A 3 -2.91 9.03 12.21
CA ILE A 3 -3.94 8.01 12.26
C ILE A 3 -5.01 8.34 13.30
N ASP A 4 -6.27 8.25 12.90
CA ASP A 4 -7.38 8.55 13.81
C ASP A 4 -7.27 7.71 15.08
N ILE A 5 -7.21 8.39 16.22
CA ILE A 5 -7.10 7.71 17.51
C ILE A 5 -8.44 7.09 17.91
N THR A 6 -8.70 5.90 17.40
CA THR A 6 -9.95 5.19 17.70
C THR A 6 -9.68 3.95 18.55
N VAL A 7 -8.49 3.38 18.40
CA VAL A 7 -8.12 2.20 19.16
C VAL A 7 -9.06 1.03 18.87
N SER A 8 -8.86 0.39 17.73
CA SER A 8 -9.69 -0.74 17.32
C SER A 8 -8.91 -2.05 17.40
N ALA A 9 -9.63 -3.16 17.51
CA ALA A 9 -9.00 -4.47 17.59
C ALA A 9 -8.42 -4.89 16.24
N ALA A 10 -7.11 -5.02 16.19
CA ALA A 10 -6.43 -5.42 14.95
C ALA A 10 -6.37 -6.93 14.83
N THR A 11 -5.90 -7.59 15.88
CA THR A 11 -5.80 -9.05 15.87
C THR A 11 -4.94 -9.54 14.71
N LEU A 12 -3.92 -8.76 14.36
CA LEU A 12 -3.03 -9.11 13.27
C LEU A 12 -1.79 -9.83 13.79
N SER A 13 -1.60 -11.07 13.35
CA SER A 13 -0.46 -11.87 13.77
C SER A 13 0.49 -12.13 12.61
N SER A 14 -0.07 -12.52 11.47
CA SER A 14 0.72 -12.79 10.28
C SER A 14 0.04 -12.23 9.03
N ILE A 15 0.85 -11.82 8.06
CA ILE A 15 0.33 -11.26 6.82
C ILE A 15 1.16 -11.71 5.62
N SER A 16 0.52 -11.75 4.45
CA SER A 16 1.21 -12.17 3.23
C SER A 16 1.01 -11.14 2.12
N ILE A 17 2.12 -10.67 1.55
CA ILE A 17 2.08 -9.68 0.47
C ILE A 17 2.83 -10.18 -0.75
N SER A 18 2.28 -9.88 -1.93
CA SER A 18 2.91 -10.29 -3.18
C SER A 18 3.09 -9.10 -4.12
N PRO A 19 3.98 -8.18 -3.73
CA PRO A 19 4.27 -6.97 -4.52
C PRO A 19 5.02 -7.29 -5.81
N ILE A 20 4.92 -6.39 -6.77
CA ILE A 20 5.59 -6.57 -8.06
C ILE A 20 6.27 -5.29 -8.52
N ASN A 21 7.58 -5.36 -8.73
CA ASN A 21 8.35 -4.20 -9.17
C ASN A 21 8.25 -4.03 -10.69
N THR A 22 7.42 -3.09 -11.12
CA THR A 22 7.24 -2.82 -12.54
C THR A 22 7.36 -1.33 -12.84
N ASN A 23 7.64 -1.00 -14.09
CA ASN A 23 7.78 0.38 -14.52
C ASN A 23 6.68 0.77 -15.50
N ILE A 24 6.12 1.97 -15.30
CA ILE A 24 5.05 2.45 -16.17
C ILE A 24 5.21 3.94 -16.44
N ASN A 25 4.65 4.40 -17.56
CA ASN A 25 4.74 5.80 -17.94
C ASN A 25 3.35 6.43 -17.96
N THR A 26 3.30 7.77 -18.02
CA THR A 26 2.04 8.49 -18.05
C THR A 26 1.31 8.39 -16.71
N THR A 27 2.04 8.68 -15.63
CA THR A 27 1.46 8.62 -14.29
C THR A 27 0.46 7.48 -14.17
N VAL A 28 0.98 6.27 -13.95
CA VAL A 28 0.13 5.09 -13.81
C VAL A 28 0.28 4.46 -12.43
N SER A 29 -0.82 3.95 -11.90
CA SER A 29 -0.81 3.33 -10.59
C SER A 29 -0.48 1.84 -10.70
N LYS A 30 0.29 1.34 -9.72
CA LYS A 30 0.67 -0.07 -9.71
C LYS A 30 -0.24 -0.88 -8.80
N GLN A 31 -0.63 -2.07 -9.24
CA GLN A 31 -1.50 -2.93 -8.46
C GLN A 31 -0.73 -4.13 -7.92
N PHE A 32 -1.02 -4.49 -6.67
CA PHE A 32 -0.35 -5.62 -6.02
C PHE A 32 -1.36 -6.49 -5.28
N PHE A 33 -0.85 -7.47 -4.53
CA PHE A 33 -1.70 -8.37 -3.77
C PHE A 33 -1.46 -8.21 -2.27
N ALA A 34 -2.55 -8.24 -1.51
CA ALA A 34 -2.47 -8.10 -0.06
C ALA A 34 -3.47 -9.00 0.64
N VAL A 35 -2.97 -9.93 1.45
CA VAL A 35 -3.82 -10.86 2.18
C VAL A 35 -3.46 -10.89 3.66
N GLY A 36 -4.41 -10.48 4.50
CA GLY A 36 -4.18 -10.46 5.93
C GLY A 36 -4.83 -11.63 6.64
N THR A 37 -4.08 -12.28 7.53
CA THR A 37 -4.60 -13.42 8.26
C THR A 37 -4.70 -13.12 9.76
N TYR A 38 -5.89 -13.27 10.32
CA TYR A 38 -6.13 -13.01 11.73
C TYR A 38 -5.57 -14.14 12.59
N SER A 39 -5.06 -13.78 13.76
CA SER A 39 -4.49 -14.75 14.69
C SER A 39 -5.54 -15.79 15.08
N ASP A 40 -6.81 -15.44 14.92
CA ASP A 40 -7.90 -16.35 15.25
C ASP A 40 -7.96 -17.52 14.28
N GLY A 41 -7.20 -17.43 13.20
CA GLY A 41 -7.17 -18.49 12.22
C GLY A 41 -8.04 -18.18 11.01
N THR A 42 -7.92 -16.96 10.50
CA THR A 42 -8.70 -16.55 9.34
C THR A 42 -7.81 -15.91 8.28
N LYS A 43 -8.36 -15.74 7.08
CA LYS A 43 -7.62 -15.14 5.97
C LYS A 43 -8.56 -14.38 5.04
N ALA A 44 -8.20 -13.12 4.76
CA ALA A 44 -9.00 -12.29 3.87
C ALA A 44 -8.16 -11.20 3.23
N ASP A 45 -8.44 -10.90 1.97
CA ASP A 45 -7.71 -9.87 1.24
C ASP A 45 -8.09 -8.49 1.74
N LEU A 46 -7.48 -8.06 2.83
CA LEU A 46 -7.75 -6.75 3.41
C LEU A 46 -6.53 -5.84 3.31
N THR A 47 -6.72 -4.68 2.69
CA THR A 47 -5.64 -3.72 2.53
C THR A 47 -6.05 -2.33 2.98
N SER A 48 -7.29 -1.97 2.68
CA SER A 48 -7.82 -0.65 3.07
C SER A 48 -7.78 -0.49 4.59
N SER A 49 -7.65 -1.59 5.30
CA SER A 49 -7.60 -1.56 6.76
C SER A 49 -6.22 -1.16 7.25
N VAL A 50 -5.24 -1.23 6.36
CA VAL A 50 -3.87 -0.87 6.69
C VAL A 50 -3.60 0.60 6.42
N THR A 51 -2.41 1.06 6.80
CA THR A 51 -2.03 2.46 6.60
C THR A 51 -0.97 2.58 5.51
N TRP A 52 -1.13 3.58 4.64
CA TRP A 52 -0.19 3.80 3.55
C TRP A 52 0.68 5.03 3.84
N SER A 53 1.97 4.92 3.54
CA SER A 53 2.91 6.01 3.76
C SER A 53 4.03 5.99 2.73
N SER A 54 4.05 7.00 1.87
CA SER A 54 5.07 7.09 0.83
C SER A 54 5.88 8.37 0.98
N SER A 55 7.11 8.35 0.48
CA SER A 55 7.98 9.51 0.55
C SER A 55 7.30 10.75 0.01
N ASN A 56 7.17 10.83 -1.31
CA ASN A 56 6.52 11.96 -1.95
C ASN A 56 5.09 12.12 -1.48
N GLN A 57 4.75 13.32 -1.02
CA GLN A 57 3.40 13.60 -0.53
C GLN A 57 2.40 13.63 -1.68
N SER A 58 2.88 13.98 -2.87
CA SER A 58 2.03 14.06 -4.05
C SER A 58 1.78 12.67 -4.63
N GLN A 59 2.85 11.87 -4.71
CA GLN A 59 2.74 10.52 -5.25
C GLN A 59 2.21 9.55 -4.20
N ALA A 60 2.06 10.04 -2.98
CA ALA A 60 1.55 9.22 -1.88
C ALA A 60 0.04 9.05 -1.98
N LYS A 61 -0.41 8.46 -3.08
CA LYS A 61 -1.83 8.23 -3.29
C LYS A 61 -2.14 6.74 -3.42
N VAL A 62 -3.24 6.31 -2.81
CA VAL A 62 -3.65 4.91 -2.85
C VAL A 62 -5.14 4.78 -3.11
N SER A 63 -5.52 3.69 -3.78
CA SER A 63 -6.93 3.44 -4.08
C SER A 63 -7.50 2.37 -3.17
N ASN A 64 -7.48 2.63 -1.87
CA ASN A 64 -8.00 1.67 -0.89
C ASN A 64 -9.51 1.78 -0.77
N ALA A 65 -10.22 1.20 -1.73
CA ALA A 65 -11.67 1.23 -1.75
C ALA A 65 -12.26 -0.17 -1.58
N SER A 66 -11.84 -1.09 -2.45
CA SER A 66 -12.32 -2.47 -2.39
C SER A 66 -11.71 -3.21 -1.21
N GLU A 67 -10.68 -2.62 -0.61
CA GLU A 67 -10.01 -3.22 0.53
C GLU A 67 -9.24 -4.47 0.11
N THR A 68 -9.15 -4.69 -1.20
CA THR A 68 -8.44 -5.85 -1.73
C THR A 68 -7.48 -5.44 -2.84
N LYS A 69 -7.43 -4.14 -3.13
CA LYS A 69 -6.55 -3.62 -4.16
C LYS A 69 -5.23 -3.13 -3.56
N GLY A 70 -5.25 -1.92 -3.01
CA GLY A 70 -4.06 -1.35 -2.41
C GLY A 70 -3.20 -0.62 -3.41
N LEU A 71 -3.59 -0.67 -4.68
CA LEU A 71 -2.84 0.00 -5.75
C LEU A 71 -2.39 1.38 -5.30
N VAL A 72 -1.30 1.86 -5.89
CA VAL A 72 -0.76 3.17 -5.57
C VAL A 72 -0.46 3.97 -6.82
N THR A 73 -0.98 5.21 -6.87
CA THR A 73 -0.77 6.08 -8.02
C THR A 73 0.20 7.19 -7.69
N GLY A 74 0.91 7.67 -8.71
CA GLY A 74 1.88 8.74 -8.51
C GLY A 74 1.53 9.98 -9.30
N ILE A 75 1.99 11.13 -8.83
CA ILE A 75 1.73 12.40 -9.51
C ILE A 75 2.93 12.85 -10.32
N ALA A 76 4.12 12.75 -9.72
CA ALA A 76 5.36 13.14 -10.39
C ALA A 76 6.22 11.93 -10.70
N SER A 77 7.29 12.14 -11.46
CA SER A 77 8.19 11.06 -11.84
C SER A 77 9.02 10.61 -10.64
N GLY A 78 9.94 9.67 -10.89
CA GLY A 78 10.79 9.16 -9.82
C GLY A 78 10.36 7.79 -9.35
N ASN A 79 11.13 7.22 -8.43
CA ASN A 79 10.82 5.90 -7.89
C ASN A 79 10.45 5.98 -6.42
N PRO A 80 9.23 6.47 -6.14
CA PRO A 80 8.71 6.62 -4.78
C PRO A 80 8.43 5.27 -4.12
N THR A 81 8.99 5.07 -2.94
CA THR A 81 8.79 3.82 -2.20
C THR A 81 7.55 3.89 -1.32
N ILE A 82 6.65 2.93 -1.51
CA ILE A 82 5.42 2.88 -0.72
C ILE A 82 5.54 1.87 0.41
N ILE A 83 5.25 2.33 1.63
CA ILE A 83 5.31 1.46 2.80
C ILE A 83 3.93 1.32 3.44
N ALA A 84 3.56 0.07 3.74
CA ALA A 84 2.27 -0.20 4.36
C ALA A 84 2.45 -0.77 5.77
N THR A 85 1.82 -0.12 6.75
CA THR A 85 1.91 -0.56 8.13
C THR A 85 0.59 -1.15 8.61
N TYR A 86 0.65 -2.38 9.11
CA TYR A 86 -0.54 -3.06 9.60
C TYR A 86 -0.17 -4.12 10.64
N GLY A 87 -0.47 -3.82 11.90
CA GLY A 87 -0.17 -4.75 12.98
C GLY A 87 1.32 -4.95 13.17
N SER A 88 1.76 -6.20 13.12
CA SER A 88 3.17 -6.53 13.29
C SER A 88 3.82 -6.84 11.95
N VAL A 89 3.06 -6.66 10.88
CA VAL A 89 3.57 -6.92 9.54
C VAL A 89 3.40 -5.70 8.64
N SER A 90 4.36 -5.50 7.74
CA SER A 90 4.31 -4.36 6.82
C SER A 90 4.70 -4.78 5.41
N GLY A 91 4.25 -4.03 4.42
CA GLY A 91 4.56 -4.35 3.04
C GLY A 91 5.31 -3.22 2.34
N ASN A 92 5.76 -3.48 1.12
CA ASN A 92 6.50 -2.49 0.35
C ASN A 92 6.19 -2.62 -1.13
N THR A 93 5.95 -1.48 -1.78
CA THR A 93 5.64 -1.47 -3.21
C THR A 93 6.39 -0.35 -3.92
N ILE A 94 7.16 -0.72 -4.93
CA ILE A 94 7.93 0.26 -5.70
C ILE A 94 7.36 0.42 -7.11
N LEU A 95 7.19 1.67 -7.53
CA LEU A 95 6.66 1.97 -8.85
C LEU A 95 7.51 3.01 -9.57
N THR A 96 7.90 2.70 -10.80
CA THR A 96 8.73 3.60 -11.59
C THR A 96 7.87 4.47 -12.51
N VAL A 97 7.79 5.76 -12.19
CA VAL A 97 7.01 6.69 -12.99
C VAL A 97 7.90 7.75 -13.65
N ASN A 98 7.75 7.90 -14.96
CA ASN A 98 8.53 8.87 -15.71
C ASN A 98 7.67 10.02 -16.21
N LYS A 99 7.06 10.75 -15.28
CA LYS A 99 6.20 11.87 -15.63
C LYS A 99 7.01 12.99 -16.28
N THR A 100 6.98 13.04 -17.60
CA THR A 100 7.70 14.07 -18.33
C THR A 100 7.35 15.47 -17.83
N ASP A 101 6.09 15.67 -17.50
CA ASP A 101 5.62 16.96 -17.00
C ASP A 101 5.88 17.08 -15.50
N THR A 102 6.47 18.21 -15.10
CA THR A 102 6.77 18.44 -13.70
C THR A 102 5.76 19.40 -13.06
N GLU A 1 -22.05 5.81 28.88
CA GLU A 1 -20.75 6.45 28.69
C GLU A 1 -19.71 5.43 28.23
N ASN A 2 -19.28 5.54 26.98
CA ASN A 2 -18.29 4.64 26.43
C ASN A 2 -17.62 5.24 25.19
N ILE A 3 -16.91 6.34 25.39
CA ILE A 3 -16.22 7.01 24.30
C ILE A 3 -14.71 6.96 24.48
N ASP A 4 -14.14 5.77 24.36
CA ASP A 4 -12.69 5.59 24.51
C ASP A 4 -12.31 4.14 24.31
N ILE A 5 -13.05 3.23 24.95
CA ILE A 5 -12.78 1.80 24.82
C ILE A 5 -13.16 1.28 23.44
N THR A 6 -12.22 1.38 22.51
CA THR A 6 -12.45 0.92 21.14
C THR A 6 -11.16 0.39 20.51
N VAL A 7 -10.75 -0.80 20.95
CA VAL A 7 -9.53 -1.42 20.43
C VAL A 7 -9.85 -2.72 19.72
N SER A 8 -10.94 -3.36 20.12
CA SER A 8 -11.35 -4.64 19.52
C SER A 8 -10.24 -5.68 19.64
N ALA A 9 -9.41 -5.53 20.67
CA ALA A 9 -8.32 -6.46 20.90
C ALA A 9 -7.40 -6.55 19.67
N ALA A 10 -6.39 -7.41 19.76
CA ALA A 10 -5.45 -7.58 18.67
C ALA A 10 -6.14 -8.13 17.42
N THR A 11 -6.53 -7.23 16.52
CA THR A 11 -7.21 -7.61 15.30
C THR A 11 -6.25 -8.30 14.33
N LEU A 12 -5.36 -7.52 13.73
CA LEU A 12 -4.40 -8.05 12.78
C LEU A 12 -3.27 -8.80 13.51
N SER A 13 -2.92 -9.97 13.00
CA SER A 13 -1.87 -10.79 13.60
C SER A 13 -0.65 -10.84 12.69
N SER A 14 -0.88 -11.08 11.40
CA SER A 14 0.20 -11.17 10.43
C SER A 14 -0.27 -10.73 9.05
N ILE A 15 0.64 -10.17 8.27
CA ILE A 15 0.32 -9.71 6.92
C ILE A 15 1.42 -10.09 5.93
N SER A 16 1.04 -10.31 4.69
CA SER A 16 1.99 -10.67 3.64
C SER A 16 1.85 -9.76 2.43
N ILE A 17 2.98 -9.33 1.88
CA ILE A 17 2.98 -8.44 0.71
C ILE A 17 3.71 -9.09 -0.46
N SER A 18 3.19 -8.89 -1.67
CA SER A 18 3.79 -9.45 -2.87
C SER A 18 3.94 -8.38 -3.95
N PRO A 19 4.87 -7.44 -3.72
CA PRO A 19 5.14 -6.35 -4.67
C PRO A 19 5.80 -6.84 -5.95
N ILE A 20 5.83 -5.98 -6.96
CA ILE A 20 6.44 -6.33 -8.24
C ILE A 20 7.29 -5.20 -8.78
N ASN A 21 8.57 -5.47 -8.98
CA ASN A 21 9.50 -4.46 -9.49
C ASN A 21 9.22 -4.15 -10.95
N THR A 22 8.48 -3.08 -11.19
CA THR A 22 8.14 -2.67 -12.55
C THR A 22 8.41 -1.18 -12.77
N ASN A 23 8.55 -0.80 -14.03
CA ASN A 23 8.81 0.60 -14.37
C ASN A 23 7.64 1.20 -15.11
N ILE A 24 7.35 2.48 -14.82
CA ILE A 24 6.25 3.18 -15.47
C ILE A 24 6.76 4.32 -16.33
N ASN A 25 6.11 4.52 -17.48
CA ASN A 25 6.49 5.59 -18.40
C ASN A 25 5.27 6.22 -19.05
N THR A 26 5.36 7.53 -19.30
CA THR A 26 4.25 8.25 -19.91
C THR A 26 3.06 8.35 -18.96
N THR A 27 3.34 8.29 -17.67
CA THR A 27 2.28 8.38 -16.66
C THR A 27 1.36 7.16 -16.72
N VAL A 28 1.58 6.21 -15.82
CA VAL A 28 0.77 5.00 -15.77
C VAL A 28 0.55 4.54 -14.33
N SER A 29 -0.47 3.71 -14.13
CA SER A 29 -0.77 3.19 -12.80
C SER A 29 -0.29 1.75 -12.65
N LYS A 30 0.40 1.48 -11.55
CA LYS A 30 0.91 0.15 -11.28
C LYS A 30 0.03 -0.60 -10.28
N GLN A 31 -0.21 -1.87 -10.55
CA GLN A 31 -1.04 -2.69 -9.67
C GLN A 31 -0.23 -3.82 -9.05
N PHE A 32 -0.08 -3.78 -7.73
CA PHE A 32 0.68 -4.80 -7.01
C PHE A 32 -0.25 -5.78 -6.31
N PHE A 33 0.33 -6.69 -5.55
CA PHE A 33 -0.45 -7.69 -4.83
C PHE A 33 -0.30 -7.51 -3.31
N ALA A 34 -1.42 -7.64 -2.60
CA ALA A 34 -1.41 -7.49 -1.15
C ALA A 34 -2.35 -8.50 -0.49
N VAL A 35 -1.85 -9.21 0.51
CA VAL A 35 -2.65 -10.20 1.23
C VAL A 35 -2.57 -9.99 2.74
N GLY A 36 -3.70 -10.12 3.41
CA GLY A 36 -3.74 -9.94 4.85
C GLY A 36 -4.45 -11.08 5.55
N THR A 37 -3.88 -11.53 6.67
CA THR A 37 -4.47 -12.62 7.44
C THR A 37 -4.94 -12.14 8.80
N TYR A 38 -6.25 -12.27 9.05
CA TYR A 38 -6.82 -11.84 10.31
C TYR A 38 -6.54 -12.86 11.42
N SER A 39 -6.39 -12.37 12.64
CA SER A 39 -6.12 -13.24 13.78
C SER A 39 -7.25 -14.24 13.99
N ASP A 40 -8.43 -13.91 13.46
CA ASP A 40 -9.59 -14.77 13.58
C ASP A 40 -9.42 -16.04 12.76
N GLY A 41 -8.40 -16.05 11.90
CA GLY A 41 -8.15 -17.20 11.06
C GLY A 41 -8.73 -17.05 9.67
N THR A 42 -8.52 -15.88 9.07
CA THR A 42 -9.04 -15.60 7.74
C THR A 42 -7.95 -15.02 6.84
N LYS A 43 -8.22 -14.96 5.54
CA LYS A 43 -7.28 -14.43 4.58
C LYS A 43 -8.00 -13.71 3.44
N ALA A 44 -7.59 -12.47 3.18
CA ALA A 44 -8.20 -11.68 2.12
C ALA A 44 -7.25 -10.58 1.65
N ASP A 45 -7.30 -10.27 0.36
CA ASP A 45 -6.46 -9.24 -0.22
C ASP A 45 -6.84 -7.85 0.30
N LEU A 46 -6.01 -7.30 1.18
CA LEU A 46 -6.27 -5.99 1.75
C LEU A 46 -5.24 -4.97 1.27
N THR A 47 -5.72 -3.90 0.65
CA THR A 47 -4.85 -2.85 0.15
C THR A 47 -5.22 -1.49 0.74
N SER A 48 -6.52 -1.27 0.92
CA SER A 48 -7.00 0.00 1.47
C SER A 48 -6.85 0.02 2.98
N SER A 49 -6.85 -1.16 3.60
CA SER A 49 -6.72 -1.26 5.04
C SER A 49 -5.33 -0.80 5.49
N VAL A 50 -4.30 -1.23 4.77
CA VAL A 50 -2.94 -0.86 5.09
C VAL A 50 -2.65 0.59 4.72
N THR A 51 -1.81 1.25 5.51
CA THR A 51 -1.46 2.64 5.27
C THR A 51 -0.32 2.75 4.26
N TRP A 52 -0.44 3.69 3.33
CA TRP A 52 0.58 3.90 2.31
C TRP A 52 1.35 5.19 2.57
N SER A 53 2.67 5.12 2.51
CA SER A 53 3.51 6.28 2.74
C SER A 53 4.76 6.23 1.85
N SER A 54 4.83 7.12 0.88
CA SER A 54 5.97 7.18 -0.03
C SER A 54 6.74 8.49 0.14
N SER A 55 8.02 8.45 -0.20
CA SER A 55 8.88 9.63 -0.08
C SER A 55 8.24 10.83 -0.78
N ASN A 56 8.27 10.82 -2.11
CA ASN A 56 7.70 11.92 -2.89
C ASN A 56 6.19 11.95 -2.75
N GLN A 57 5.67 13.02 -2.14
CA GLN A 57 4.24 13.17 -1.96
C GLN A 57 3.53 13.46 -3.27
N SER A 58 4.32 13.74 -4.31
CA SER A 58 3.77 14.05 -5.63
C SER A 58 3.41 12.76 -6.36
N GLN A 59 4.25 11.74 -6.22
CA GLN A 59 4.02 10.46 -6.87
C GLN A 59 3.40 9.46 -5.90
N ALA A 60 3.28 9.87 -4.64
CA ALA A 60 2.71 9.01 -3.61
C ALA A 60 1.18 9.02 -3.67
N LYS A 61 0.63 8.49 -4.77
CA LYS A 61 -0.81 8.44 -4.95
C LYS A 61 -1.31 7.00 -5.06
N VAL A 62 -2.42 6.72 -4.41
CA VAL A 62 -3.00 5.37 -4.44
C VAL A 62 -4.49 5.42 -4.73
N SER A 63 -5.01 4.33 -5.29
CA SER A 63 -6.43 4.25 -5.62
C SER A 63 -7.15 3.25 -4.72
N ASN A 64 -6.80 3.26 -3.44
CA ASN A 64 -7.40 2.35 -2.48
C ASN A 64 -8.91 2.54 -2.43
N ALA A 65 -9.63 1.66 -3.12
CA ALA A 65 -11.09 1.71 -3.17
C ALA A 65 -11.70 0.36 -2.86
N SER A 66 -11.42 -0.62 -3.71
CA SER A 66 -11.95 -1.97 -3.54
C SER A 66 -11.26 -2.68 -2.38
N GLU A 67 -10.21 -2.06 -1.87
CA GLU A 67 -9.45 -2.64 -0.75
C GLU A 67 -8.71 -3.89 -1.19
N THR A 68 -8.67 -4.12 -2.50
CA THR A 68 -7.99 -5.28 -3.05
C THR A 68 -7.06 -4.90 -4.19
N LYS A 69 -7.01 -3.61 -4.48
CA LYS A 69 -6.15 -3.09 -5.55
C LYS A 69 -4.85 -2.51 -4.98
N GLY A 70 -4.93 -1.29 -4.47
CA GLY A 70 -3.76 -0.65 -3.91
C GLY A 70 -2.91 0.04 -4.96
N LEU A 71 -3.30 -0.10 -6.22
CA LEU A 71 -2.56 0.50 -7.32
C LEU A 71 -2.11 1.91 -6.97
N VAL A 72 -1.02 2.35 -7.56
CA VAL A 72 -0.49 3.70 -7.31
C VAL A 72 -0.04 4.36 -8.61
N THR A 73 -0.02 5.69 -8.60
CA THR A 73 0.40 6.45 -9.78
C THR A 73 1.40 7.53 -9.41
N GLY A 74 2.27 7.88 -10.36
CA GLY A 74 3.27 8.90 -10.12
C GLY A 74 3.06 10.13 -10.97
N ILE A 75 3.53 11.27 -10.48
CA ILE A 75 3.39 12.53 -11.21
C ILE A 75 4.71 12.94 -11.85
N ALA A 76 5.79 12.84 -11.08
CA ALA A 76 7.11 13.20 -11.57
C ALA A 76 8.00 11.97 -11.69
N SER A 77 9.21 12.17 -12.21
CA SER A 77 10.16 11.07 -12.38
C SER A 77 10.87 10.76 -11.07
N GLY A 78 11.56 9.61 -11.02
CA GLY A 78 12.27 9.23 -9.83
C GLY A 78 11.90 7.84 -9.36
N ASN A 79 12.61 7.35 -8.34
CA ASN A 79 12.35 6.02 -7.79
C ASN A 79 11.90 6.10 -6.34
N PRO A 80 10.69 6.66 -6.12
CA PRO A 80 10.13 6.80 -4.78
C PRO A 80 9.73 5.47 -4.16
N THR A 81 10.38 5.12 -3.05
CA THR A 81 10.11 3.87 -2.37
C THR A 81 8.80 3.95 -1.58
N ILE A 82 7.90 3.01 -1.86
CA ILE A 82 6.61 2.98 -1.18
C ILE A 82 6.66 2.08 0.06
N ILE A 83 6.24 2.62 1.19
CA ILE A 83 6.25 1.87 2.44
C ILE A 83 4.82 1.64 2.94
N ALA A 84 4.51 0.38 3.28
CA ALA A 84 3.19 0.03 3.77
C ALA A 84 3.24 -0.34 5.25
N THR A 85 2.28 0.16 6.02
CA THR A 85 2.22 -0.12 7.45
C THR A 85 0.86 -0.69 7.84
N TYR A 86 0.86 -1.89 8.41
CA TYR A 86 -0.37 -2.54 8.82
C TYR A 86 -0.12 -3.52 9.95
N GLY A 87 -0.58 -3.17 11.15
CA GLY A 87 -0.39 -4.03 12.30
C GLY A 87 1.06 -4.15 12.71
N SER A 88 1.56 -5.37 12.75
CA SER A 88 2.95 -5.62 13.12
C SER A 88 3.79 -5.99 11.90
N VAL A 89 3.19 -5.88 10.72
CA VAL A 89 3.88 -6.20 9.47
C VAL A 89 3.83 -5.03 8.51
N SER A 90 4.91 -4.83 7.76
CA SER A 90 4.99 -3.75 6.79
C SER A 90 5.42 -4.26 5.42
N GLY A 91 5.05 -3.53 4.37
CA GLY A 91 5.40 -3.94 3.02
C GLY A 91 6.22 -2.90 2.30
N ASN A 92 6.64 -3.20 1.08
CA ASN A 92 7.44 -2.29 0.28
C ASN A 92 7.12 -2.43 -1.20
N THR A 93 7.16 -1.31 -1.92
CA THR A 93 6.89 -1.31 -3.35
C THR A 93 7.90 -0.46 -4.11
N ILE A 94 8.45 -1.03 -5.18
CA ILE A 94 9.43 -0.33 -6.00
C ILE A 94 8.82 0.12 -7.33
N LEU A 95 8.84 1.42 -7.59
CA LEU A 95 8.30 1.96 -8.82
C LEU A 95 9.27 2.95 -9.45
N THR A 96 9.59 2.73 -10.73
CA THR A 96 10.50 3.60 -11.45
C THR A 96 9.79 4.38 -12.53
N VAL A 97 9.65 5.69 -12.34
CA VAL A 97 8.98 6.55 -13.31
C VAL A 97 9.95 7.54 -13.93
N ASN A 98 9.97 7.59 -15.26
CA ASN A 98 10.86 8.51 -15.97
C ASN A 98 10.06 9.56 -16.72
N LYS A 99 9.40 10.44 -15.97
CA LYS A 99 8.60 11.51 -16.56
C LYS A 99 9.48 12.50 -17.30
N THR A 100 9.46 12.43 -18.63
CA THR A 100 10.26 13.32 -19.45
C THR A 100 10.03 14.78 -19.07
N ASP A 101 8.78 15.12 -18.76
CA ASP A 101 8.43 16.47 -18.37
C ASP A 101 8.90 16.77 -16.96
N THR A 102 9.46 17.97 -16.76
CA THR A 102 9.94 18.37 -15.45
C THR A 102 9.58 19.82 -15.15
N GLU A 1 -9.19 17.84 4.29
CA GLU A 1 -8.28 16.72 4.51
C GLU A 1 -9.03 15.48 4.98
N ASN A 2 -9.91 15.66 5.96
CA ASN A 2 -10.68 14.55 6.50
C ASN A 2 -9.79 13.47 7.09
N ILE A 3 -10.39 12.45 7.67
CA ILE A 3 -9.64 11.35 8.26
C ILE A 3 -9.70 10.10 7.39
N ASP A 4 -8.61 9.34 7.37
CA ASP A 4 -8.53 8.13 6.57
C ASP A 4 -9.42 7.05 7.16
N ILE A 5 -9.77 7.19 8.44
CA ILE A 5 -10.62 6.22 9.11
C ILE A 5 -9.94 4.86 9.23
N THR A 6 -10.35 4.08 10.21
CA THR A 6 -9.78 2.76 10.43
C THR A 6 -10.70 1.88 11.26
N VAL A 7 -10.42 0.58 11.29
CA VAL A 7 -11.24 -0.36 12.05
C VAL A 7 -10.41 -1.08 13.10
N SER A 8 -11.05 -1.95 13.86
CA SER A 8 -10.37 -2.70 14.92
C SER A 8 -9.44 -3.76 14.31
N ALA A 9 -8.23 -3.84 14.83
CA ALA A 9 -7.25 -4.80 14.35
C ALA A 9 -6.05 -4.90 15.30
N ALA A 10 -5.74 -6.12 15.72
CA ALA A 10 -4.63 -6.34 16.62
C ALA A 10 -4.25 -7.82 16.68
N THR A 11 -3.39 -8.18 17.63
CA THR A 11 -2.95 -9.56 17.79
C THR A 11 -2.24 -10.05 16.54
N LEU A 12 -1.68 -9.12 15.77
CA LEU A 12 -0.96 -9.47 14.54
C LEU A 12 0.39 -10.11 14.87
N SER A 13 0.60 -11.31 14.34
CA SER A 13 1.85 -12.04 14.58
C SER A 13 2.67 -12.13 13.29
N SER A 14 2.00 -12.48 12.19
CA SER A 14 2.67 -12.62 10.91
C SER A 14 1.80 -12.04 9.79
N ILE A 15 2.44 -11.53 8.75
CA ILE A 15 1.73 -10.96 7.61
C ILE A 15 2.28 -11.50 6.29
N SER A 16 1.41 -11.55 5.29
CA SER A 16 1.80 -12.06 3.97
C SER A 16 1.51 -11.03 2.89
N ILE A 17 2.57 -10.52 2.26
CA ILE A 17 2.44 -9.52 1.21
C ILE A 17 2.91 -10.08 -0.13
N SER A 18 2.20 -9.71 -1.19
CA SER A 18 2.55 -10.17 -2.53
C SER A 18 2.58 -9.00 -3.52
N PRO A 19 3.60 -8.14 -3.38
CA PRO A 19 3.76 -6.97 -4.25
C PRO A 19 4.15 -7.35 -5.68
N ILE A 20 3.92 -6.44 -6.61
CA ILE A 20 4.25 -6.68 -8.01
C ILE A 20 4.92 -5.47 -8.65
N ASN A 21 6.11 -5.67 -9.19
CA ASN A 21 6.85 -4.59 -9.83
C ASN A 21 6.34 -4.33 -11.25
N THR A 22 5.64 -3.22 -11.43
CA THR A 22 5.09 -2.87 -12.73
C THR A 22 5.41 -1.42 -13.08
N ASN A 23 5.37 -1.11 -14.37
CA ASN A 23 5.65 0.25 -14.84
C ASN A 23 4.37 0.98 -15.20
N ILE A 24 4.28 2.25 -14.81
CA ILE A 24 3.11 3.06 -15.09
C ILE A 24 3.50 4.49 -15.46
N ASN A 25 2.64 5.15 -16.22
CA ASN A 25 2.89 6.52 -16.65
C ASN A 25 1.58 7.27 -16.87
N THR A 26 1.68 8.60 -16.93
CA THR A 26 0.50 9.43 -17.13
C THR A 26 -0.45 9.37 -15.93
N THR A 27 0.13 9.26 -14.74
CA THR A 27 -0.66 9.18 -13.51
C THR A 27 -1.51 7.92 -13.48
N VAL A 28 -1.06 6.93 -12.73
CA VAL A 28 -1.78 5.66 -12.62
C VAL A 28 -1.63 5.07 -11.22
N SER A 29 -2.58 4.21 -10.85
CA SER A 29 -2.55 3.57 -9.54
C SER A 29 -2.23 2.09 -9.67
N LYS A 30 -1.32 1.61 -8.80
CA LYS A 30 -0.92 0.21 -8.82
C LYS A 30 -1.68 -0.58 -7.76
N GLN A 31 -2.20 -1.74 -8.14
CA GLN A 31 -2.94 -2.59 -7.23
C GLN A 31 -2.12 -3.80 -6.83
N PHE A 32 -1.80 -3.90 -5.54
CA PHE A 32 -1.02 -5.01 -5.02
C PHE A 32 -1.87 -5.93 -4.15
N PHE A 33 -1.24 -6.90 -3.51
CA PHE A 33 -1.94 -7.85 -2.66
C PHE A 33 -1.47 -7.72 -1.21
N ALA A 34 -2.42 -7.78 -0.28
CA ALA A 34 -2.10 -7.67 1.14
C ALA A 34 -2.96 -8.63 1.97
N VAL A 35 -2.30 -9.49 2.73
CA VAL A 35 -3.00 -10.46 3.57
C VAL A 35 -2.49 -10.41 5.01
N GLY A 36 -3.42 -10.48 5.96
CA GLY A 36 -3.04 -10.45 7.36
C GLY A 36 -3.34 -11.76 8.08
N THR A 37 -2.38 -12.23 8.86
CA THR A 37 -2.54 -13.48 9.59
C THR A 37 -2.57 -13.22 11.10
N TYR A 38 -3.71 -13.50 11.71
CA TYR A 38 -3.87 -13.30 13.16
C TYR A 38 -3.19 -14.41 13.93
N SER A 39 -2.68 -14.07 15.12
CA SER A 39 -1.99 -15.05 15.96
C SER A 39 -2.94 -16.18 16.37
N ASP A 40 -4.24 -15.93 16.23
CA ASP A 40 -5.24 -16.92 16.58
C ASP A 40 -5.22 -18.10 15.60
N GLY A 41 -4.49 -17.92 14.50
CA GLY A 41 -4.41 -18.96 13.49
C GLY A 41 -5.37 -18.75 12.35
N THR A 42 -5.51 -17.50 11.91
CA THR A 42 -6.40 -17.17 10.81
C THR A 42 -5.70 -16.31 9.77
N LYS A 43 -6.33 -16.20 8.59
CA LYS A 43 -5.77 -15.40 7.51
C LYS A 43 -6.87 -14.77 6.66
N ALA A 44 -6.77 -13.47 6.44
CA ALA A 44 -7.76 -12.76 5.64
C ALA A 44 -7.14 -11.55 4.94
N ASP A 45 -7.50 -11.35 3.68
CA ASP A 45 -6.98 -10.24 2.91
C ASP A 45 -7.32 -8.90 3.56
N LEU A 46 -6.37 -8.33 4.30
CA LEU A 46 -6.59 -7.06 4.98
C LEU A 46 -5.50 -6.06 4.59
N THR A 47 -5.93 -4.91 4.10
CA THR A 47 -5.00 -3.85 3.69
C THR A 47 -5.24 -2.57 4.48
N SER A 48 -6.50 -2.34 4.85
CA SER A 48 -6.86 -1.15 5.60
C SER A 48 -6.08 -1.07 6.91
N SER A 49 -5.67 -2.22 7.41
CA SER A 49 -4.91 -2.28 8.65
C SER A 49 -3.44 -1.92 8.42
N VAL A 50 -3.02 -1.95 7.17
CA VAL A 50 -1.65 -1.64 6.80
C VAL A 50 -1.51 -0.17 6.43
N THR A 51 -0.31 0.38 6.67
CA THR A 51 -0.05 1.77 6.36
C THR A 51 0.85 1.91 5.12
N TRP A 52 0.51 2.85 4.26
CA TRP A 52 1.27 3.08 3.04
C TRP A 52 2.05 4.39 3.12
N SER A 53 3.32 4.36 2.73
CA SER A 53 4.17 5.54 2.76
C SER A 53 5.03 5.63 1.51
N SER A 54 4.97 6.77 0.83
CA SER A 54 5.74 6.97 -0.38
C SER A 54 6.81 8.05 -0.18
N SER A 55 7.88 7.98 -0.96
CA SER A 55 8.97 8.94 -0.86
C SER A 55 8.44 10.37 -1.02
N ASN A 56 8.13 10.73 -2.27
CA ASN A 56 7.62 12.07 -2.57
C ASN A 56 6.13 12.17 -2.23
N GLN A 57 5.74 13.29 -1.63
CA GLN A 57 4.35 13.51 -1.26
C GLN A 57 3.49 13.75 -2.50
N SER A 58 4.14 13.95 -3.63
CA SER A 58 3.44 14.20 -4.89
C SER A 58 2.65 12.97 -5.32
N GLN A 59 3.27 11.80 -5.23
CA GLN A 59 2.63 10.55 -5.61
C GLN A 59 2.09 9.82 -4.39
N ALA A 60 2.28 10.42 -3.21
CA ALA A 60 1.81 9.84 -1.97
C ALA A 60 0.28 9.80 -1.92
N LYS A 61 -0.30 8.77 -2.54
CA LYS A 61 -1.74 8.61 -2.57
C LYS A 61 -2.13 7.14 -2.46
N VAL A 62 -3.24 6.88 -1.76
CA VAL A 62 -3.71 5.51 -1.58
C VAL A 62 -5.24 5.45 -1.69
N SER A 63 -5.74 4.33 -2.18
CA SER A 63 -7.17 4.13 -2.35
C SER A 63 -7.68 3.05 -1.42
N ASN A 64 -7.27 3.12 -0.15
CA ASN A 64 -7.69 2.15 0.84
C ASN A 64 -9.13 2.41 1.30
N ALA A 65 -9.93 1.35 1.33
CA ALA A 65 -11.32 1.47 1.75
C ALA A 65 -11.98 0.10 1.89
N SER A 66 -11.85 -0.71 0.85
CA SER A 66 -12.43 -2.06 0.85
C SER A 66 -11.67 -2.97 1.79
N GLU A 67 -10.52 -2.50 2.28
CA GLU A 67 -9.69 -3.29 3.19
C GLU A 67 -9.06 -4.47 2.47
N THR A 68 -9.24 -4.51 1.15
CA THR A 68 -8.68 -5.60 0.34
C THR A 68 -7.96 -5.06 -0.88
N LYS A 69 -7.91 -3.73 -1.00
CA LYS A 69 -7.24 -3.08 -2.12
C LYS A 69 -5.83 -2.66 -1.74
N GLY A 70 -5.69 -1.44 -1.21
CA GLY A 70 -4.39 -0.95 -0.82
C GLY A 70 -3.67 -0.27 -1.96
N LEU A 71 -4.26 -0.30 -3.15
CA LEU A 71 -3.66 0.33 -4.33
C LEU A 71 -3.15 1.72 -4.00
N VAL A 72 -2.09 2.12 -4.69
CA VAL A 72 -1.49 3.44 -4.48
C VAL A 72 -1.40 4.22 -5.79
N THR A 73 -1.91 5.44 -5.78
CA THR A 73 -1.88 6.29 -6.96
C THR A 73 -0.84 7.39 -6.84
N GLY A 74 -0.28 7.80 -7.96
CA GLY A 74 0.73 8.85 -7.94
C GLY A 74 0.44 9.95 -8.95
N ILE A 75 1.26 11.00 -8.93
CA ILE A 75 1.08 12.12 -9.85
C ILE A 75 2.25 12.22 -10.82
N ALA A 76 3.46 12.14 -10.29
CA ALA A 76 4.66 12.22 -11.12
C ALA A 76 5.92 11.94 -10.30
N SER A 77 6.90 11.31 -10.92
CA SER A 77 8.15 10.99 -10.25
C SER A 77 9.05 10.14 -11.15
N GLY A 78 10.19 9.72 -10.61
CA GLY A 78 11.12 8.92 -11.37
C GLY A 78 11.28 7.52 -10.80
N ASN A 79 11.80 7.43 -9.57
CA ASN A 79 12.01 6.16 -8.92
C ASN A 79 11.31 6.12 -7.56
N PRO A 80 9.97 6.17 -7.58
CA PRO A 80 9.15 6.15 -6.36
C PRO A 80 9.19 4.79 -5.67
N THR A 81 9.29 4.81 -4.34
CA THR A 81 9.34 3.59 -3.56
C THR A 81 8.16 3.50 -2.60
N ILE A 82 7.40 2.42 -2.69
CA ILE A 82 6.24 2.23 -1.83
C ILE A 82 6.60 1.36 -0.63
N ILE A 83 6.27 1.84 0.56
CA ILE A 83 6.55 1.11 1.79
C ILE A 83 5.26 0.75 2.53
N ALA A 84 5.20 -0.47 3.04
CA ALA A 84 4.02 -0.94 3.77
C ALA A 84 4.40 -1.39 5.17
N THR A 85 3.66 -0.91 6.16
CA THR A 85 3.91 -1.28 7.55
C THR A 85 2.66 -1.83 8.21
N TYR A 86 2.75 -3.05 8.72
CA TYR A 86 1.62 -3.70 9.38
C TYR A 86 2.09 -4.71 10.41
N GLY A 87 1.87 -4.41 11.69
CA GLY A 87 2.29 -5.31 12.75
C GLY A 87 3.80 -5.44 12.84
N SER A 88 4.27 -6.67 12.87
CA SER A 88 5.71 -6.93 12.97
C SER A 88 6.31 -7.23 11.59
N VAL A 89 5.47 -7.12 10.56
CA VAL A 89 5.90 -7.38 9.19
C VAL A 89 5.66 -6.18 8.30
N SER A 90 6.59 -5.92 7.39
CA SER A 90 6.47 -4.80 6.47
C SER A 90 6.88 -5.20 5.06
N GLY A 91 6.25 -4.59 4.06
CA GLY A 91 6.56 -4.89 2.68
C GLY A 91 6.99 -3.67 1.90
N ASN A 92 7.09 -3.82 0.58
CA ASN A 92 7.50 -2.72 -0.29
C ASN A 92 7.28 -3.07 -1.75
N THR A 93 6.86 -2.07 -2.54
CA THR A 93 6.60 -2.28 -3.95
C THR A 93 7.30 -1.21 -4.79
N ILE A 94 7.87 -1.63 -5.92
CA ILE A 94 8.56 -0.71 -6.81
C ILE A 94 7.70 -0.35 -8.02
N LEU A 95 7.68 0.93 -8.38
CA LEU A 95 6.90 1.40 -9.51
C LEU A 95 7.74 2.30 -10.42
N THR A 96 7.63 2.08 -11.72
CA THR A 96 8.38 2.86 -12.69
C THR A 96 7.55 4.02 -13.22
N VAL A 97 7.89 5.23 -12.81
CA VAL A 97 7.18 6.42 -13.24
C VAL A 97 8.08 7.35 -14.06
N ASN A 98 7.61 7.74 -15.23
CA ASN A 98 8.38 8.62 -16.11
C ASN A 98 7.79 10.03 -16.11
N LYS A 99 8.22 10.85 -15.15
CA LYS A 99 7.75 12.21 -15.03
C LYS A 99 8.20 13.05 -16.22
N THR A 100 7.30 13.24 -17.19
CA THR A 100 7.60 14.02 -18.37
C THR A 100 7.02 15.42 -18.28
N ASP A 101 6.82 15.89 -17.06
CA ASP A 101 6.26 17.22 -16.84
C ASP A 101 7.30 18.30 -17.14
N THR A 102 6.85 19.37 -17.78
CA THR A 102 7.73 20.47 -18.14
C THR A 102 8.26 21.17 -16.89
#